data_2LF3
#
_entry.id   2LF3
#
_entity_poly.entity_id   1
_entity_poly.type   'polypeptide(L)'
_entity_poly.pdbx_seq_one_letter_code
;QGSQRPVDRNPPRINLMPTGANRVAMRNRGNNEADAALQALAQNGINMEDLRAALEAYIVWLRPIPLDIANALEGVGITP
RFDNPEEAKVDNPLMNLSSALKRRLDA
;
_entity_poly.pdbx_strand_id   A
#
# COMPACT_ATOMS: atom_id res chain seq x y z
N SER A 3 15.98 -14.19 45.90
CA SER A 3 16.09 -13.35 44.70
C SER A 3 14.75 -13.31 43.94
N GLN A 4 14.48 -12.17 43.27
CA GLN A 4 13.31 -12.01 42.38
C GLN A 4 13.63 -10.95 41.30
N ARG A 5 12.79 -10.92 40.26
CA ARG A 5 12.80 -9.84 39.25
C ARG A 5 11.48 -9.04 39.40
N PRO A 6 11.55 -7.76 39.92
CA PRO A 6 10.37 -6.85 39.99
C PRO A 6 9.68 -6.69 38.61
N VAL A 7 10.46 -6.34 37.57
CA VAL A 7 9.98 -6.40 36.17
C VAL A 7 10.07 -7.86 35.66
N ASP A 8 9.20 -8.23 34.70
CA ASP A 8 9.14 -9.61 34.20
C ASP A 8 8.73 -9.65 32.73
N ARG A 9 7.74 -8.79 32.38
CA ARG A 9 7.11 -8.71 31.04
C ARG A 9 6.10 -9.86 30.80
N ASN A 10 6.54 -11.11 31.03
CA ASN A 10 5.75 -12.33 30.80
C ASN A 10 5.41 -12.47 29.28
N PRO A 11 6.42 -12.83 28.43
CA PRO A 11 6.32 -12.75 26.95
C PRO A 11 5.36 -13.80 26.32
N PRO A 12 4.64 -13.43 25.21
CA PRO A 12 3.83 -14.40 24.43
C PRO A 12 4.72 -15.35 23.59
N ARG A 13 4.55 -16.67 23.82
CA ARG A 13 5.29 -17.72 23.09
C ARG A 13 4.81 -17.80 21.63
N ILE A 14 5.55 -17.15 20.72
CA ILE A 14 5.21 -17.07 19.29
C ILE A 14 5.12 -18.48 18.62
N ASN A 15 4.28 -18.58 17.58
CA ASN A 15 4.08 -19.83 16.82
C ASN A 15 5.14 -19.96 15.71
N LEU A 16 5.00 -21.00 14.88
CA LEU A 16 5.97 -21.32 13.81
C LEU A 16 5.67 -20.49 12.55
N MET A 17 6.71 -20.23 11.75
CA MET A 17 6.62 -19.46 10.50
C MET A 17 6.43 -20.41 9.30
N PRO A 18 5.87 -19.94 8.13
CA PRO A 18 5.66 -20.79 6.93
C PRO A 18 6.99 -21.16 6.23
N THR A 19 6.95 -22.23 5.43
CA THR A 19 8.11 -22.73 4.68
C THR A 19 8.31 -21.93 3.38
N GLY A 20 9.45 -22.15 2.72
CA GLY A 20 9.88 -21.36 1.56
C GLY A 20 10.97 -20.36 1.95
N ALA A 21 10.99 -19.21 1.27
CA ALA A 21 11.96 -18.12 1.52
C ALA A 21 11.39 -16.79 1.00
N ASN A 22 11.68 -15.71 1.76
CA ASN A 22 11.45 -14.28 1.41
C ASN A 22 10.06 -13.95 0.79
N ARG A 23 9.88 -14.31 -0.50
CA ARG A 23 8.69 -13.96 -1.31
C ARG A 23 7.43 -14.68 -0.78
N VAL A 24 7.62 -15.83 -0.11
CA VAL A 24 6.50 -16.61 0.46
C VAL A 24 5.90 -15.91 1.72
N ALA A 25 6.74 -15.12 2.41
CA ALA A 25 6.36 -14.44 3.66
C ALA A 25 5.62 -13.13 3.36
N MET A 26 6.12 -12.36 2.39
CA MET A 26 5.56 -11.05 2.02
C MET A 26 4.40 -11.21 0.99
N ARG A 27 4.64 -12.06 -0.04
CA ARG A 27 3.71 -12.32 -1.16
C ARG A 27 3.35 -11.04 -1.96
N ASN A 28 2.53 -11.20 -3.03
CA ASN A 28 2.09 -10.09 -3.89
C ASN A 28 0.71 -10.39 -4.50
N ARG A 29 -0.36 -10.03 -3.75
CA ARG A 29 -1.77 -10.12 -4.20
C ARG A 29 -2.73 -9.54 -3.13
N GLY A 30 -3.44 -8.46 -3.49
CA GLY A 30 -4.43 -7.85 -2.61
C GLY A 30 -3.83 -7.24 -1.34
N ASN A 31 -4.18 -7.82 -0.18
CA ASN A 31 -3.65 -7.38 1.14
C ASN A 31 -2.15 -7.73 1.25
N ASN A 32 -1.74 -8.83 0.59
CA ASN A 32 -0.33 -9.31 0.60
C ASN A 32 0.59 -8.27 -0.06
N GLU A 33 0.25 -7.85 -1.30
CA GLU A 33 1.05 -6.87 -2.07
C GLU A 33 1.02 -5.52 -1.38
N ALA A 34 -0.15 -5.18 -0.80
CA ALA A 34 -0.40 -3.90 -0.15
C ALA A 34 0.48 -3.72 1.09
N ASP A 35 0.44 -4.74 1.96
CA ASP A 35 1.13 -4.72 3.26
C ASP A 35 2.66 -4.73 3.07
N ALA A 36 3.10 -5.63 2.19
CA ALA A 36 4.52 -5.74 1.78
C ALA A 36 5.03 -4.42 1.17
N ALA A 37 4.16 -3.78 0.37
CA ALA A 37 4.49 -2.51 -0.31
C ALA A 37 4.69 -1.37 0.68
N LEU A 38 3.68 -1.13 1.54
CA LEU A 38 3.68 0.00 2.49
C LEU A 38 4.84 -0.10 3.51
N GLN A 39 5.08 -1.32 4.03
CA GLN A 39 6.18 -1.56 4.99
C GLN A 39 7.55 -1.34 4.31
N ALA A 40 7.63 -1.68 3.00
CA ALA A 40 8.82 -1.44 2.18
C ALA A 40 9.02 0.07 1.93
N LEU A 41 7.92 0.81 1.76
CA LEU A 41 7.93 2.28 1.60
C LEU A 41 8.44 2.95 2.90
N ALA A 42 7.98 2.43 4.04
CA ALA A 42 8.34 2.95 5.39
C ALA A 42 9.85 2.81 5.65
N GLN A 43 10.42 1.64 5.31
CA GLN A 43 11.87 1.38 5.48
C GLN A 43 12.71 2.14 4.41
N ASN A 44 12.10 2.42 3.23
CA ASN A 44 12.73 3.28 2.19
C ASN A 44 12.78 4.75 2.66
N GLY A 45 11.90 5.10 3.61
CA GLY A 45 11.90 6.40 4.27
C GLY A 45 10.63 7.20 4.03
N ILE A 46 9.73 6.68 3.16
CA ILE A 46 8.45 7.36 2.86
C ILE A 46 7.48 7.08 4.01
N ASN A 47 7.10 8.16 4.72
CA ASN A 47 6.20 8.10 5.89
C ASN A 47 4.80 7.58 5.49
N MET A 48 4.21 6.75 6.38
CA MET A 48 2.91 6.07 6.18
C MET A 48 1.80 7.06 5.81
N GLU A 49 1.80 8.20 6.50
CA GLU A 49 0.79 9.24 6.36
C GLU A 49 0.90 9.93 4.98
N ASP A 50 2.14 10.19 4.54
CA ASP A 50 2.43 10.90 3.27
C ASP A 50 2.04 10.06 2.05
N LEU A 51 2.53 8.79 2.01
CA LEU A 51 2.29 7.89 0.84
C LEU A 51 0.80 7.63 0.66
N ARG A 52 0.10 7.37 1.79
CA ARG A 52 -1.33 7.08 1.81
C ARG A 52 -2.11 8.33 1.39
N ALA A 53 -1.68 9.52 1.89
CA ALA A 53 -2.33 10.81 1.55
C ALA A 53 -2.30 11.06 0.03
N ALA A 54 -1.13 10.77 -0.57
CA ALA A 54 -0.88 10.97 -2.01
C ALA A 54 -1.80 10.08 -2.86
N LEU A 55 -1.71 8.76 -2.63
CA LEU A 55 -2.46 7.78 -3.41
C LEU A 55 -3.97 7.90 -3.17
N GLU A 56 -4.40 8.09 -1.90
CA GLU A 56 -5.85 8.17 -1.53
C GLU A 56 -6.49 9.40 -2.19
N ALA A 57 -5.70 10.49 -2.32
CA ALA A 57 -6.14 11.73 -2.96
C ALA A 57 -6.25 11.52 -4.46
N TYR A 58 -5.43 10.60 -5.01
CA TYR A 58 -5.51 10.22 -6.43
C TYR A 58 -6.75 9.30 -6.66
N ILE A 59 -7.14 8.52 -5.62
CA ILE A 59 -8.29 7.59 -5.74
C ILE A 59 -9.62 8.35 -5.62
N VAL A 60 -9.63 9.34 -4.73
CA VAL A 60 -10.82 10.14 -4.42
C VAL A 60 -10.87 11.38 -5.34
N TRP A 61 -9.92 12.30 -5.15
CA TRP A 61 -9.93 13.63 -5.80
C TRP A 61 -9.32 13.59 -7.22
N LEU A 62 -8.63 12.48 -7.55
CA LEU A 62 -7.83 12.32 -8.81
C LEU A 62 -6.61 13.29 -8.83
N ARG A 63 -6.02 13.49 -7.63
CA ARG A 63 -4.82 14.35 -7.40
C ARG A 63 -3.53 13.52 -7.63
N PRO A 64 -2.71 13.85 -8.68
CA PRO A 64 -1.47 13.11 -9.05
C PRO A 64 -0.49 12.92 -7.85
N ILE A 65 0.07 11.71 -7.75
CA ILE A 65 1.01 11.33 -6.69
C ILE A 65 2.38 11.99 -6.95
N PRO A 66 2.93 12.78 -5.96
CA PRO A 66 4.27 13.45 -6.09
C PRO A 66 5.38 12.45 -6.44
N LEU A 67 6.35 12.91 -7.25
CA LEU A 67 7.37 12.06 -7.93
C LEU A 67 8.10 11.13 -6.94
N ASP A 68 8.39 11.67 -5.72
CA ASP A 68 9.07 10.90 -4.64
C ASP A 68 8.29 9.62 -4.28
N ILE A 69 7.02 9.82 -3.90
CA ILE A 69 6.14 8.71 -3.49
C ILE A 69 5.83 7.82 -4.72
N ALA A 70 5.47 8.45 -5.85
CA ALA A 70 5.23 7.78 -7.15
C ALA A 70 6.34 6.76 -7.54
N ASN A 71 7.62 7.20 -7.50
CA ASN A 71 8.76 6.33 -7.89
C ASN A 71 8.99 5.24 -6.83
N ALA A 72 8.71 5.58 -5.56
CA ALA A 72 8.76 4.64 -4.43
C ALA A 72 7.74 3.49 -4.62
N LEU A 73 6.56 3.85 -5.16
CA LEU A 73 5.50 2.87 -5.44
C LEU A 73 5.94 1.94 -6.56
N GLU A 74 6.48 2.52 -7.65
CA GLU A 74 7.04 1.75 -8.79
C GLU A 74 8.19 0.81 -8.35
N GLY A 75 8.86 1.20 -7.26
CA GLY A 75 9.92 0.39 -6.65
C GLY A 75 9.35 -0.82 -5.91
N VAL A 76 8.24 -0.60 -5.16
CA VAL A 76 7.54 -1.68 -4.41
C VAL A 76 6.47 -2.39 -5.27
N GLY A 77 6.43 -2.04 -6.57
CA GLY A 77 5.65 -2.78 -7.58
C GLY A 77 4.24 -2.27 -7.83
N ILE A 78 3.91 -1.12 -7.22
CA ILE A 78 2.60 -0.45 -7.33
C ILE A 78 2.67 0.60 -8.45
N THR A 79 1.61 0.74 -9.24
CA THR A 79 1.57 1.72 -10.32
C THR A 79 0.80 2.99 -9.86
N PRO A 80 1.48 4.18 -9.76
CA PRO A 80 0.86 5.47 -9.36
C PRO A 80 0.12 6.18 -10.52
N ARG A 81 -0.57 5.41 -11.36
CA ARG A 81 -1.33 5.94 -12.51
C ARG A 81 -2.83 5.61 -12.33
N PHE A 82 -3.65 6.28 -13.14
CA PHE A 82 -5.08 6.02 -13.28
C PHE A 82 -5.35 5.80 -14.76
N ASP A 83 -5.33 4.52 -15.15
CA ASP A 83 -5.63 4.06 -16.51
C ASP A 83 -7.06 4.47 -16.92
N ASN A 84 -8.01 4.08 -16.08
CA ASN A 84 -9.41 4.45 -16.19
C ASN A 84 -9.91 4.65 -14.77
N PRO A 85 -10.43 5.86 -14.38
CA PRO A 85 -10.70 6.20 -12.96
C PRO A 85 -11.74 5.24 -12.33
N GLU A 86 -12.66 4.75 -13.17
CA GLU A 86 -13.74 3.82 -12.74
C GLU A 86 -13.14 2.49 -12.28
N GLU A 87 -12.13 2.02 -13.03
CA GLU A 87 -11.44 0.76 -12.75
C GLU A 87 -10.39 0.96 -11.65
N ALA A 88 -9.79 2.15 -11.63
CA ALA A 88 -8.64 2.46 -10.78
C ALA A 88 -9.07 2.97 -9.38
N LYS A 89 -10.36 2.88 -9.08
CA LYS A 89 -10.88 3.12 -7.71
C LYS A 89 -11.10 1.77 -6.97
N VAL A 90 -11.22 0.67 -7.74
CA VAL A 90 -11.66 -0.65 -7.22
C VAL A 90 -10.60 -1.75 -7.42
N ASP A 91 -10.00 -1.77 -8.60
CA ASP A 91 -9.05 -2.82 -9.06
C ASP A 91 -7.60 -2.40 -8.83
N ASN A 92 -7.39 -1.11 -8.57
CA ASN A 92 -6.06 -0.47 -8.50
C ASN A 92 -5.24 -1.03 -7.33
N PRO A 93 -3.92 -1.32 -7.51
CA PRO A 93 -3.02 -1.70 -6.39
C PRO A 93 -2.95 -0.57 -5.32
N LEU A 94 -3.20 0.69 -5.74
CA LEU A 94 -3.24 1.88 -4.84
C LEU A 94 -4.42 1.81 -3.86
N MET A 95 -5.54 1.21 -4.29
CA MET A 95 -6.75 1.09 -3.43
C MET A 95 -6.52 0.03 -2.34
N ASN A 96 -5.66 -0.97 -2.66
CA ASN A 96 -5.20 -1.98 -1.69
C ASN A 96 -4.24 -1.33 -0.68
N LEU A 97 -3.36 -0.44 -1.18
CA LEU A 97 -2.42 0.34 -0.34
C LEU A 97 -3.18 1.25 0.65
N SER A 98 -4.20 1.99 0.15
CA SER A 98 -5.03 2.89 0.99
C SER A 98 -5.78 2.11 2.08
N SER A 99 -6.39 0.98 1.69
CA SER A 99 -7.15 0.11 2.61
C SER A 99 -6.24 -0.48 3.70
N ALA A 100 -5.13 -1.13 3.28
CA ALA A 100 -4.21 -1.82 4.20
C ALA A 100 -3.53 -0.83 5.16
N LEU A 101 -3.12 0.34 4.63
CA LEU A 101 -2.44 1.38 5.40
C LEU A 101 -3.41 2.02 6.42
N LYS A 102 -4.68 2.24 6.02
CA LYS A 102 -5.67 2.86 6.91
C LYS A 102 -6.01 1.88 8.04
N ARG A 103 -6.17 0.57 7.73
CA ARG A 103 -6.67 -0.44 8.69
C ARG A 103 -5.62 -0.81 9.74
N ARG A 104 -4.33 -0.75 9.35
CA ARG A 104 -3.22 -0.99 10.30
C ARG A 104 -3.07 0.20 11.28
N LEU A 105 -3.70 1.34 10.94
CA LEU A 105 -3.82 2.52 11.83
C LEU A 105 -5.20 2.56 12.54
N ASP A 106 -6.26 2.11 11.84
CA ASP A 106 -7.67 2.31 12.24
C ASP A 106 -8.12 1.23 13.25
N ALA A 107 -7.56 0.02 13.12
CA ALA A 107 -7.85 -1.09 14.04
C ALA A 107 -7.11 -0.87 15.38
N SER A 3 12.55 -25.81 42.06
CA SER A 3 14.03 -25.84 41.90
C SER A 3 14.51 -24.76 40.91
N GLN A 4 13.69 -24.46 39.87
CA GLN A 4 14.06 -23.55 38.78
C GLN A 4 12.83 -22.79 38.23
N ARG A 5 13.04 -22.03 37.13
CA ARG A 5 11.98 -21.30 36.43
C ARG A 5 11.06 -22.26 35.61
N PRO A 6 9.70 -22.14 35.75
CA PRO A 6 8.73 -22.88 34.88
C PRO A 6 8.71 -22.33 33.44
N VAL A 7 9.15 -21.07 33.26
CA VAL A 7 9.35 -20.45 31.94
C VAL A 7 10.66 -20.94 31.29
N ASP A 8 10.70 -21.00 29.96
CA ASP A 8 11.90 -21.40 29.19
C ASP A 8 12.02 -20.53 27.93
N ARG A 9 11.11 -20.78 26.96
CA ARG A 9 11.09 -20.15 25.62
C ARG A 9 12.41 -20.38 24.85
N ASN A 10 12.34 -21.27 23.88
CA ASN A 10 13.48 -21.67 23.05
C ASN A 10 13.47 -20.82 21.75
N PRO A 11 14.65 -20.22 21.34
CA PRO A 11 14.72 -19.34 20.13
C PRO A 11 14.38 -20.11 18.81
N PRO A 12 13.99 -19.38 17.72
CA PRO A 12 13.75 -20.00 16.38
C PRO A 12 15.01 -20.73 15.86
N ARG A 13 14.84 -22.02 15.51
CA ARG A 13 15.95 -22.89 15.06
C ARG A 13 16.24 -22.64 13.57
N ILE A 14 17.49 -22.93 13.16
CA ILE A 14 17.91 -22.87 11.75
C ILE A 14 17.46 -24.17 11.05
N ASN A 15 16.25 -24.12 10.49
CA ASN A 15 15.62 -25.24 9.78
C ASN A 15 14.97 -24.70 8.48
N LEU A 16 14.49 -25.63 7.62
CA LEU A 16 13.79 -25.33 6.35
C LEU A 16 14.77 -24.84 5.26
N MET A 17 14.58 -25.34 4.03
CA MET A 17 15.40 -25.00 2.87
C MET A 17 15.05 -23.59 2.34
N PRO A 18 16.04 -22.82 1.74
CA PRO A 18 15.78 -21.48 1.14
C PRO A 18 14.66 -21.49 0.07
N THR A 19 14.10 -20.28 -0.19
CA THR A 19 12.96 -20.06 -1.12
C THR A 19 11.64 -20.56 -0.50
N GLY A 20 11.50 -21.89 -0.33
CA GLY A 20 10.25 -22.50 0.13
C GLY A 20 9.26 -22.69 -1.02
N ALA A 21 7.95 -22.75 -0.69
CA ALA A 21 6.86 -22.90 -1.67
C ALA A 21 5.52 -22.40 -1.07
N ASN A 22 5.30 -22.76 0.21
CA ASN A 22 4.06 -22.42 0.94
C ASN A 22 4.03 -20.93 1.32
N ARG A 23 5.21 -20.40 1.69
CA ARG A 23 5.33 -19.01 2.17
C ARG A 23 5.12 -17.99 1.05
N VAL A 24 5.51 -18.33 -0.19
CA VAL A 24 5.30 -17.43 -1.36
C VAL A 24 3.84 -17.53 -1.86
N ALA A 25 3.18 -18.67 -1.54
CA ALA A 25 1.76 -18.88 -1.85
C ALA A 25 0.85 -17.95 -1.03
N MET A 26 1.20 -17.78 0.26
CA MET A 26 0.47 -16.90 1.19
C MET A 26 0.97 -15.44 1.11
N ARG A 27 2.23 -15.25 0.68
CA ARG A 27 2.85 -13.91 0.54
C ARG A 27 2.44 -13.28 -0.80
N ASN A 28 2.35 -11.94 -0.79
CA ASN A 28 1.94 -11.12 -1.95
C ASN A 28 0.56 -11.54 -2.47
N ARG A 29 -0.35 -11.80 -1.52
CA ARG A 29 -1.73 -12.19 -1.81
C ARG A 29 -2.67 -11.12 -1.22
N GLY A 30 -3.09 -10.17 -2.09
CA GLY A 30 -4.11 -9.16 -1.77
C GLY A 30 -3.71 -8.21 -0.64
N ASN A 31 -4.04 -8.61 0.60
CA ASN A 31 -3.71 -7.85 1.83
C ASN A 31 -2.19 -7.85 2.08
N ASN A 32 -1.54 -8.99 1.76
CA ASN A 32 -0.11 -9.21 2.07
C ASN A 32 0.81 -8.46 1.10
N GLU A 33 0.40 -8.30 -0.18
CA GLU A 33 1.19 -7.52 -1.19
C GLU A 33 1.08 -6.02 -0.92
N ALA A 34 -0.12 -5.59 -0.47
CA ALA A 34 -0.39 -4.21 -0.04
C ALA A 34 0.45 -3.87 1.20
N ASP A 35 0.52 -4.85 2.13
CA ASP A 35 1.30 -4.75 3.38
C ASP A 35 2.79 -4.62 3.06
N ALA A 36 3.29 -5.59 2.29
CA ALA A 36 4.70 -5.66 1.81
C ALA A 36 5.13 -4.35 1.14
N ALA A 37 4.20 -3.79 0.37
CA ALA A 37 4.39 -2.53 -0.36
C ALA A 37 4.55 -1.33 0.60
N LEU A 38 3.57 -1.14 1.51
CA LEU A 38 3.56 0.03 2.43
C LEU A 38 4.75 0.01 3.42
N GLN A 39 5.04 -1.16 3.99
CA GLN A 39 6.18 -1.34 4.92
C GLN A 39 7.52 -1.13 4.20
N ALA A 40 7.57 -1.48 2.90
CA ALA A 40 8.74 -1.25 2.05
C ALA A 40 8.93 0.25 1.81
N LEU A 41 7.83 0.99 1.60
CA LEU A 41 7.83 2.47 1.47
C LEU A 41 8.38 3.12 2.76
N ALA A 42 7.95 2.57 3.91
CA ALA A 42 8.35 3.05 5.24
C ALA A 42 9.88 2.90 5.45
N GLN A 43 10.44 1.74 5.06
CA GLN A 43 11.89 1.46 5.19
C GLN A 43 12.70 2.18 4.08
N ASN A 44 12.01 2.59 2.99
CA ASN A 44 12.61 3.42 1.91
C ASN A 44 12.69 4.90 2.33
N GLY A 45 11.97 5.25 3.41
CA GLY A 45 12.07 6.60 4.03
C GLY A 45 10.84 7.47 3.81
N ILE A 46 9.79 6.90 3.19
CA ILE A 46 8.53 7.63 2.94
C ILE A 46 7.59 7.39 4.14
N ASN A 47 7.07 8.50 4.72
CA ASN A 47 6.14 8.46 5.87
C ASN A 47 4.79 7.82 5.47
N MET A 48 4.26 6.94 6.36
CA MET A 48 2.97 6.20 6.16
C MET A 48 1.82 7.14 5.77
N GLU A 49 1.80 8.30 6.44
CA GLU A 49 0.73 9.30 6.30
C GLU A 49 0.82 10.01 4.93
N ASP A 50 2.06 10.31 4.48
CA ASP A 50 2.32 11.03 3.21
C ASP A 50 2.01 10.18 1.98
N LEU A 51 2.51 8.93 1.97
CA LEU A 51 2.32 8.00 0.82
C LEU A 51 0.83 7.72 0.61
N ARG A 52 0.12 7.46 1.75
CA ARG A 52 -1.31 7.15 1.74
C ARG A 52 -2.09 8.40 1.32
N ALA A 53 -1.69 9.58 1.84
CA ALA A 53 -2.35 10.86 1.51
C ALA A 53 -2.34 11.11 -0.01
N ALA A 54 -1.18 10.83 -0.62
CA ALA A 54 -0.93 11.04 -2.06
C ALA A 54 -1.84 10.13 -2.91
N LEU A 55 -1.71 8.81 -2.69
CA LEU A 55 -2.44 7.81 -3.48
C LEU A 55 -3.96 7.87 -3.19
N GLU A 56 -4.39 8.04 -1.92
CA GLU A 56 -5.84 8.11 -1.53
C GLU A 56 -6.51 9.30 -2.23
N ALA A 57 -5.74 10.40 -2.33
CA ALA A 57 -6.23 11.64 -2.94
C ALA A 57 -6.28 11.49 -4.46
N TYR A 58 -5.45 10.57 -4.99
CA TYR A 58 -5.51 10.17 -6.41
C TYR A 58 -6.74 9.28 -6.65
N ILE A 59 -7.19 8.55 -5.61
CA ILE A 59 -8.37 7.65 -5.70
C ILE A 59 -9.69 8.42 -5.52
N VAL A 60 -9.64 9.48 -4.71
CA VAL A 60 -10.85 10.26 -4.34
C VAL A 60 -10.94 11.57 -5.16
N TRP A 61 -9.89 12.40 -5.06
CA TRP A 61 -9.90 13.79 -5.62
C TRP A 61 -9.19 13.87 -6.98
N LEU A 62 -8.47 12.78 -7.36
CA LEU A 62 -7.58 12.71 -8.55
C LEU A 62 -6.41 13.72 -8.40
N ARG A 63 -5.60 13.52 -7.35
CA ARG A 63 -4.35 14.26 -7.08
C ARG A 63 -3.14 13.47 -7.63
N PRO A 64 -2.36 14.03 -8.62
CA PRO A 64 -1.13 13.38 -9.13
C PRO A 64 -0.11 13.12 -8.00
N ILE A 65 0.27 11.85 -7.83
CA ILE A 65 1.23 11.41 -6.80
C ILE A 65 2.63 12.03 -7.09
N PRO A 66 3.22 12.81 -6.10
CA PRO A 66 4.56 13.44 -6.26
C PRO A 66 5.64 12.38 -6.57
N LEU A 67 6.66 12.80 -7.35
CA LEU A 67 7.70 11.92 -7.93
C LEU A 67 8.34 11.01 -6.85
N ASP A 68 8.56 11.58 -5.64
CA ASP A 68 9.15 10.86 -4.48
C ASP A 68 8.35 9.57 -4.18
N ILE A 69 7.06 9.77 -3.89
CA ILE A 69 6.15 8.69 -3.50
C ILE A 69 5.87 7.78 -4.71
N ALA A 70 5.54 8.38 -5.87
CA ALA A 70 5.30 7.67 -7.15
C ALA A 70 6.41 6.67 -7.53
N ASN A 71 7.68 7.12 -7.51
CA ASN A 71 8.84 6.27 -7.87
C ASN A 71 9.06 5.20 -6.78
N ALA A 72 8.77 5.58 -5.52
CA ALA A 72 8.79 4.66 -4.38
C ALA A 72 7.76 3.52 -4.56
N LEU A 73 6.57 3.86 -5.12
CA LEU A 73 5.49 2.89 -5.38
C LEU A 73 5.97 1.89 -6.44
N GLU A 74 6.55 2.40 -7.52
CA GLU A 74 7.18 1.59 -8.59
C GLU A 74 8.34 0.72 -8.03
N GLY A 75 8.97 1.22 -6.96
CA GLY A 75 10.04 0.49 -6.26
C GLY A 75 9.49 -0.68 -5.46
N VAL A 76 8.26 -0.52 -4.93
CA VAL A 76 7.58 -1.57 -4.13
C VAL A 76 6.55 -2.37 -4.97
N GLY A 77 6.58 -2.15 -6.31
CA GLY A 77 5.86 -3.00 -7.29
C GLY A 77 4.47 -2.49 -7.68
N ILE A 78 4.11 -1.28 -7.21
CA ILE A 78 2.80 -0.65 -7.48
C ILE A 78 2.93 0.33 -8.65
N THR A 79 1.83 0.54 -9.39
CA THR A 79 1.78 1.53 -10.46
C THR A 79 0.94 2.78 -10.01
N PRO A 80 1.58 4.00 -9.90
CA PRO A 80 0.89 5.25 -9.49
C PRO A 80 0.09 5.90 -10.65
N ARG A 81 -0.89 5.17 -11.18
CA ARG A 81 -1.65 5.58 -12.38
C ARG A 81 -3.16 5.50 -12.15
N PHE A 82 -3.89 6.40 -12.83
CA PHE A 82 -5.35 6.32 -13.01
C PHE A 82 -5.65 6.38 -14.52
N ASP A 83 -5.59 5.18 -15.14
CA ASP A 83 -5.90 4.97 -16.56
C ASP A 83 -7.39 5.29 -16.83
N ASN A 84 -8.25 4.69 -16.00
CA ASN A 84 -9.69 4.95 -16.00
C ASN A 84 -10.11 4.98 -14.52
N PRO A 85 -10.66 6.13 -14.00
CA PRO A 85 -10.91 6.32 -12.55
C PRO A 85 -12.01 5.40 -12.01
N GLU A 86 -12.95 5.02 -12.88
CA GLU A 86 -14.10 4.13 -12.53
C GLU A 86 -13.61 2.68 -12.32
N GLU A 87 -12.41 2.40 -12.86
CA GLU A 87 -11.78 1.08 -12.80
C GLU A 87 -10.68 1.07 -11.72
N ALA A 88 -9.98 2.20 -11.60
CA ALA A 88 -8.77 2.32 -10.78
C ALA A 88 -9.10 2.67 -9.30
N LYS A 89 -10.36 2.52 -8.92
CA LYS A 89 -10.77 2.63 -7.50
C LYS A 89 -11.09 1.25 -6.91
N VAL A 90 -11.29 0.25 -7.79
CA VAL A 90 -11.73 -1.11 -7.38
C VAL A 90 -10.64 -2.17 -7.64
N ASP A 91 -10.08 -2.19 -8.86
CA ASP A 91 -9.14 -3.25 -9.32
C ASP A 91 -7.67 -2.80 -9.19
N ASN A 92 -7.46 -1.57 -8.75
CA ASN A 92 -6.14 -0.91 -8.74
C ASN A 92 -5.29 -1.38 -7.54
N PRO A 93 -3.95 -1.57 -7.69
CA PRO A 93 -3.05 -1.87 -6.55
C PRO A 93 -2.94 -0.69 -5.54
N LEU A 94 -3.30 0.54 -5.98
CA LEU A 94 -3.28 1.75 -5.12
C LEU A 94 -4.42 1.71 -4.11
N MET A 95 -5.57 1.12 -4.49
CA MET A 95 -6.75 1.01 -3.61
C MET A 95 -6.48 -0.03 -2.50
N ASN A 96 -5.62 -1.02 -2.81
CA ASN A 96 -5.14 -2.00 -1.81
C ASN A 96 -4.18 -1.33 -0.83
N LEU A 97 -3.30 -0.44 -1.35
CA LEU A 97 -2.34 0.34 -0.52
C LEU A 97 -3.08 1.30 0.43
N SER A 98 -4.10 2.01 -0.08
CA SER A 98 -4.91 2.97 0.72
C SER A 98 -5.65 2.23 1.84
N SER A 99 -6.39 1.18 1.45
CA SER A 99 -7.24 0.40 2.36
C SER A 99 -6.41 -0.30 3.44
N ALA A 100 -5.29 -0.91 3.02
CA ALA A 100 -4.37 -1.62 3.94
C ALA A 100 -3.75 -0.66 4.96
N LEU A 101 -3.24 0.49 4.46
CA LEU A 101 -2.52 1.46 5.29
C LEU A 101 -3.46 2.09 6.34
N LYS A 102 -4.69 2.42 5.93
CA LYS A 102 -5.67 3.01 6.84
C LYS A 102 -6.15 1.97 7.86
N ARG A 103 -6.41 0.71 7.43
CA ARG A 103 -7.02 -0.33 8.29
C ARG A 103 -6.03 -0.84 9.35
N ARG A 104 -4.72 -0.78 9.06
CA ARG A 104 -3.68 -1.21 10.01
C ARG A 104 -3.40 -0.13 11.07
N LEU A 105 -3.89 1.10 10.81
CA LEU A 105 -3.87 2.22 11.77
C LEU A 105 -5.22 2.33 12.52
N ASP A 106 -6.31 1.97 11.82
CA ASP A 106 -7.70 2.15 12.30
C ASP A 106 -8.21 0.90 13.05
N ALA A 107 -7.55 -0.24 12.76
CA ALA A 107 -7.91 -1.56 13.31
C ALA A 107 -6.62 -2.32 13.71
N SER A 3 -19.08 3.37 -0.56
CA SER A 3 -18.04 3.79 0.42
C SER A 3 -18.16 2.96 1.71
N GLN A 4 -19.40 2.79 2.20
CA GLN A 4 -19.69 1.94 3.37
C GLN A 4 -19.54 0.45 3.01
N ARG A 5 -19.02 -0.33 3.94
CA ARG A 5 -18.72 -1.77 3.73
C ARG A 5 -20.04 -2.60 3.83
N PRO A 6 -20.30 -3.54 2.85
CA PRO A 6 -21.41 -4.52 2.95
C PRO A 6 -21.32 -5.33 4.26
N VAL A 7 -20.13 -5.89 4.53
CA VAL A 7 -19.82 -6.59 5.80
C VAL A 7 -19.04 -5.61 6.70
N ASP A 8 -19.76 -4.66 7.29
CA ASP A 8 -19.20 -3.64 8.19
C ASP A 8 -19.48 -4.03 9.65
N ARG A 9 -20.64 -4.70 9.84
CA ARG A 9 -21.05 -5.26 11.14
C ARG A 9 -20.04 -6.35 11.58
N ASN A 10 -19.56 -6.25 12.83
CA ASN A 10 -18.45 -7.06 13.36
C ASN A 10 -17.16 -6.78 12.54
N PRO A 11 -16.37 -5.71 12.92
CA PRO A 11 -15.08 -5.42 12.27
C PRO A 11 -14.02 -6.49 12.68
N PRO A 12 -13.47 -7.28 11.71
CA PRO A 12 -12.50 -8.36 12.01
C PRO A 12 -11.18 -7.80 12.60
N ARG A 13 -10.82 -8.28 13.79
CA ARG A 13 -9.62 -7.82 14.53
C ARG A 13 -8.37 -8.50 13.92
N ILE A 14 -7.45 -7.67 13.39
CA ILE A 14 -6.19 -8.15 12.80
C ILE A 14 -5.20 -8.62 13.90
N ASN A 15 -4.18 -9.38 13.49
CA ASN A 15 -3.14 -9.88 14.40
C ASN A 15 -2.16 -8.73 14.75
N LEU A 16 -1.64 -8.74 15.99
CA LEU A 16 -0.76 -7.66 16.50
C LEU A 16 0.62 -7.72 15.78
N MET A 17 1.17 -8.94 15.69
CA MET A 17 2.43 -9.21 14.98
C MET A 17 2.14 -9.70 13.54
N PRO A 18 3.10 -9.57 12.57
CA PRO A 18 2.97 -10.19 11.22
C PRO A 18 2.97 -11.74 11.32
N THR A 19 1.82 -12.35 10.95
CA THR A 19 1.65 -13.81 10.92
C THR A 19 2.55 -14.44 9.84
N GLY A 20 3.56 -15.23 10.29
CA GLY A 20 4.56 -15.81 9.39
C GLY A 20 5.80 -14.91 9.32
N ALA A 21 6.35 -14.74 8.09
CA ALA A 21 7.55 -13.92 7.85
C ALA A 21 7.75 -13.67 6.33
N ASN A 22 8.30 -14.67 5.63
CA ASN A 22 8.73 -14.54 4.22
C ASN A 22 7.79 -15.32 3.26
N ARG A 23 7.48 -16.58 3.64
CA ARG A 23 6.66 -17.50 2.83
C ARG A 23 5.21 -16.97 2.64
N VAL A 24 4.78 -16.11 3.57
CA VAL A 24 3.48 -15.42 3.50
C VAL A 24 3.60 -14.11 2.67
N ALA A 25 4.80 -13.46 2.75
CA ALA A 25 5.07 -12.14 2.13
C ALA A 25 5.17 -12.23 0.59
N MET A 26 5.60 -13.41 0.09
CA MET A 26 5.78 -13.66 -1.36
C MET A 26 4.44 -13.96 -2.08
N ARG A 27 3.32 -13.88 -1.34
CA ARG A 27 1.97 -14.06 -1.90
C ARG A 27 1.40 -12.69 -2.32
N ASN A 28 2.09 -12.02 -3.24
CA ASN A 28 1.89 -10.60 -3.55
C ASN A 28 0.68 -10.39 -4.46
N ARG A 29 -0.49 -10.24 -3.82
CA ARG A 29 -1.72 -9.72 -4.44
C ARG A 29 -2.75 -9.38 -3.36
N GLY A 30 -3.41 -8.22 -3.53
CA GLY A 30 -4.48 -7.78 -2.63
C GLY A 30 -3.95 -7.27 -1.30
N ASN A 31 -4.41 -7.90 -0.20
CA ASN A 31 -4.05 -7.53 1.18
C ASN A 31 -2.54 -7.70 1.41
N ASN A 32 -2.03 -8.89 1.01
CA ASN A 32 -0.63 -9.30 1.25
C ASN A 32 0.39 -8.35 0.57
N GLU A 33 0.12 -8.00 -0.72
CA GLU A 33 1.01 -7.09 -1.49
C GLU A 33 0.96 -5.68 -0.92
N ALA A 34 -0.23 -5.31 -0.39
CA ALA A 34 -0.48 -3.97 0.16
C ALA A 34 0.37 -3.72 1.40
N ASP A 35 0.33 -4.68 2.36
CA ASP A 35 1.14 -4.64 3.61
C ASP A 35 2.63 -4.63 3.27
N ALA A 36 3.02 -5.55 2.36
CA ALA A 36 4.43 -5.68 1.87
C ALA A 36 4.92 -4.36 1.24
N ALA A 37 4.02 -3.69 0.51
CA ALA A 37 4.33 -2.46 -0.22
C ALA A 37 4.51 -1.28 0.74
N LEU A 38 3.52 -1.05 1.64
CA LEU A 38 3.54 0.10 2.57
C LEU A 38 4.73 0.03 3.53
N GLN A 39 5.00 -1.17 4.08
CA GLN A 39 6.14 -1.38 4.99
C GLN A 39 7.48 -1.18 4.23
N ALA A 40 7.50 -1.59 2.93
CA ALA A 40 8.67 -1.41 2.06
C ALA A 40 8.90 0.09 1.79
N LEU A 41 7.80 0.86 1.65
CA LEU A 41 7.85 2.32 1.49
C LEU A 41 8.41 2.99 2.76
N ALA A 42 7.99 2.49 3.93
CA ALA A 42 8.41 3.03 5.25
C ALA A 42 9.92 2.85 5.47
N GLN A 43 10.43 1.65 5.12
CA GLN A 43 11.88 1.35 5.22
C GLN A 43 12.68 2.04 4.08
N ASN A 44 12.00 2.37 2.96
CA ASN A 44 12.57 3.20 1.86
C ASN A 44 12.68 4.68 2.31
N GLY A 45 11.91 5.06 3.35
CA GLY A 45 12.02 6.38 3.98
C GLY A 45 10.78 7.25 3.84
N ILE A 46 9.75 6.72 3.18
CA ILE A 46 8.47 7.45 2.95
C ILE A 46 7.53 7.19 4.13
N ASN A 47 7.01 8.29 4.74
CA ASN A 47 6.10 8.21 5.91
C ASN A 47 4.76 7.56 5.53
N MET A 48 4.23 6.72 6.45
CA MET A 48 2.94 6.00 6.32
C MET A 48 1.80 6.96 5.89
N GLU A 49 1.79 8.13 6.50
CA GLU A 49 0.79 9.18 6.28
C GLU A 49 0.98 9.84 4.89
N ASP A 50 2.26 10.14 4.54
CA ASP A 50 2.62 10.80 3.25
C ASP A 50 2.19 9.96 2.04
N LEU A 51 2.65 8.69 2.01
CA LEU A 51 2.40 7.78 0.88
C LEU A 51 0.89 7.56 0.69
N ARG A 52 0.18 7.30 1.81
CA ARG A 52 -1.26 7.01 1.80
C ARG A 52 -2.05 8.25 1.39
N ALA A 53 -1.67 9.42 1.91
CA ALA A 53 -2.36 10.70 1.61
C ALA A 53 -2.30 11.03 0.11
N ALA A 54 -1.11 10.80 -0.48
CA ALA A 54 -0.85 11.06 -1.90
C ALA A 54 -1.71 10.13 -2.79
N LEU A 55 -1.61 8.81 -2.54
CA LEU A 55 -2.31 7.82 -3.36
C LEU A 55 -3.84 7.90 -3.15
N GLU A 56 -4.30 8.09 -1.89
CA GLU A 56 -5.75 8.16 -1.56
C GLU A 56 -6.37 9.38 -2.25
N ALA A 57 -5.58 10.47 -2.34
CA ALA A 57 -6.00 11.70 -3.00
C ALA A 57 -6.08 11.52 -4.51
N TYR A 58 -5.24 10.58 -5.03
CA TYR A 58 -5.30 10.18 -6.45
C TYR A 58 -6.53 9.27 -6.71
N ILE A 59 -7.00 8.55 -5.67
CA ILE A 59 -8.17 7.65 -5.80
C ILE A 59 -9.49 8.44 -5.66
N VAL A 60 -9.48 9.43 -4.74
CA VAL A 60 -10.69 10.19 -4.35
C VAL A 60 -10.82 11.48 -5.17
N TRP A 61 -9.72 12.25 -5.30
CA TRP A 61 -9.72 13.60 -5.93
C TRP A 61 -8.93 13.63 -7.27
N LEU A 62 -8.28 12.49 -7.62
CA LEU A 62 -7.43 12.35 -8.82
C LEU A 62 -6.20 13.31 -8.78
N ARG A 63 -5.63 13.51 -7.57
CA ARG A 63 -4.43 14.36 -7.34
C ARG A 63 -3.14 13.64 -7.80
N PRO A 64 -2.32 14.28 -8.69
CA PRO A 64 -0.97 13.78 -9.06
C PRO A 64 -0.09 13.48 -7.83
N ILE A 65 0.43 12.24 -7.76
CA ILE A 65 1.34 11.82 -6.69
C ILE A 65 2.75 12.40 -6.97
N PRO A 66 3.39 13.12 -5.98
CA PRO A 66 4.76 13.68 -6.15
C PRO A 66 5.78 12.60 -6.53
N LEU A 67 6.82 13.00 -7.29
CA LEU A 67 7.81 12.07 -7.90
C LEU A 67 8.42 11.13 -6.85
N ASP A 68 8.68 11.69 -5.63
CA ASP A 68 9.21 10.93 -4.46
C ASP A 68 8.39 9.66 -4.17
N ILE A 69 7.11 9.88 -3.86
CA ILE A 69 6.19 8.81 -3.48
C ILE A 69 5.87 7.92 -4.71
N ALA A 70 5.52 8.55 -5.85
CA ALA A 70 5.27 7.88 -7.15
C ALA A 70 6.38 6.87 -7.55
N ASN A 71 7.67 7.29 -7.47
CA ASN A 71 8.81 6.41 -7.85
C ASN A 71 8.97 5.29 -6.81
N ALA A 72 8.69 5.64 -5.53
CA ALA A 72 8.71 4.69 -4.43
C ALA A 72 7.66 3.58 -4.63
N LEU A 73 6.48 3.98 -5.17
CA LEU A 73 5.38 3.04 -5.45
C LEU A 73 5.81 2.08 -6.56
N GLU A 74 6.40 2.64 -7.64
CA GLU A 74 6.95 1.83 -8.76
C GLU A 74 8.07 0.90 -8.26
N GLY A 75 8.76 1.35 -7.19
CA GLY A 75 9.81 0.57 -6.54
C GLY A 75 9.26 -0.61 -5.76
N VAL A 76 8.04 -0.45 -5.18
CA VAL A 76 7.32 -1.54 -4.45
C VAL A 76 6.25 -2.21 -5.34
N GLY A 77 6.31 -1.92 -6.67
CA GLY A 77 5.51 -2.65 -7.68
C GLY A 77 4.22 -1.95 -8.13
N ILE A 78 3.82 -0.93 -7.37
CA ILE A 78 2.53 -0.23 -7.55
C ILE A 78 2.65 0.84 -8.66
N THR A 79 1.68 0.91 -9.56
CA THR A 79 1.68 1.93 -10.63
C THR A 79 0.80 3.16 -10.21
N PRO A 80 1.44 4.38 -10.01
CA PRO A 80 0.71 5.62 -9.67
C PRO A 80 0.01 6.24 -10.92
N ARG A 81 -1.05 5.59 -11.40
CA ARG A 81 -1.83 6.07 -12.57
C ARG A 81 -3.30 5.64 -12.48
N PHE A 82 -4.16 6.41 -13.15
CA PHE A 82 -5.59 6.13 -13.32
C PHE A 82 -5.94 6.18 -14.81
N ASP A 83 -5.66 5.05 -15.50
CA ASP A 83 -5.98 4.86 -16.94
C ASP A 83 -7.50 5.01 -17.20
N ASN A 84 -8.29 4.39 -16.31
CA ASN A 84 -9.75 4.55 -16.25
C ASN A 84 -10.09 4.63 -14.75
N PRO A 85 -10.54 5.81 -14.22
CA PRO A 85 -10.73 6.04 -12.77
C PRO A 85 -11.70 5.01 -12.14
N GLU A 86 -12.73 4.59 -12.90
CA GLU A 86 -13.77 3.64 -12.42
C GLU A 86 -13.15 2.28 -12.05
N GLU A 87 -12.22 1.85 -12.91
CA GLU A 87 -11.56 0.54 -12.81
C GLU A 87 -10.41 0.60 -11.80
N ALA A 88 -9.76 1.77 -11.74
CA ALA A 88 -8.58 1.98 -10.90
C ALA A 88 -8.95 2.42 -9.47
N LYS A 89 -10.22 2.23 -9.07
CA LYS A 89 -10.68 2.44 -7.68
C LYS A 89 -11.12 1.11 -7.04
N VAL A 90 -11.09 0.01 -7.83
CA VAL A 90 -11.53 -1.32 -7.35
C VAL A 90 -10.39 -2.38 -7.43
N ASP A 91 -9.70 -2.45 -8.58
CA ASP A 91 -8.66 -3.48 -8.85
C ASP A 91 -7.24 -2.92 -8.63
N ASN A 92 -7.14 -1.59 -8.50
CA ASN A 92 -5.84 -0.87 -8.48
C ASN A 92 -5.02 -1.26 -7.24
N PRO A 93 -3.70 -1.57 -7.38
CA PRO A 93 -2.82 -1.82 -6.23
C PRO A 93 -2.78 -0.60 -5.25
N LEU A 94 -3.10 0.62 -5.76
CA LEU A 94 -3.20 1.86 -4.94
C LEU A 94 -4.38 1.77 -3.95
N MET A 95 -5.51 1.17 -4.39
CA MET A 95 -6.72 1.06 -3.53
C MET A 95 -6.50 0.00 -2.43
N ASN A 96 -5.66 -0.99 -2.74
CA ASN A 96 -5.21 -1.99 -1.75
C ASN A 96 -4.30 -1.32 -0.69
N LEU A 97 -3.41 -0.43 -1.17
CA LEU A 97 -2.47 0.34 -0.31
C LEU A 97 -3.26 1.27 0.67
N SER A 98 -4.23 2.05 0.13
CA SER A 98 -5.08 2.95 0.95
C SER A 98 -5.84 2.18 2.05
N SER A 99 -6.54 1.11 1.65
CA SER A 99 -7.36 0.29 2.56
C SER A 99 -6.51 -0.37 3.68
N ALA A 100 -5.41 -1.02 3.29
CA ALA A 100 -4.52 -1.74 4.22
C ALA A 100 -3.87 -0.78 5.23
N LEU A 101 -3.37 0.37 4.72
CA LEU A 101 -2.67 1.38 5.54
C LEU A 101 -3.65 2.00 6.56
N LYS A 102 -4.88 2.30 6.11
CA LYS A 102 -5.85 2.95 6.98
C LYS A 102 -6.35 1.99 8.07
N ARG A 103 -6.45 0.66 7.76
CA ARG A 103 -6.98 -0.34 8.72
C ARG A 103 -5.88 -0.86 9.66
N ARG A 104 -4.60 -0.71 9.29
CA ARG A 104 -3.48 -1.05 10.20
C ARG A 104 -3.26 0.10 11.21
N LEU A 105 -3.87 1.26 10.92
CA LEU A 105 -3.94 2.40 11.86
C LEU A 105 -5.26 2.38 12.65
N ASP A 106 -6.38 2.05 11.94
CA ASP A 106 -7.75 2.05 12.51
C ASP A 106 -7.93 0.87 13.48
N ALA A 107 -7.51 -0.32 13.04
CA ALA A 107 -7.52 -1.54 13.84
C ALA A 107 -6.15 -1.73 14.53
N SER A 3 2.75 23.62 21.16
CA SER A 3 3.07 22.24 21.56
C SER A 3 3.66 22.21 22.99
N GLN A 4 3.69 21.01 23.59
CA GLN A 4 4.25 20.77 24.94
C GLN A 4 4.96 19.41 24.93
N ARG A 5 6.19 19.41 24.37
CA ARG A 5 7.06 18.22 24.24
C ARG A 5 6.34 17.11 23.43
N PRO A 6 6.38 17.16 22.06
CA PRO A 6 5.54 16.28 21.17
C PRO A 6 5.77 14.77 21.40
N VAL A 7 7.07 14.38 21.56
CA VAL A 7 7.52 12.98 21.70
C VAL A 7 6.97 12.11 20.54
N ASP A 8 7.63 12.22 19.37
CA ASP A 8 7.24 11.50 18.14
C ASP A 8 7.52 9.99 18.29
N ARG A 9 8.56 9.66 19.08
CA ARG A 9 8.99 8.26 19.37
C ARG A 9 9.51 7.61 18.05
N ASN A 10 9.38 6.27 17.89
CA ASN A 10 9.89 5.53 16.72
C ASN A 10 8.76 4.64 16.15
N PRO A 11 8.79 4.29 14.82
CA PRO A 11 7.82 3.34 14.23
C PRO A 11 7.98 1.91 14.81
N PRO A 12 6.88 1.10 14.91
CA PRO A 12 6.94 -0.27 15.47
C PRO A 12 7.47 -1.30 14.44
N ARG A 13 8.03 -2.41 14.96
CA ARG A 13 8.52 -3.52 14.12
C ARG A 13 7.31 -4.24 13.47
N ILE A 14 7.14 -4.04 12.15
CA ILE A 14 6.06 -4.66 11.35
C ILE A 14 6.33 -6.16 11.05
N ASN A 15 7.49 -6.65 11.54
CA ASN A 15 7.94 -8.03 11.36
C ASN A 15 7.01 -9.02 12.09
N LEU A 16 6.19 -9.72 11.30
CA LEU A 16 5.27 -10.75 11.80
C LEU A 16 5.91 -12.13 11.57
N MET A 17 5.76 -12.68 10.34
CA MET A 17 6.31 -13.99 9.94
C MET A 17 6.51 -14.00 8.40
N PRO A 18 7.80 -14.01 7.90
CA PRO A 18 8.12 -14.19 6.45
C PRO A 18 7.56 -15.52 5.90
N THR A 19 7.58 -16.55 6.77
CA THR A 19 7.08 -17.91 6.50
C THR A 19 7.84 -18.57 5.32
N GLY A 20 9.07 -19.02 5.63
CA GLY A 20 9.99 -19.58 4.65
C GLY A 20 9.66 -21.01 4.23
N ALA A 21 8.60 -21.15 3.41
CA ALA A 21 8.14 -22.44 2.88
C ALA A 21 7.42 -22.22 1.54
N ASN A 22 6.19 -21.67 1.60
CA ASN A 22 5.34 -21.44 0.40
C ASN A 22 4.82 -19.98 0.38
N ARG A 23 4.50 -19.44 1.57
CA ARG A 23 3.97 -18.07 1.71
C ARG A 23 5.04 -17.01 1.41
N VAL A 24 6.32 -17.37 1.58
CA VAL A 24 7.46 -16.52 1.18
C VAL A 24 7.51 -16.37 -0.36
N ALA A 25 6.92 -17.34 -1.08
CA ALA A 25 6.87 -17.38 -2.55
C ALA A 25 5.60 -16.69 -3.09
N MET A 26 4.46 -16.87 -2.38
CA MET A 26 3.13 -16.39 -2.84
C MET A 26 2.68 -15.09 -2.13
N ARG A 27 3.65 -14.37 -1.54
CA ARG A 27 3.39 -13.10 -0.80
C ARG A 27 3.24 -11.88 -1.75
N ASN A 28 2.24 -11.96 -2.64
CA ASN A 28 1.96 -10.89 -3.62
C ASN A 28 0.51 -11.06 -4.12
N ARG A 29 -0.45 -10.99 -3.18
CA ARG A 29 -1.88 -11.24 -3.48
C ARG A 29 -2.78 -10.21 -2.77
N GLY A 30 -3.19 -9.17 -3.53
CA GLY A 30 -4.21 -8.20 -3.08
C GLY A 30 -3.78 -7.34 -1.89
N ASN A 31 -4.26 -7.71 -0.69
CA ASN A 31 -3.93 -7.01 0.56
C ASN A 31 -2.51 -7.41 1.04
N ASN A 32 -2.07 -8.62 0.66
CA ASN A 32 -0.75 -9.15 1.06
C ASN A 32 0.39 -8.33 0.42
N GLU A 33 0.26 -8.09 -0.92
CA GLU A 33 1.22 -7.27 -1.69
C GLU A 33 1.14 -5.79 -1.25
N ALA A 34 -0.04 -5.39 -0.76
CA ALA A 34 -0.28 -4.04 -0.25
C ALA A 34 0.56 -3.74 1.00
N ASP A 35 0.49 -4.66 1.99
CA ASP A 35 1.26 -4.54 3.25
C ASP A 35 2.75 -4.68 3.02
N ALA A 36 3.13 -5.60 2.11
CA ALA A 36 4.52 -5.77 1.66
C ALA A 36 5.06 -4.47 1.03
N ALA A 37 4.19 -3.81 0.26
CA ALA A 37 4.51 -2.57 -0.46
C ALA A 37 4.70 -1.39 0.50
N LEU A 38 3.73 -1.17 1.42
CA LEU A 38 3.74 -0.02 2.35
C LEU A 38 4.88 -0.13 3.38
N GLN A 39 5.13 -1.34 3.88
CA GLN A 39 6.24 -1.60 4.83
C GLN A 39 7.60 -1.38 4.11
N ALA A 40 7.62 -1.68 2.80
CA ALA A 40 8.80 -1.44 1.95
C ALA A 40 8.98 0.08 1.71
N LEU A 41 7.87 0.82 1.58
CA LEU A 41 7.88 2.29 1.48
C LEU A 41 8.42 2.93 2.77
N ALA A 42 8.04 2.32 3.93
CA ALA A 42 8.43 2.78 5.27
C ALA A 42 9.95 2.65 5.48
N GLN A 43 10.52 1.50 5.06
CA GLN A 43 11.97 1.26 5.16
C GLN A 43 12.75 2.09 4.11
N ASN A 44 12.08 2.44 2.98
CA ASN A 44 12.64 3.37 1.95
C ASN A 44 12.67 4.83 2.45
N GLY A 45 11.90 5.11 3.52
CA GLY A 45 11.95 6.40 4.21
C GLY A 45 10.67 7.22 4.10
N ILE A 46 9.71 6.72 3.30
CA ILE A 46 8.43 7.41 3.08
C ILE A 46 7.49 7.07 4.25
N ASN A 47 7.06 8.12 4.99
CA ASN A 47 6.17 7.97 6.17
C ASN A 47 4.79 7.41 5.75
N MET A 48 4.24 6.55 6.62
CA MET A 48 2.98 5.79 6.40
C MET A 48 1.81 6.71 5.99
N GLU A 49 1.71 7.83 6.69
CA GLU A 49 0.62 8.80 6.52
C GLU A 49 0.71 9.51 5.15
N ASP A 50 1.95 9.87 4.77
CA ASP A 50 2.23 10.68 3.57
C ASP A 50 1.95 9.90 2.28
N LEU A 51 2.50 8.66 2.19
CA LEU A 51 2.32 7.80 1.00
C LEU A 51 0.83 7.53 0.75
N ARG A 52 0.12 7.22 1.85
CA ARG A 52 -1.31 6.91 1.82
C ARG A 52 -2.11 8.14 1.38
N ALA A 53 -1.78 9.31 1.96
CA ALA A 53 -2.49 10.58 1.68
C ALA A 53 -2.41 10.92 0.18
N ALA A 54 -1.22 10.68 -0.39
CA ALA A 54 -0.92 10.95 -1.82
C ALA A 54 -1.78 10.06 -2.73
N LEU A 55 -1.65 8.73 -2.54
CA LEU A 55 -2.36 7.75 -3.37
C LEU A 55 -3.88 7.82 -3.17
N GLU A 56 -4.34 8.03 -1.91
CA GLU A 56 -5.78 8.08 -1.57
C GLU A 56 -6.44 9.30 -2.20
N ALA A 57 -5.66 10.39 -2.30
CA ALA A 57 -6.11 11.64 -2.93
C ALA A 57 -6.19 11.45 -4.44
N TYR A 58 -5.36 10.53 -4.97
CA TYR A 58 -5.43 10.14 -6.39
C TYR A 58 -6.66 9.21 -6.62
N ILE A 59 -7.08 8.46 -5.57
CA ILE A 59 -8.25 7.54 -5.67
C ILE A 59 -9.57 8.32 -5.60
N VAL A 60 -9.61 9.31 -4.69
CA VAL A 60 -10.81 10.08 -4.39
C VAL A 60 -10.89 11.35 -5.27
N TRP A 61 -9.86 12.20 -5.20
CA TRP A 61 -9.86 13.55 -5.82
C TRP A 61 -9.07 13.58 -7.15
N LEU A 62 -8.45 12.44 -7.53
CA LEU A 62 -7.61 12.32 -8.76
C LEU A 62 -6.39 13.28 -8.73
N ARG A 63 -5.80 13.43 -7.52
CA ARG A 63 -4.64 14.32 -7.28
C ARG A 63 -3.31 13.66 -7.75
N PRO A 64 -2.35 14.47 -8.32
CA PRO A 64 -1.02 13.96 -8.71
C PRO A 64 -0.18 13.52 -7.49
N ILE A 65 0.32 12.26 -7.51
CA ILE A 65 1.23 11.73 -6.49
C ILE A 65 2.64 12.33 -6.71
N PRO A 66 3.26 13.01 -5.67
CA PRO A 66 4.62 13.59 -5.78
C PRO A 66 5.67 12.53 -6.18
N LEU A 67 6.67 12.95 -7.00
CA LEU A 67 7.67 12.06 -7.63
C LEU A 67 8.35 11.13 -6.60
N ASP A 68 8.60 11.66 -5.39
CA ASP A 68 9.19 10.90 -4.26
C ASP A 68 8.38 9.62 -3.95
N ILE A 69 7.08 9.82 -3.66
CA ILE A 69 6.16 8.73 -3.33
C ILE A 69 5.88 7.86 -4.57
N ALA A 70 5.51 8.51 -5.70
CA ALA A 70 5.29 7.87 -7.02
C ALA A 70 6.41 6.88 -7.43
N ASN A 71 7.68 7.32 -7.35
CA ASN A 71 8.85 6.49 -7.73
C ASN A 71 9.07 5.37 -6.69
N ALA A 72 8.75 5.69 -5.41
CA ALA A 72 8.77 4.71 -4.33
C ALA A 72 7.76 3.59 -4.57
N LEU A 73 6.59 3.95 -5.14
CA LEU A 73 5.53 3.00 -5.48
C LEU A 73 6.03 2.06 -6.58
N GLU A 74 6.60 2.66 -7.64
CA GLU A 74 7.22 1.91 -8.76
C GLU A 74 8.34 0.98 -8.28
N GLY A 75 9.03 1.42 -7.21
CA GLY A 75 10.07 0.65 -6.56
C GLY A 75 9.52 -0.60 -5.86
N VAL A 76 8.33 -0.44 -5.21
CA VAL A 76 7.66 -1.54 -4.48
C VAL A 76 6.62 -2.27 -5.37
N GLY A 77 6.64 -1.99 -6.68
CA GLY A 77 5.89 -2.75 -7.70
C GLY A 77 4.55 -2.13 -8.09
N ILE A 78 4.17 -1.03 -7.45
CA ILE A 78 2.87 -0.34 -7.68
C ILE A 78 3.03 0.72 -8.79
N THR A 79 1.97 0.94 -9.58
CA THR A 79 1.96 2.00 -10.61
C THR A 79 1.06 3.19 -10.16
N PRO A 80 1.64 4.43 -9.99
CA PRO A 80 0.85 5.64 -9.73
C PRO A 80 0.15 6.18 -11.01
N ARG A 81 -0.92 5.49 -11.44
CA ARG A 81 -1.75 5.93 -12.59
C ARG A 81 -3.20 5.46 -12.42
N PHE A 82 -4.11 6.19 -13.09
CA PHE A 82 -5.56 5.87 -13.14
C PHE A 82 -5.98 5.75 -14.60
N ASP A 83 -5.84 4.52 -15.12
CA ASP A 83 -6.20 4.17 -16.51
C ASP A 83 -7.68 4.49 -16.81
N ASN A 84 -8.54 4.05 -15.89
CA ASN A 84 -9.96 4.36 -15.88
C ASN A 84 -10.34 4.49 -14.41
N PRO A 85 -10.69 5.72 -13.91
CA PRO A 85 -10.81 6.00 -12.47
C PRO A 85 -11.88 5.10 -11.77
N GLU A 86 -12.90 4.68 -12.54
CA GLU A 86 -14.01 3.83 -12.04
C GLU A 86 -13.47 2.43 -11.65
N GLU A 87 -12.61 1.91 -12.53
CA GLU A 87 -11.98 0.58 -12.39
C GLU A 87 -10.81 0.66 -11.40
N ALA A 88 -10.19 1.84 -11.33
CA ALA A 88 -8.96 2.07 -10.55
C ALA A 88 -9.27 2.53 -9.11
N LYS A 89 -10.50 2.33 -8.66
CA LYS A 89 -10.88 2.53 -7.24
C LYS A 89 -11.14 1.18 -6.54
N VAL A 90 -11.10 0.08 -7.31
CA VAL A 90 -11.43 -1.28 -6.81
C VAL A 90 -10.34 -2.30 -7.22
N ASP A 91 -9.90 -2.23 -8.48
CA ASP A 91 -8.96 -3.22 -9.08
C ASP A 91 -7.52 -2.65 -9.13
N ASN A 92 -7.31 -1.49 -8.49
CA ASN A 92 -6.03 -0.77 -8.51
C ASN A 92 -5.11 -1.26 -7.38
N PRO A 93 -3.80 -1.50 -7.62
CA PRO A 93 -2.85 -1.80 -6.53
C PRO A 93 -2.79 -0.64 -5.48
N LEU A 94 -3.15 0.61 -5.91
CA LEU A 94 -3.17 1.80 -5.04
C LEU A 94 -4.33 1.73 -4.02
N MET A 95 -5.47 1.14 -4.43
CA MET A 95 -6.65 1.02 -3.54
C MET A 95 -6.39 -0.04 -2.45
N ASN A 96 -5.52 -1.01 -2.77
CA ASN A 96 -5.08 -2.02 -1.79
C ASN A 96 -4.09 -1.39 -0.78
N LEU A 97 -3.20 -0.52 -1.30
CA LEU A 97 -2.25 0.25 -0.46
C LEU A 97 -3.01 1.14 0.54
N SER A 98 -4.03 1.88 0.05
CA SER A 98 -4.89 2.71 0.90
C SER A 98 -5.62 1.87 1.96
N SER A 99 -6.26 0.75 1.52
CA SER A 99 -7.04 -0.15 2.40
C SER A 99 -6.19 -0.73 3.55
N ALA A 100 -5.03 -1.29 3.20
CA ALA A 100 -4.14 -1.94 4.17
C ALA A 100 -3.55 -0.93 5.16
N LEU A 101 -3.08 0.22 4.61
CA LEU A 101 -2.43 1.27 5.41
C LEU A 101 -3.43 1.91 6.38
N LYS A 102 -4.66 2.17 5.91
CA LYS A 102 -5.69 2.78 6.76
C LYS A 102 -6.13 1.79 7.84
N ARG A 103 -6.32 0.50 7.49
CA ARG A 103 -6.89 -0.46 8.44
C ARG A 103 -5.89 -0.83 9.55
N ARG A 104 -4.57 -0.70 9.28
CA ARG A 104 -3.53 -0.95 10.31
C ARG A 104 -3.38 0.26 11.27
N LEU A 105 -3.71 1.49 10.80
CA LEU A 105 -3.63 2.71 11.64
C LEU A 105 -5.04 3.08 12.19
N ASP A 106 -5.91 3.48 11.26
CA ASP A 106 -7.28 3.99 11.52
C ASP A 106 -8.17 2.96 12.23
N ALA A 107 -8.27 1.75 11.63
CA ALA A 107 -9.20 0.70 12.10
C ALA A 107 -8.65 -0.04 13.33
N SER A 3 -2.49 13.40 12.41
CA SER A 3 -1.07 13.81 12.41
C SER A 3 -0.46 13.57 13.81
N GLN A 4 0.14 12.39 13.97
CA GLN A 4 0.85 11.99 15.20
C GLN A 4 2.24 11.46 14.81
N ARG A 5 3.27 11.78 15.63
CA ARG A 5 4.68 11.39 15.40
C ARG A 5 5.20 12.06 14.11
N PRO A 6 5.76 13.30 14.21
CA PRO A 6 6.32 14.03 13.04
C PRO A 6 7.80 13.70 12.77
N VAL A 7 8.48 13.10 13.76
CA VAL A 7 9.93 12.83 13.72
C VAL A 7 10.21 11.54 12.93
N ASP A 8 10.26 11.67 11.59
CA ASP A 8 10.63 10.57 10.68
C ASP A 8 12.14 10.37 10.66
N ARG A 9 12.88 11.50 10.76
CA ARG A 9 14.37 11.56 10.80
C ARG A 9 15.01 11.41 9.38
N ASN A 10 14.26 10.78 8.46
CA ASN A 10 14.77 10.24 7.18
C ASN A 10 15.70 9.04 7.52
N PRO A 11 15.11 7.90 8.00
CA PRO A 11 15.88 6.82 8.66
C PRO A 11 16.74 6.01 7.67
N PRO A 12 17.93 5.48 8.12
CA PRO A 12 18.76 4.58 7.31
C PRO A 12 18.09 3.21 7.12
N ARG A 13 18.31 2.60 5.95
CA ARG A 13 17.72 1.31 5.59
C ARG A 13 18.57 0.19 6.23
N ILE A 14 18.06 -0.43 7.31
CA ILE A 14 18.72 -1.59 7.93
C ILE A 14 18.59 -2.82 7.01
N ASN A 15 19.47 -3.82 7.22
CA ASN A 15 19.56 -5.00 6.33
C ASN A 15 18.49 -6.04 6.69
N LEU A 16 17.36 -6.03 5.95
CA LEU A 16 16.31 -7.07 6.09
C LEU A 16 16.71 -8.29 5.25
N MET A 17 16.79 -9.45 5.90
CA MET A 17 17.06 -10.74 5.25
C MET A 17 15.75 -11.57 5.18
N PRO A 18 15.00 -11.51 4.04
CA PRO A 18 13.72 -12.23 3.90
C PRO A 18 13.91 -13.74 3.58
N THR A 19 12.88 -14.53 3.89
CA THR A 19 12.89 -15.98 3.66
C THR A 19 12.40 -16.31 2.24
N GLY A 20 13.11 -17.24 1.58
CA GLY A 20 12.71 -17.77 0.29
C GLY A 20 11.76 -18.94 0.44
N ALA A 21 12.22 -20.15 0.04
CA ALA A 21 11.48 -21.43 0.19
C ALA A 21 10.08 -21.40 -0.48
N ASN A 22 9.96 -20.53 -1.52
CA ASN A 22 8.71 -20.27 -2.29
C ASN A 22 7.68 -19.41 -1.47
N ARG A 23 7.98 -19.22 -0.17
CA ARG A 23 7.12 -18.45 0.75
C ARG A 23 7.17 -16.95 0.39
N VAL A 24 8.35 -16.51 -0.10
CA VAL A 24 8.54 -15.17 -0.67
C VAL A 24 7.57 -14.91 -1.86
N ALA A 25 7.39 -15.94 -2.71
CA ALA A 25 6.57 -15.85 -3.93
C ALA A 25 5.07 -15.64 -3.60
N MET A 26 4.59 -16.40 -2.60
CA MET A 26 3.17 -16.37 -2.18
C MET A 26 2.86 -15.18 -1.24
N ARG A 27 3.92 -14.44 -0.83
CA ARG A 27 3.77 -13.15 -0.09
C ARG A 27 3.67 -11.94 -1.04
N ASN A 28 3.53 -12.21 -2.35
CA ASN A 28 3.26 -11.18 -3.37
C ASN A 28 1.86 -11.45 -3.98
N ARG A 29 0.81 -11.20 -3.17
CA ARG A 29 -0.60 -11.53 -3.53
C ARG A 29 -1.59 -10.67 -2.72
N GLY A 30 -2.31 -9.77 -3.41
CA GLY A 30 -3.40 -8.98 -2.82
C GLY A 30 -2.98 -8.14 -1.61
N ASN A 31 -3.41 -8.56 -0.40
CA ASN A 31 -3.07 -7.87 0.86
C ASN A 31 -1.61 -8.14 1.26
N ASN A 32 -1.09 -9.31 0.83
CA ASN A 32 0.31 -9.72 1.09
C ASN A 32 1.29 -8.79 0.38
N GLU A 33 0.97 -8.44 -0.90
CA GLU A 33 1.82 -7.53 -1.70
C GLU A 33 1.55 -6.07 -1.35
N ALA A 34 0.32 -5.78 -0.85
CA ALA A 34 -0.03 -4.44 -0.32
C ALA A 34 0.79 -4.16 0.95
N ASP A 35 0.88 -5.20 1.81
CA ASP A 35 1.63 -5.16 3.08
C ASP A 35 3.12 -4.98 2.80
N ALA A 36 3.64 -5.85 1.92
CA ALA A 36 5.05 -5.83 1.47
C ALA A 36 5.42 -4.46 0.87
N ALA A 37 4.47 -3.89 0.13
CA ALA A 37 4.63 -2.59 -0.54
C ALA A 37 4.77 -1.45 0.48
N LEU A 38 3.76 -1.30 1.37
CA LEU A 38 3.71 -0.19 2.35
C LEU A 38 4.90 -0.24 3.36
N GLN A 39 5.23 -1.45 3.82
CA GLN A 39 6.35 -1.64 4.77
C GLN A 39 7.72 -1.37 4.10
N ALA A 40 7.80 -1.66 2.79
CA ALA A 40 8.97 -1.36 1.98
C ALA A 40 9.13 0.15 1.78
N LEU A 41 8.00 0.86 1.63
CA LEU A 41 7.98 2.34 1.57
C LEU A 41 8.50 2.94 2.90
N ALA A 42 8.05 2.34 4.03
CA ALA A 42 8.44 2.78 5.40
C ALA A 42 9.94 2.63 5.66
N GLN A 43 10.50 1.46 5.25
CA GLN A 43 11.94 1.18 5.44
C GLN A 43 12.80 2.07 4.51
N ASN A 44 12.23 2.44 3.35
CA ASN A 44 12.86 3.37 2.38
C ASN A 44 12.73 4.84 2.81
N GLY A 45 12.05 5.09 3.94
CA GLY A 45 12.03 6.40 4.59
C GLY A 45 10.77 7.21 4.34
N ILE A 46 9.86 6.67 3.49
CA ILE A 46 8.60 7.36 3.17
C ILE A 46 7.60 7.14 4.33
N ASN A 47 7.16 8.27 4.93
CA ASN A 47 6.18 8.31 6.04
C ASN A 47 4.86 7.63 5.65
N MET A 48 4.32 6.81 6.58
CA MET A 48 3.07 6.04 6.38
C MET A 48 1.89 6.97 6.03
N GLU A 49 1.78 8.07 6.79
CA GLU A 49 0.74 9.10 6.58
C GLU A 49 0.85 9.73 5.19
N ASP A 50 2.10 9.98 4.79
CA ASP A 50 2.44 10.75 3.57
C ASP A 50 2.09 9.98 2.29
N LEU A 51 2.61 8.74 2.20
CA LEU A 51 2.39 7.87 1.02
C LEU A 51 0.90 7.59 0.82
N ARG A 52 0.21 7.29 1.95
CA ARG A 52 -1.22 6.98 1.98
C ARG A 52 -2.01 8.20 1.49
N ALA A 53 -1.64 9.38 2.00
CA ALA A 53 -2.33 10.65 1.65
C ALA A 53 -2.30 10.89 0.13
N ALA A 54 -1.12 10.65 -0.47
CA ALA A 54 -0.90 10.84 -1.92
C ALA A 54 -1.78 9.88 -2.75
N LEU A 55 -1.60 8.57 -2.53
CA LEU A 55 -2.31 7.53 -3.32
C LEU A 55 -3.83 7.62 -3.10
N GLU A 56 -4.28 7.80 -1.83
CA GLU A 56 -5.72 7.88 -1.46
C GLU A 56 -6.37 9.08 -2.16
N ALA A 57 -5.60 10.19 -2.28
CA ALA A 57 -6.09 11.43 -2.92
C ALA A 57 -6.23 11.23 -4.42
N TYR A 58 -5.38 10.35 -4.98
CA TYR A 58 -5.48 9.97 -6.40
C TYR A 58 -6.69 9.05 -6.62
N ILE A 59 -7.08 8.26 -5.59
CA ILE A 59 -8.24 7.34 -5.67
C ILE A 59 -9.56 8.12 -5.52
N VAL A 60 -9.58 9.05 -4.57
CA VAL A 60 -10.77 9.80 -4.17
C VAL A 60 -10.94 11.06 -5.06
N TRP A 61 -9.98 12.00 -4.93
CA TRP A 61 -10.07 13.34 -5.56
C TRP A 61 -9.40 13.38 -6.95
N LEU A 62 -8.71 12.27 -7.32
CA LEU A 62 -7.91 12.15 -8.56
C LEU A 62 -6.79 13.22 -8.58
N ARG A 63 -6.01 13.29 -7.48
CA ARG A 63 -4.87 14.22 -7.32
C ARG A 63 -3.53 13.49 -7.58
N PRO A 64 -2.56 14.12 -8.33
CA PRO A 64 -1.28 13.48 -8.71
C PRO A 64 -0.43 13.08 -7.48
N ILE A 65 0.17 11.89 -7.56
CA ILE A 65 1.09 11.38 -6.54
C ILE A 65 2.49 12.01 -6.78
N PRO A 66 3.04 12.79 -5.78
CA PRO A 66 4.38 13.45 -5.90
C PRO A 66 5.50 12.47 -6.26
N LEU A 67 6.52 12.96 -6.98
CA LEU A 67 7.60 12.16 -7.64
C LEU A 67 8.23 11.15 -6.65
N ASP A 68 8.50 11.63 -5.42
CA ASP A 68 9.13 10.81 -4.34
C ASP A 68 8.31 9.56 -4.02
N ILE A 69 7.01 9.76 -3.79
CA ILE A 69 6.10 8.66 -3.46
C ILE A 69 5.83 7.79 -4.70
N ALA A 70 5.49 8.44 -5.84
CA ALA A 70 5.27 7.80 -7.15
C ALA A 70 6.40 6.80 -7.54
N ASN A 71 7.67 7.23 -7.45
CA ASN A 71 8.84 6.39 -7.81
C ASN A 71 9.02 5.29 -6.75
N ALA A 72 8.71 5.63 -5.48
CA ALA A 72 8.74 4.68 -4.36
C ALA A 72 7.69 3.56 -4.57
N LEU A 73 6.53 3.92 -5.15
CA LEU A 73 5.46 2.96 -5.43
C LEU A 73 5.91 2.01 -6.54
N GLU A 74 6.49 2.58 -7.62
CA GLU A 74 7.08 1.79 -8.72
C GLU A 74 8.24 0.91 -8.23
N GLY A 75 8.90 1.39 -7.15
CA GLY A 75 9.96 0.64 -6.49
C GLY A 75 9.44 -0.56 -5.72
N VAL A 76 8.21 -0.42 -5.17
CA VAL A 76 7.52 -1.51 -4.42
C VAL A 76 6.47 -2.23 -5.30
N GLY A 77 6.51 -1.97 -6.64
CA GLY A 77 5.77 -2.76 -7.65
C GLY A 77 4.38 -2.23 -7.99
N ILE A 78 4.00 -1.09 -7.40
CA ILE A 78 2.67 -0.46 -7.60
C ILE A 78 2.78 0.64 -8.68
N THR A 79 1.78 0.76 -9.57
CA THR A 79 1.77 1.78 -10.62
C THR A 79 0.89 3.00 -10.18
N PRO A 80 1.50 4.21 -9.98
CA PRO A 80 0.76 5.45 -9.63
C PRO A 80 0.07 6.10 -10.86
N ARG A 81 -0.94 5.42 -11.44
CA ARG A 81 -1.68 5.94 -12.62
C ARG A 81 -3.16 5.53 -12.59
N PHE A 82 -4.01 6.39 -13.17
CA PHE A 82 -5.46 6.14 -13.34
C PHE A 82 -5.79 6.22 -14.84
N ASP A 83 -5.64 5.07 -15.52
CA ASP A 83 -5.98 4.94 -16.95
C ASP A 83 -7.50 5.09 -17.17
N ASN A 84 -8.25 4.54 -16.21
CA ASN A 84 -9.71 4.68 -16.12
C ASN A 84 -10.04 4.82 -14.63
N PRO A 85 -10.56 6.01 -14.17
CA PRO A 85 -10.73 6.30 -12.73
C PRO A 85 -11.80 5.41 -12.08
N GLU A 86 -12.82 5.04 -12.87
CA GLU A 86 -14.00 4.28 -12.40
C GLU A 86 -13.60 2.84 -12.02
N GLU A 87 -12.53 2.36 -12.65
CA GLU A 87 -12.00 1.00 -12.47
C GLU A 87 -10.86 1.05 -11.43
N ALA A 88 -10.11 2.14 -11.47
CA ALA A 88 -8.92 2.35 -10.63
C ALA A 88 -9.29 2.84 -9.20
N LYS A 89 -10.58 2.85 -8.88
CA LYS A 89 -11.05 3.11 -7.51
C LYS A 89 -11.26 1.76 -6.75
N VAL A 90 -11.51 0.69 -7.50
CA VAL A 90 -11.98 -0.61 -6.95
C VAL A 90 -10.96 -1.75 -7.15
N ASP A 91 -10.41 -1.90 -8.36
CA ASP A 91 -9.51 -3.03 -8.72
C ASP A 91 -8.01 -2.61 -8.71
N ASN A 92 -7.75 -1.33 -8.43
CA ASN A 92 -6.40 -0.73 -8.49
C ASN A 92 -5.47 -1.31 -7.39
N PRO A 93 -4.17 -1.61 -7.71
CA PRO A 93 -3.16 -1.97 -6.69
C PRO A 93 -3.01 -0.87 -5.59
N LEU A 94 -3.27 0.41 -5.97
CA LEU A 94 -3.25 1.58 -5.05
C LEU A 94 -4.37 1.50 -4.01
N MET A 95 -5.52 0.91 -4.38
CA MET A 95 -6.70 0.82 -3.47
C MET A 95 -6.46 -0.26 -2.40
N ASN A 96 -5.60 -1.25 -2.72
CA ASN A 96 -5.13 -2.26 -1.73
C ASN A 96 -4.17 -1.61 -0.73
N LEU A 97 -3.29 -0.72 -1.25
CA LEU A 97 -2.35 0.08 -0.44
C LEU A 97 -3.10 1.01 0.53
N SER A 98 -4.14 1.72 0.02
CA SER A 98 -4.95 2.66 0.84
C SER A 98 -5.72 1.91 1.93
N SER A 99 -6.40 0.80 1.53
CA SER A 99 -7.21 -0.03 2.47
C SER A 99 -6.34 -0.57 3.61
N ALA A 100 -5.18 -1.14 3.25
CA ALA A 100 -4.25 -1.76 4.22
C ALA A 100 -3.60 -0.70 5.15
N LEU A 101 -3.18 0.43 4.55
CA LEU A 101 -2.51 1.51 5.29
C LEU A 101 -3.52 2.27 6.20
N LYS A 102 -4.78 2.38 5.78
CA LYS A 102 -5.79 3.04 6.62
C LYS A 102 -6.21 2.11 7.77
N ARG A 103 -6.30 0.79 7.53
CA ARG A 103 -6.78 -0.16 8.56
C ARG A 103 -5.71 -0.43 9.64
N ARG A 104 -4.42 -0.21 9.31
CA ARG A 104 -3.35 -0.31 10.33
C ARG A 104 -3.32 0.93 11.27
N LEU A 105 -4.01 2.03 10.87
CA LEU A 105 -4.04 3.29 11.65
C LEU A 105 -5.47 3.56 12.20
N ASP A 106 -6.41 3.83 11.27
CA ASP A 106 -7.82 4.16 11.54
C ASP A 106 -8.57 3.01 12.23
N ALA A 107 -8.46 1.79 11.67
CA ALA A 107 -9.26 0.63 12.12
C ALA A 107 -8.47 -0.21 13.16
N SER A 3 8.36 22.96 15.52
CA SER A 3 8.37 21.49 15.44
C SER A 3 7.21 20.99 14.54
N GLN A 4 5.95 21.24 14.99
CA GLN A 4 4.70 20.82 14.29
C GLN A 4 4.69 19.31 13.97
N ARG A 5 5.38 18.54 14.82
CA ARG A 5 5.51 17.09 14.69
C ARG A 5 5.23 16.43 16.06
N PRO A 6 3.93 16.12 16.36
CA PRO A 6 3.53 15.45 17.62
C PRO A 6 3.77 13.92 17.59
N VAL A 7 3.93 13.38 16.36
CA VAL A 7 3.99 11.93 16.08
C VAL A 7 2.72 11.23 16.63
N ASP A 8 1.61 11.43 15.90
CA ASP A 8 0.28 10.90 16.27
C ASP A 8 0.25 9.36 16.23
N ARG A 9 0.88 8.82 15.18
CA ARG A 9 0.92 7.38 14.92
C ARG A 9 1.99 6.69 15.80
N ASN A 10 1.64 5.49 16.27
CA ASN A 10 2.48 4.66 17.17
C ASN A 10 3.61 3.97 16.36
N PRO A 11 4.75 3.56 17.03
CA PRO A 11 5.87 2.84 16.37
C PRO A 11 5.39 1.53 15.67
N PRO A 12 5.87 1.22 14.42
CA PRO A 12 5.49 -0.01 13.69
C PRO A 12 5.84 -1.31 14.46
N ARG A 13 4.90 -2.26 14.47
CA ARG A 13 5.06 -3.56 15.14
C ARG A 13 6.05 -4.44 14.35
N ILE A 14 7.04 -4.99 15.06
CA ILE A 14 8.07 -5.88 14.50
C ILE A 14 7.51 -7.32 14.44
N ASN A 15 6.95 -7.68 13.28
CA ASN A 15 6.37 -9.00 13.02
C ASN A 15 7.34 -9.84 12.19
N LEU A 16 7.52 -11.10 12.59
CA LEU A 16 8.42 -12.05 11.91
C LEU A 16 7.71 -12.70 10.70
N MET A 17 8.41 -13.66 10.08
CA MET A 17 7.92 -14.38 8.89
C MET A 17 6.70 -15.27 9.24
N PRO A 18 5.49 -14.99 8.65
CA PRO A 18 4.27 -15.81 8.89
C PRO A 18 4.48 -17.29 8.51
N THR A 19 4.23 -18.20 9.48
CA THR A 19 4.41 -19.66 9.31
C THR A 19 3.24 -20.31 8.54
N GLY A 20 2.31 -19.48 8.01
CA GLY A 20 1.22 -19.94 7.16
C GLY A 20 1.67 -20.56 5.83
N ALA A 21 2.94 -20.27 5.45
CA ALA A 21 3.60 -20.78 4.21
C ALA A 21 2.97 -20.21 2.93
N ASN A 22 3.66 -20.42 1.78
CA ASN A 22 3.25 -19.98 0.43
C ASN A 22 3.30 -18.44 0.27
N ARG A 23 2.43 -17.75 1.02
CA ARG A 23 2.40 -16.27 1.14
C ARG A 23 3.79 -15.69 1.47
N VAL A 24 4.47 -16.33 2.44
CA VAL A 24 5.80 -15.90 2.92
C VAL A 24 6.93 -16.37 1.96
N ALA A 25 6.64 -17.39 1.12
CA ALA A 25 7.62 -17.97 0.20
C ALA A 25 7.80 -17.11 -1.06
N MET A 26 6.68 -16.82 -1.74
CA MET A 26 6.69 -16.07 -3.02
C MET A 26 6.48 -14.57 -2.80
N ARG A 27 5.69 -14.21 -1.75
CA ARG A 27 5.20 -12.84 -1.49
C ARG A 27 4.31 -12.33 -2.66
N ASN A 28 3.87 -11.06 -2.56
CA ASN A 28 3.08 -10.36 -3.59
C ASN A 28 1.77 -11.11 -3.94
N ARG A 29 0.66 -10.76 -3.26
CA ARG A 29 -0.64 -11.41 -3.50
C ARG A 29 -1.79 -10.58 -2.90
N GLY A 30 -2.31 -9.63 -3.71
CA GLY A 30 -3.48 -8.81 -3.35
C GLY A 30 -3.23 -7.85 -2.16
N ASN A 31 -3.66 -8.26 -0.96
CA ASN A 31 -3.44 -7.48 0.26
C ASN A 31 -2.04 -7.75 0.83
N ASN A 32 -1.45 -8.91 0.47
CA ASN A 32 -0.05 -9.24 0.84
C ASN A 32 0.91 -8.27 0.15
N GLU A 33 0.68 -7.99 -1.14
CA GLU A 33 1.55 -7.07 -1.91
C GLU A 33 1.31 -5.63 -1.48
N ALA A 34 0.08 -5.33 -1.03
CA ALA A 34 -0.29 -4.02 -0.47
C ALA A 34 0.47 -3.76 0.83
N ASP A 35 0.43 -4.76 1.73
CA ASP A 35 1.05 -4.69 3.06
C ASP A 35 2.58 -4.64 2.93
N ALA A 36 3.11 -5.55 2.12
CA ALA A 36 4.54 -5.61 1.77
C ALA A 36 5.02 -4.30 1.13
N ALA A 37 4.14 -3.69 0.30
CA ALA A 37 4.43 -2.43 -0.37
C ALA A 37 4.63 -1.29 0.62
N LEU A 38 3.62 -1.06 1.49
CA LEU A 38 3.63 0.07 2.44
C LEU A 38 4.76 -0.06 3.48
N GLN A 39 4.96 -1.27 4.01
CA GLN A 39 6.05 -1.54 4.98
C GLN A 39 7.43 -1.38 4.29
N ALA A 40 7.48 -1.67 2.98
CA ALA A 40 8.70 -1.45 2.17
C ALA A 40 8.94 0.05 1.97
N LEU A 41 7.86 0.81 1.74
CA LEU A 41 7.91 2.29 1.63
C LEU A 41 8.46 2.90 2.93
N ALA A 42 8.01 2.33 4.07
CA ALA A 42 8.41 2.77 5.41
C ALA A 42 9.92 2.54 5.64
N GLN A 43 10.41 1.33 5.27
CA GLN A 43 11.86 1.00 5.41
C GLN A 43 12.71 1.71 4.34
N ASN A 44 12.06 2.18 3.24
CA ASN A 44 12.72 3.02 2.22
C ASN A 44 12.87 4.46 2.74
N GLY A 45 11.99 4.86 3.67
CA GLY A 45 12.07 6.17 4.32
C GLY A 45 10.84 7.05 4.13
N ILE A 46 9.87 6.60 3.32
CA ILE A 46 8.63 7.35 3.03
C ILE A 46 7.64 7.16 4.20
N ASN A 47 7.13 8.27 4.76
CA ASN A 47 6.24 8.27 5.93
C ASN A 47 4.85 7.70 5.58
N MET A 48 4.32 6.85 6.51
CA MET A 48 3.01 6.15 6.37
C MET A 48 1.87 7.12 6.02
N GLU A 49 1.88 8.28 6.71
CA GLU A 49 0.83 9.31 6.58
C GLU A 49 0.87 9.96 5.19
N ASP A 50 2.09 10.30 4.73
CA ASP A 50 2.32 11.06 3.47
C ASP A 50 2.05 10.23 2.22
N LEU A 51 2.57 8.98 2.19
CA LEU A 51 2.38 8.07 1.03
C LEU A 51 0.90 7.78 0.82
N ARG A 52 0.18 7.61 1.94
CA ARG A 52 -1.25 7.31 1.95
C ARG A 52 -2.02 8.55 1.49
N ALA A 53 -1.63 9.74 1.98
CA ALA A 53 -2.24 11.02 1.60
C ALA A 53 -2.21 11.23 0.08
N ALA A 54 -1.06 10.87 -0.52
CA ALA A 54 -0.81 11.01 -1.96
C ALA A 54 -1.71 10.09 -2.78
N LEU A 55 -1.62 8.76 -2.50
CA LEU A 55 -2.38 7.76 -3.24
C LEU A 55 -3.89 7.94 -3.04
N GLU A 56 -4.35 8.16 -1.77
CA GLU A 56 -5.79 8.35 -1.45
C GLU A 56 -6.35 9.58 -2.20
N ALA A 57 -5.52 10.63 -2.37
CA ALA A 57 -5.91 11.86 -3.07
C ALA A 57 -6.09 11.57 -4.56
N TYR A 58 -5.31 10.60 -5.07
CA TYR A 58 -5.45 10.13 -6.46
C TYR A 58 -6.70 9.24 -6.62
N ILE A 59 -7.09 8.51 -5.54
CA ILE A 59 -8.26 7.59 -5.58
C ILE A 59 -9.58 8.37 -5.42
N VAL A 60 -9.53 9.43 -4.61
CA VAL A 60 -10.72 10.22 -4.22
C VAL A 60 -10.89 11.43 -5.14
N TRP A 61 -9.85 12.28 -5.22
CA TRP A 61 -9.92 13.58 -5.93
C TRP A 61 -9.28 13.50 -7.34
N LEU A 62 -8.58 12.38 -7.63
CA LEU A 62 -7.83 12.17 -8.89
C LEU A 62 -6.63 13.14 -9.01
N ARG A 63 -5.94 13.37 -7.87
CA ARG A 63 -4.74 14.24 -7.80
C ARG A 63 -3.45 13.40 -7.96
N PRO A 64 -2.58 13.72 -9.00
CA PRO A 64 -1.30 13.02 -9.24
C PRO A 64 -0.42 12.86 -7.97
N ILE A 65 0.33 11.76 -7.91
CA ILE A 65 1.18 11.42 -6.75
C ILE A 65 2.57 12.08 -6.92
N PRO A 66 3.07 12.86 -5.88
CA PRO A 66 4.40 13.52 -5.91
C PRO A 66 5.54 12.52 -6.21
N LEU A 67 6.58 13.00 -6.91
CA LEU A 67 7.60 12.15 -7.56
C LEU A 67 8.26 11.17 -6.57
N ASP A 68 8.58 11.67 -5.35
CA ASP A 68 9.20 10.86 -4.26
C ASP A 68 8.38 9.60 -3.96
N ILE A 69 7.10 9.84 -3.65
CA ILE A 69 6.17 8.77 -3.28
C ILE A 69 5.89 7.87 -4.51
N ALA A 70 5.50 8.50 -5.64
CA ALA A 70 5.25 7.84 -6.94
C ALA A 70 6.35 6.84 -7.36
N ASN A 71 7.64 7.28 -7.34
CA ASN A 71 8.78 6.42 -7.74
C ASN A 71 8.97 5.29 -6.72
N ALA A 72 8.72 5.61 -5.43
CA ALA A 72 8.77 4.64 -4.33
C ALA A 72 7.72 3.54 -4.53
N LEU A 73 6.54 3.93 -5.04
CA LEU A 73 5.44 2.99 -5.31
C LEU A 73 5.87 2.02 -6.42
N GLU A 74 6.41 2.57 -7.51
CA GLU A 74 6.93 1.79 -8.65
C GLU A 74 8.05 0.82 -8.21
N GLY A 75 8.79 1.24 -7.16
CA GLY A 75 9.83 0.41 -6.55
C GLY A 75 9.24 -0.79 -5.82
N VAL A 76 8.09 -0.57 -5.14
CA VAL A 76 7.36 -1.63 -4.41
C VAL A 76 6.27 -2.29 -5.31
N GLY A 77 6.33 -1.99 -6.63
CA GLY A 77 5.56 -2.72 -7.66
C GLY A 77 4.17 -2.17 -7.94
N ILE A 78 3.90 -0.94 -7.46
CA ILE A 78 2.59 -0.26 -7.58
C ILE A 78 2.71 0.87 -8.62
N THR A 79 1.72 0.98 -9.52
CA THR A 79 1.73 2.02 -10.55
C THR A 79 0.92 3.27 -10.04
N PRO A 80 1.56 4.48 -9.99
CA PRO A 80 0.89 5.74 -9.60
C PRO A 80 0.19 6.41 -10.80
N ARG A 81 -0.78 5.68 -11.40
CA ARG A 81 -1.57 6.19 -12.54
C ARG A 81 -2.98 5.61 -12.50
N PHE A 82 -3.92 6.31 -13.17
CA PHE A 82 -5.32 5.93 -13.27
C PHE A 82 -5.69 5.74 -14.74
N ASP A 83 -5.62 4.48 -15.19
CA ASP A 83 -5.94 4.07 -16.57
C ASP A 83 -7.43 4.32 -16.88
N ASN A 84 -8.28 3.95 -15.94
CA ASN A 84 -9.72 4.24 -15.93
C ASN A 84 -10.12 4.43 -14.47
N PRO A 85 -10.69 5.60 -14.07
CA PRO A 85 -10.88 5.97 -12.64
C PRO A 85 -11.84 5.00 -11.93
N GLU A 86 -12.87 4.56 -12.67
CA GLU A 86 -13.96 3.71 -12.13
C GLU A 86 -13.43 2.31 -11.79
N GLU A 87 -12.39 1.90 -12.54
CA GLU A 87 -11.73 0.59 -12.40
C GLU A 87 -10.53 0.71 -11.45
N ALA A 88 -9.98 1.92 -11.38
CA ALA A 88 -8.77 2.22 -10.60
C ALA A 88 -9.13 2.76 -9.19
N LYS A 89 -10.39 2.63 -8.80
CA LYS A 89 -10.84 2.91 -7.41
C LYS A 89 -11.28 1.61 -6.71
N VAL A 90 -11.32 0.50 -7.47
CA VAL A 90 -11.87 -0.80 -6.99
C VAL A 90 -10.84 -1.95 -7.10
N ASP A 91 -10.10 -1.98 -8.22
CA ASP A 91 -9.13 -3.05 -8.53
C ASP A 91 -7.67 -2.58 -8.36
N ASN A 92 -7.46 -1.25 -8.37
CA ASN A 92 -6.11 -0.61 -8.40
C ASN A 92 -5.22 -1.08 -7.23
N PRO A 93 -3.92 -1.41 -7.46
CA PRO A 93 -2.97 -1.71 -6.36
C PRO A 93 -2.84 -0.53 -5.37
N LEU A 94 -3.18 0.71 -5.82
CA LEU A 94 -3.23 1.92 -4.96
C LEU A 94 -4.40 1.84 -3.96
N MET A 95 -5.54 1.27 -4.39
CA MET A 95 -6.72 1.13 -3.52
C MET A 95 -6.50 -0.01 -2.49
N ASN A 96 -5.66 -0.98 -2.87
CA ASN A 96 -5.19 -2.02 -1.93
C ASN A 96 -4.23 -1.42 -0.90
N LEU A 97 -3.37 -0.49 -1.36
CA LEU A 97 -2.42 0.26 -0.51
C LEU A 97 -3.18 1.11 0.53
N SER A 98 -4.24 1.82 0.07
CA SER A 98 -5.08 2.64 0.95
C SER A 98 -5.79 1.79 2.02
N SER A 99 -6.35 0.64 1.58
CA SER A 99 -7.07 -0.30 2.47
C SER A 99 -6.16 -0.90 3.55
N ALA A 100 -4.97 -1.37 3.15
CA ALA A 100 -4.03 -2.02 4.06
C ALA A 100 -3.39 -0.99 5.05
N LEU A 101 -3.12 0.24 4.54
CA LEU A 101 -2.52 1.31 5.36
C LEU A 101 -3.55 1.86 6.37
N LYS A 102 -4.82 1.99 5.94
CA LYS A 102 -5.88 2.51 6.84
C LYS A 102 -6.21 1.46 7.91
N ARG A 103 -6.22 0.16 7.57
CA ARG A 103 -6.58 -0.89 8.55
C ARG A 103 -5.49 -1.03 9.62
N ARG A 104 -4.20 -0.80 9.24
CA ARG A 104 -3.10 -0.86 10.23
C ARG A 104 -3.02 0.42 11.11
N LEU A 105 -3.64 1.54 10.67
CA LEU A 105 -3.75 2.78 11.50
C LEU A 105 -5.16 2.90 12.16
N ASP A 106 -6.17 3.14 11.32
CA ASP A 106 -7.58 3.40 11.72
C ASP A 106 -8.20 2.26 12.54
N ALA A 107 -8.15 1.05 11.98
CA ALA A 107 -8.81 -0.14 12.57
C ALA A 107 -8.02 -0.64 13.81
N SER A 3 26.92 -34.15 20.28
CA SER A 3 28.34 -33.91 20.64
C SER A 3 28.69 -32.43 20.43
N GLN A 4 29.58 -31.88 21.29
CA GLN A 4 30.04 -30.48 21.21
C GLN A 4 31.00 -30.33 20.02
N ARG A 5 30.45 -29.96 18.86
CA ARG A 5 31.19 -29.85 17.59
C ARG A 5 30.96 -28.47 16.96
N PRO A 6 31.92 -27.97 16.10
CA PRO A 6 31.69 -26.78 15.24
C PRO A 6 30.72 -27.09 14.07
N VAL A 7 30.44 -28.41 13.87
CA VAL A 7 29.61 -28.95 12.77
C VAL A 7 30.29 -28.63 11.42
N ASP A 8 29.95 -27.44 10.85
CA ASP A 8 30.60 -26.85 9.67
C ASP A 8 29.76 -25.65 9.23
N ARG A 9 28.54 -25.95 8.75
CA ARG A 9 27.50 -24.95 8.39
C ARG A 9 26.21 -25.26 9.16
N ASN A 10 25.34 -24.24 9.26
CA ASN A 10 24.00 -24.36 9.85
C ASN A 10 23.02 -23.52 9.03
N PRO A 11 22.21 -24.13 8.10
CA PRO A 11 21.28 -23.39 7.23
C PRO A 11 20.11 -22.77 8.04
N PRO A 12 19.84 -21.42 7.90
CA PRO A 12 18.67 -20.77 8.54
C PRO A 12 17.35 -21.28 7.93
N ARG A 13 16.51 -21.91 8.77
CA ARG A 13 15.20 -22.42 8.35
C ARG A 13 14.23 -21.25 8.06
N ILE A 14 13.84 -21.14 6.78
CA ILE A 14 13.04 -20.01 6.24
C ILE A 14 11.52 -20.21 6.41
N ASN A 15 11.14 -20.91 7.50
CA ASN A 15 9.74 -21.29 7.83
C ASN A 15 9.20 -22.33 6.84
N LEU A 16 9.20 -23.60 7.28
CA LEU A 16 8.74 -24.75 6.48
C LEU A 16 7.23 -24.95 6.70
N MET A 17 6.86 -25.09 8.01
CA MET A 17 5.45 -25.18 8.49
C MET A 17 4.75 -26.49 8.05
N PRO A 18 3.62 -26.91 8.75
CA PRO A 18 2.77 -28.05 8.32
C PRO A 18 2.13 -27.84 6.92
N THR A 19 1.97 -26.56 6.55
CA THR A 19 1.41 -26.11 5.25
C THR A 19 2.44 -25.21 4.54
N GLY A 20 2.25 -24.97 3.22
CA GLY A 20 3.04 -23.96 2.49
C GLY A 20 2.55 -22.53 2.75
N ALA A 21 2.40 -22.19 4.04
CA ALA A 21 1.88 -20.89 4.51
C ALA A 21 2.95 -19.78 4.31
N ASN A 22 4.21 -20.20 4.19
CA ASN A 22 5.37 -19.32 3.94
C ASN A 22 5.21 -18.52 2.63
N ARG A 23 4.98 -19.23 1.51
CA ARG A 23 4.97 -18.62 0.16
C ARG A 23 3.73 -17.72 -0.04
N VAL A 24 2.59 -18.12 0.55
CA VAL A 24 1.33 -17.34 0.46
C VAL A 24 1.40 -16.08 1.39
N ALA A 25 2.27 -16.14 2.42
CA ALA A 25 2.52 -15.01 3.34
C ALA A 25 3.38 -13.91 2.69
N MET A 26 4.09 -14.25 1.58
CA MET A 26 4.90 -13.29 0.79
C MET A 26 4.34 -13.12 -0.64
N ARG A 27 3.09 -13.59 -0.87
CA ARG A 27 2.46 -13.62 -2.22
C ARG A 27 1.67 -12.31 -2.50
N ASN A 28 1.33 -12.08 -3.79
CA ASN A 28 0.43 -11.01 -4.22
C ASN A 28 -1.00 -11.56 -4.30
N ARG A 29 -1.96 -10.70 -3.97
CA ARG A 29 -3.39 -11.06 -3.92
C ARG A 29 -4.17 -9.74 -3.79
N GLY A 30 -3.98 -9.05 -2.66
CA GLY A 30 -4.63 -7.77 -2.41
C GLY A 30 -4.06 -7.08 -1.18
N ASN A 31 -4.34 -7.64 0.00
CA ASN A 31 -3.92 -7.07 1.29
C ASN A 31 -2.44 -7.44 1.60
N ASN A 32 -2.05 -8.68 1.24
CA ASN A 32 -0.72 -9.23 1.55
C ASN A 32 0.40 -8.40 0.87
N GLU A 33 0.25 -8.26 -0.46
CA GLU A 33 1.16 -7.47 -1.32
C GLU A 33 1.20 -6.00 -0.89
N ALA A 34 0.04 -5.49 -0.45
CA ALA A 34 -0.15 -4.08 -0.10
C ALA A 34 0.63 -3.71 1.16
N ASP A 35 0.49 -4.54 2.21
CA ASP A 35 1.20 -4.36 3.50
C ASP A 35 2.71 -4.54 3.32
N ALA A 36 3.11 -5.48 2.45
CA ALA A 36 4.52 -5.70 2.06
C ALA A 36 5.09 -4.45 1.35
N ALA A 37 4.25 -3.84 0.51
CA ALA A 37 4.61 -2.66 -0.30
C ALA A 37 4.82 -1.42 0.58
N LEU A 38 3.82 -1.09 1.43
CA LEU A 38 3.87 0.10 2.30
C LEU A 38 4.97 0.01 3.37
N GLN A 39 5.16 -1.19 3.96
CA GLN A 39 6.23 -1.40 4.96
C GLN A 39 7.62 -1.24 4.31
N ALA A 40 7.71 -1.62 3.00
CA ALA A 40 8.92 -1.41 2.20
C ALA A 40 9.14 0.10 1.96
N LEU A 41 8.04 0.85 1.75
CA LEU A 41 8.08 2.33 1.64
C LEU A 41 8.56 2.98 2.96
N ALA A 42 8.13 2.40 4.09
CA ALA A 42 8.49 2.89 5.45
C ALA A 42 10.00 2.80 5.68
N GLN A 43 10.58 1.61 5.39
CA GLN A 43 12.04 1.38 5.50
C GLN A 43 12.83 2.12 4.39
N ASN A 44 12.14 2.46 3.27
CA ASN A 44 12.72 3.33 2.21
C ASN A 44 12.75 4.81 2.67
N GLY A 45 12.00 5.14 3.73
CA GLY A 45 12.03 6.47 4.36
C GLY A 45 10.76 7.28 4.16
N ILE A 46 9.82 6.76 3.34
CA ILE A 46 8.53 7.42 3.08
C ILE A 46 7.57 7.09 4.24
N ASN A 47 7.13 8.15 4.95
CA ASN A 47 6.20 8.03 6.09
C ASN A 47 4.84 7.45 5.64
N MET A 48 4.27 6.61 6.53
CA MET A 48 3.00 5.89 6.32
C MET A 48 1.86 6.85 5.90
N GLU A 49 1.82 8.00 6.57
CA GLU A 49 0.76 9.01 6.38
C GLU A 49 0.89 9.71 5.01
N ASP A 50 2.14 10.02 4.62
CA ASP A 50 2.43 10.77 3.37
C ASP A 50 2.05 9.96 2.13
N LEU A 51 2.53 8.69 2.06
CA LEU A 51 2.31 7.82 0.90
C LEU A 51 0.81 7.56 0.70
N ARG A 52 0.10 7.32 1.82
CA ARG A 52 -1.36 7.05 1.82
C ARG A 52 -2.11 8.30 1.33
N ALA A 53 -1.73 9.48 1.86
CA ALA A 53 -2.38 10.76 1.52
C ALA A 53 -2.28 11.05 0.00
N ALA A 54 -1.11 10.77 -0.56
CA ALA A 54 -0.81 10.98 -1.98
C ALA A 54 -1.67 10.09 -2.88
N LEU A 55 -1.58 8.76 -2.65
CA LEU A 55 -2.29 7.78 -3.47
C LEU A 55 -3.81 7.92 -3.30
N GLU A 56 -4.30 8.17 -2.06
CA GLU A 56 -5.75 8.31 -1.76
C GLU A 56 -6.30 9.57 -2.43
N ALA A 57 -5.44 10.61 -2.56
CA ALA A 57 -5.79 11.86 -3.24
C ALA A 57 -5.91 11.61 -4.73
N TYR A 58 -5.17 10.61 -5.25
CA TYR A 58 -5.27 10.19 -6.65
C TYR A 58 -6.52 9.29 -6.84
N ILE A 59 -6.98 8.60 -5.76
CA ILE A 59 -8.18 7.72 -5.81
C ILE A 59 -9.48 8.54 -5.72
N VAL A 60 -9.44 9.57 -4.87
CA VAL A 60 -10.61 10.41 -4.54
C VAL A 60 -10.63 11.68 -5.42
N TRP A 61 -9.57 12.48 -5.29
CA TRP A 61 -9.49 13.83 -5.92
C TRP A 61 -8.86 13.77 -7.33
N LEU A 62 -8.30 12.59 -7.70
CA LEU A 62 -7.58 12.36 -8.97
C LEU A 62 -6.36 13.29 -9.13
N ARG A 63 -5.68 13.56 -8.00
CA ARG A 63 -4.49 14.43 -7.94
C ARG A 63 -3.21 13.60 -8.18
N PRO A 64 -2.28 14.06 -9.09
CA PRO A 64 -1.03 13.34 -9.41
C PRO A 64 -0.14 13.16 -8.16
N ILE A 65 0.30 11.91 -7.93
CA ILE A 65 1.16 11.54 -6.79
C ILE A 65 2.55 12.19 -6.93
N PRO A 66 3.05 12.96 -5.88
CA PRO A 66 4.38 13.61 -5.90
C PRO A 66 5.50 12.61 -6.24
N LEU A 67 6.47 13.08 -7.05
CA LEU A 67 7.54 12.26 -7.70
C LEU A 67 8.21 11.30 -6.69
N ASP A 68 8.44 11.79 -5.47
CA ASP A 68 9.06 11.04 -4.35
C ASP A 68 8.29 9.74 -4.07
N ILE A 69 7.00 9.92 -3.76
CA ILE A 69 6.11 8.82 -3.42
C ILE A 69 5.84 7.93 -4.65
N ALA A 70 5.48 8.56 -5.79
CA ALA A 70 5.29 7.90 -7.12
C ALA A 70 6.40 6.89 -7.47
N ASN A 71 7.68 7.35 -7.42
CA ASN A 71 8.86 6.51 -7.80
C ASN A 71 9.07 5.41 -6.74
N ALA A 72 8.76 5.75 -5.46
CA ALA A 72 8.81 4.79 -4.33
C ALA A 72 7.81 3.64 -4.54
N LEU A 73 6.61 3.98 -5.06
CA LEU A 73 5.56 3.01 -5.35
C LEU A 73 6.03 2.06 -6.44
N GLU A 74 6.58 2.64 -7.52
CA GLU A 74 7.19 1.89 -8.65
C GLU A 74 8.36 1.01 -8.19
N GLY A 75 9.00 1.42 -7.09
CA GLY A 75 10.06 0.64 -6.45
C GLY A 75 9.50 -0.60 -5.74
N VAL A 76 8.31 -0.45 -5.11
CA VAL A 76 7.64 -1.56 -4.37
C VAL A 76 6.57 -2.28 -5.22
N GLY A 77 6.59 -2.04 -6.55
CA GLY A 77 5.81 -2.83 -7.53
C GLY A 77 4.39 -2.32 -7.74
N ILE A 78 4.13 -1.06 -7.37
CA ILE A 78 2.83 -0.38 -7.51
C ILE A 78 2.95 0.68 -8.61
N THR A 79 1.92 0.79 -9.46
CA THR A 79 1.92 1.76 -10.56
C THR A 79 1.01 2.98 -10.20
N PRO A 80 1.60 4.20 -9.96
CA PRO A 80 0.84 5.44 -9.75
C PRO A 80 0.16 5.93 -11.05
N ARG A 81 -1.03 5.36 -11.38
CA ARG A 81 -1.82 5.75 -12.57
C ARG A 81 -3.28 5.29 -12.46
N PHE A 82 -4.15 5.96 -13.24
CA PHE A 82 -5.59 5.71 -13.31
C PHE A 82 -6.00 5.67 -14.79
N ASP A 83 -6.26 4.46 -15.31
CA ASP A 83 -6.71 4.23 -16.69
C ASP A 83 -8.18 4.70 -16.86
N ASN A 84 -9.01 4.23 -15.94
CA ASN A 84 -10.41 4.68 -15.77
C ASN A 84 -10.62 4.85 -14.28
N PRO A 85 -11.10 6.05 -13.80
CA PRO A 85 -11.11 6.39 -12.36
C PRO A 85 -11.89 5.35 -11.52
N GLU A 86 -13.01 4.89 -12.09
CA GLU A 86 -13.99 4.03 -11.40
C GLU A 86 -13.44 2.61 -11.17
N GLU A 87 -12.80 2.08 -12.22
CA GLU A 87 -12.18 0.74 -12.23
C GLU A 87 -10.92 0.76 -11.34
N ALA A 88 -10.27 1.92 -11.31
CA ALA A 88 -9.04 2.14 -10.55
C ALA A 88 -9.35 2.62 -9.11
N LYS A 89 -10.62 2.52 -8.68
CA LYS A 89 -11.02 2.72 -7.27
C LYS A 89 -11.30 1.37 -6.59
N VAL A 90 -11.37 0.29 -7.38
CA VAL A 90 -11.77 -1.06 -6.91
C VAL A 90 -10.66 -2.11 -7.14
N ASP A 91 -10.07 -2.12 -8.33
CA ASP A 91 -9.02 -3.10 -8.72
C ASP A 91 -7.76 -2.34 -9.17
N ASN A 92 -7.35 -1.37 -8.34
CA ASN A 92 -6.08 -0.66 -8.49
C ASN A 92 -5.12 -1.12 -7.37
N PRO A 93 -3.82 -1.39 -7.66
CA PRO A 93 -2.82 -1.68 -6.60
C PRO A 93 -2.68 -0.51 -5.59
N LEU A 94 -3.11 0.71 -5.98
CA LEU A 94 -3.11 1.91 -5.12
C LEU A 94 -4.24 1.86 -4.10
N MET A 95 -5.41 1.30 -4.49
CA MET A 95 -6.57 1.19 -3.59
C MET A 95 -6.35 0.04 -2.59
N ASN A 96 -5.51 -0.95 -2.98
CA ASN A 96 -5.05 -2.01 -2.05
C ASN A 96 -4.10 -1.40 -1.00
N LEU A 97 -3.20 -0.50 -1.46
CA LEU A 97 -2.25 0.23 -0.60
C LEU A 97 -2.98 1.16 0.40
N SER A 98 -4.02 1.88 -0.07
CA SER A 98 -4.86 2.75 0.79
C SER A 98 -5.58 1.92 1.86
N SER A 99 -6.18 0.79 1.43
CA SER A 99 -6.92 -0.14 2.32
C SER A 99 -6.02 -0.71 3.42
N ALA A 100 -4.84 -1.20 3.05
CA ALA A 100 -3.90 -1.83 4.00
C ALA A 100 -3.33 -0.81 5.00
N LEU A 101 -2.95 0.37 4.49
CA LEU A 101 -2.37 1.45 5.29
C LEU A 101 -3.42 2.00 6.30
N LYS A 102 -4.68 2.17 5.85
CA LYS A 102 -5.72 2.68 6.74
C LYS A 102 -6.08 1.62 7.80
N ARG A 103 -6.18 0.32 7.42
CA ARG A 103 -6.67 -0.74 8.33
C ARG A 103 -5.67 -1.01 9.47
N ARG A 104 -4.36 -0.82 9.21
CA ARG A 104 -3.34 -0.99 10.27
C ARG A 104 -3.33 0.21 11.26
N LEU A 105 -3.97 1.34 10.85
CA LEU A 105 -4.08 2.56 11.71
C LEU A 105 -5.52 2.81 12.21
N ASP A 106 -6.52 2.14 11.63
CA ASP A 106 -7.96 2.40 11.87
C ASP A 106 -8.70 1.14 12.36
N ALA A 107 -8.40 0.00 11.74
CA ALA A 107 -9.12 -1.27 11.98
C ALA A 107 -8.31 -2.19 12.93
N SER A 3 -3.60 -14.78 -14.53
CA SER A 3 -4.77 -14.64 -13.67
C SER A 3 -5.67 -15.88 -13.77
N GLN A 4 -6.20 -16.14 -14.99
CA GLN A 4 -7.14 -17.25 -15.31
C GLN A 4 -8.44 -17.09 -14.49
N ARG A 5 -8.43 -17.53 -13.22
CA ARG A 5 -9.48 -17.20 -12.23
C ARG A 5 -8.88 -16.25 -11.19
N PRO A 6 -9.52 -15.08 -10.90
CA PRO A 6 -9.00 -14.10 -9.91
C PRO A 6 -9.01 -14.68 -8.48
N VAL A 7 -10.00 -15.56 -8.21
CA VAL A 7 -10.26 -16.16 -6.89
C VAL A 7 -10.46 -15.03 -5.86
N ASP A 8 -11.69 -14.48 -5.88
CA ASP A 8 -12.06 -13.33 -5.06
C ASP A 8 -12.18 -13.74 -3.59
N ARG A 9 -13.15 -14.64 -3.31
CA ARG A 9 -13.40 -15.19 -1.96
C ARG A 9 -13.77 -14.07 -0.95
N ASN A 10 -13.70 -14.41 0.33
CA ASN A 10 -13.77 -13.44 1.44
C ASN A 10 -12.76 -13.93 2.50
N PRO A 11 -11.43 -13.73 2.23
CA PRO A 11 -10.35 -14.36 3.06
C PRO A 11 -10.36 -13.86 4.51
N PRO A 12 -9.98 -14.74 5.51
CA PRO A 12 -9.76 -14.31 6.90
C PRO A 12 -8.71 -13.18 6.95
N ARG A 13 -9.11 -12.02 7.49
CA ARG A 13 -8.28 -10.81 7.52
C ARG A 13 -7.06 -11.02 8.42
N ILE A 14 -5.88 -10.62 7.94
CA ILE A 14 -4.62 -10.76 8.69
C ILE A 14 -4.56 -9.67 9.77
N ASN A 15 -5.21 -9.93 10.92
CA ASN A 15 -5.31 -9.00 12.04
C ASN A 15 -4.06 -9.04 12.92
N LEU A 16 -4.03 -8.16 13.95
CA LEU A 16 -2.86 -7.92 14.82
C LEU A 16 -1.70 -7.35 13.99
N MET A 17 -0.91 -8.27 13.37
CA MET A 17 0.29 -7.94 12.60
C MET A 17 0.48 -8.99 11.48
N PRO A 18 0.66 -8.57 10.19
CA PRO A 18 1.10 -9.47 9.09
C PRO A 18 2.59 -9.84 9.15
N THR A 19 3.29 -9.32 10.19
CA THR A 19 4.73 -9.42 10.39
C THR A 19 5.43 -8.65 9.25
N GLY A 20 5.31 -7.31 9.34
CA GLY A 20 5.79 -6.39 8.31
C GLY A 20 7.31 -6.32 8.24
N ALA A 21 7.91 -7.36 7.62
CA ALA A 21 9.36 -7.50 7.51
C ALA A 21 9.73 -8.47 6.37
N ASN A 22 9.48 -9.78 6.57
CA ASN A 22 10.03 -10.85 5.71
C ASN A 22 8.95 -11.49 4.81
N ARG A 23 8.06 -12.30 5.42
CA ARG A 23 7.12 -13.16 4.67
C ARG A 23 6.07 -12.34 3.91
N VAL A 24 5.71 -11.16 4.43
CA VAL A 24 4.75 -10.27 3.77
C VAL A 24 5.43 -9.53 2.61
N ALA A 25 6.74 -9.22 2.76
CA ALA A 25 7.52 -8.48 1.76
C ALA A 25 7.69 -9.28 0.45
N MET A 26 7.74 -10.62 0.58
CA MET A 26 7.78 -11.55 -0.57
C MET A 26 6.36 -12.05 -0.95
N ARG A 27 5.33 -11.33 -0.48
CA ARG A 27 3.92 -11.71 -0.69
C ARG A 27 3.26 -10.64 -1.58
N ASN A 28 2.38 -11.08 -2.50
CA ASN A 28 1.70 -10.20 -3.46
C ASN A 28 0.23 -10.60 -3.59
N ARG A 29 -0.51 -9.83 -4.42
CA ARG A 29 -1.94 -10.00 -4.70
C ARG A 29 -2.82 -9.45 -3.55
N GLY A 30 -3.53 -8.34 -3.85
CA GLY A 30 -4.54 -7.75 -2.95
C GLY A 30 -3.93 -7.09 -1.71
N ASN A 31 -4.45 -7.47 -0.52
CA ASN A 31 -3.98 -6.92 0.77
C ASN A 31 -2.52 -7.32 1.07
N ASN A 32 -2.06 -8.44 0.46
CA ASN A 32 -0.71 -8.98 0.66
C ASN A 32 0.36 -8.07 0.04
N GLU A 33 0.16 -7.72 -1.27
CA GLU A 33 1.08 -6.79 -1.97
C GLU A 33 0.96 -5.38 -1.41
N ALA A 34 -0.25 -5.06 -0.90
CA ALA A 34 -0.55 -3.76 -0.32
C ALA A 34 0.29 -3.50 0.93
N ASP A 35 0.24 -4.47 1.86
CA ASP A 35 0.92 -4.35 3.16
C ASP A 35 2.43 -4.46 2.98
N ALA A 36 2.83 -5.38 2.08
CA ALA A 36 4.21 -5.54 1.60
C ALA A 36 4.79 -4.21 1.09
N ALA A 37 3.96 -3.52 0.30
CA ALA A 37 4.33 -2.28 -0.37
C ALA A 37 4.57 -1.16 0.65
N LEU A 38 3.57 -0.89 1.50
CA LEU A 38 3.62 0.21 2.46
C LEU A 38 4.74 0.05 3.50
N GLN A 39 4.93 -1.18 4.01
CA GLN A 39 6.00 -1.48 4.98
C GLN A 39 7.40 -1.32 4.30
N ALA A 40 7.45 -1.63 2.99
CA ALA A 40 8.66 -1.45 2.19
C ALA A 40 8.87 0.04 1.85
N LEU A 41 7.78 0.81 1.75
CA LEU A 41 7.84 2.28 1.59
C LEU A 41 8.40 2.93 2.87
N ALA A 42 8.01 2.34 4.02
CA ALA A 42 8.46 2.81 5.34
C ALA A 42 9.98 2.61 5.52
N GLN A 43 10.50 1.43 5.07
CA GLN A 43 11.96 1.17 5.09
C GLN A 43 12.69 2.00 4.01
N ASN A 44 11.99 2.36 2.92
CA ASN A 44 12.53 3.25 1.85
C ASN A 44 12.54 4.73 2.31
N GLY A 45 11.88 5.01 3.45
CA GLY A 45 11.96 6.33 4.10
C GLY A 45 10.72 7.20 3.91
N ILE A 46 9.72 6.69 3.19
CA ILE A 46 8.46 7.41 2.95
C ILE A 46 7.53 7.18 4.15
N ASN A 47 7.06 8.29 4.76
CA ASN A 47 6.15 8.26 5.93
C ASN A 47 4.80 7.62 5.55
N MET A 48 4.29 6.75 6.46
CA MET A 48 3.01 6.02 6.32
C MET A 48 1.85 6.96 5.93
N GLU A 49 1.87 8.14 6.55
CA GLU A 49 0.84 9.17 6.38
C GLU A 49 0.88 9.79 4.98
N ASP A 50 2.10 10.19 4.54
CA ASP A 50 2.29 10.94 3.27
C ASP A 50 2.04 10.07 2.03
N LEU A 51 2.55 8.82 2.04
CA LEU A 51 2.34 7.88 0.90
C LEU A 51 0.85 7.64 0.69
N ARG A 52 0.16 7.41 1.82
CA ARG A 52 -1.29 7.13 1.86
C ARG A 52 -2.06 8.37 1.40
N ALA A 53 -1.63 9.55 1.85
CA ALA A 53 -2.29 10.83 1.52
C ALA A 53 -2.25 11.08 0.00
N ALA A 54 -1.09 10.82 -0.61
CA ALA A 54 -0.85 11.02 -2.04
C ALA A 54 -1.74 10.09 -2.89
N LEU A 55 -1.62 8.77 -2.61
CA LEU A 55 -2.37 7.76 -3.37
C LEU A 55 -3.88 7.89 -3.14
N GLU A 56 -4.31 8.10 -1.86
CA GLU A 56 -5.76 8.19 -1.50
C GLU A 56 -6.39 9.40 -2.20
N ALA A 57 -5.61 10.48 -2.35
CA ALA A 57 -6.07 11.71 -3.00
C ALA A 57 -6.15 11.50 -4.49
N TYR A 58 -5.31 10.58 -5.03
CA TYR A 58 -5.38 10.18 -6.44
C TYR A 58 -6.58 9.25 -6.68
N ILE A 59 -7.05 8.56 -5.61
CA ILE A 59 -8.24 7.69 -5.71
C ILE A 59 -9.53 8.52 -5.59
N VAL A 60 -9.56 9.41 -4.60
CA VAL A 60 -10.77 10.14 -4.22
C VAL A 60 -10.92 11.43 -5.05
N TRP A 61 -9.86 12.25 -5.09
CA TRP A 61 -9.89 13.61 -5.71
C TRP A 61 -9.16 13.65 -7.06
N LEU A 62 -8.43 12.55 -7.39
CA LEU A 62 -7.60 12.41 -8.62
C LEU A 62 -6.38 13.39 -8.62
N ARG A 63 -5.72 13.52 -7.46
CA ARG A 63 -4.47 14.33 -7.29
C ARG A 63 -3.24 13.56 -7.83
N PRO A 64 -2.30 14.22 -8.58
CA PRO A 64 -1.07 13.56 -9.09
C PRO A 64 -0.08 13.23 -7.95
N ILE A 65 0.30 11.95 -7.82
CA ILE A 65 1.23 11.47 -6.80
C ILE A 65 2.65 12.06 -7.04
N PRO A 66 3.22 12.84 -6.05
CA PRO A 66 4.56 13.51 -6.19
C PRO A 66 5.66 12.49 -6.54
N LEU A 67 6.68 12.96 -7.29
CA LEU A 67 7.73 12.09 -7.90
C LEU A 67 8.35 11.13 -6.86
N ASP A 68 8.59 11.67 -5.64
CA ASP A 68 9.17 10.91 -4.49
C ASP A 68 8.35 9.63 -4.21
N ILE A 69 7.07 9.83 -3.92
CA ILE A 69 6.15 8.74 -3.55
C ILE A 69 5.86 7.85 -4.77
N ALA A 70 5.61 8.48 -5.94
CA ALA A 70 5.39 7.79 -7.24
C ALA A 70 6.48 6.74 -7.56
N ASN A 71 7.77 7.15 -7.51
CA ASN A 71 8.92 6.25 -7.82
C ASN A 71 9.06 5.19 -6.72
N ALA A 72 8.71 5.59 -5.48
CA ALA A 72 8.68 4.70 -4.33
C ALA A 72 7.67 3.56 -4.54
N LEU A 73 6.49 3.90 -5.12
CA LEU A 73 5.43 2.94 -5.40
C LEU A 73 5.91 1.95 -6.47
N GLU A 74 6.50 2.48 -7.54
CA GLU A 74 7.11 1.66 -8.61
C GLU A 74 8.26 0.78 -8.09
N GLY A 75 8.90 1.25 -7.00
CA GLY A 75 9.95 0.52 -6.31
C GLY A 75 9.40 -0.68 -5.54
N VAL A 76 8.18 -0.52 -5.00
CA VAL A 76 7.44 -1.59 -4.29
C VAL A 76 6.38 -2.27 -5.20
N GLY A 77 6.48 -1.99 -6.53
CA GLY A 77 5.69 -2.70 -7.56
C GLY A 77 4.39 -2.02 -7.98
N ILE A 78 3.95 -1.04 -7.18
CA ILE A 78 2.64 -0.37 -7.33
C ILE A 78 2.72 0.69 -8.44
N THR A 79 1.64 0.87 -9.19
CA THR A 79 1.59 1.82 -10.30
C THR A 79 0.85 3.12 -9.85
N PRO A 80 1.54 4.31 -9.88
CA PRO A 80 0.90 5.61 -9.56
C PRO A 80 0.14 6.21 -10.77
N ARG A 81 -0.83 5.46 -11.32
CA ARG A 81 -1.63 5.92 -12.48
C ARG A 81 -3.10 5.50 -12.36
N PHE A 82 -3.96 6.34 -12.94
CA PHE A 82 -5.39 6.07 -13.14
C PHE A 82 -5.68 6.16 -14.64
N ASP A 83 -5.55 5.02 -15.33
CA ASP A 83 -5.91 4.90 -16.75
C ASP A 83 -7.43 5.02 -16.92
N ASN A 84 -8.16 4.32 -16.05
CA ASN A 84 -9.61 4.35 -15.96
C ASN A 84 -9.95 4.49 -14.48
N PRO A 85 -10.50 5.65 -14.01
CA PRO A 85 -10.77 5.88 -12.58
C PRO A 85 -11.86 4.93 -12.03
N GLU A 86 -12.74 4.44 -12.93
CA GLU A 86 -13.78 3.46 -12.57
C GLU A 86 -13.15 2.10 -12.21
N GLU A 87 -12.12 1.71 -12.98
CA GLU A 87 -11.41 0.44 -12.77
C GLU A 87 -10.34 0.59 -11.66
N ALA A 88 -9.78 1.80 -11.55
CA ALA A 88 -8.62 2.07 -10.70
C ALA A 88 -9.01 2.47 -9.27
N LYS A 89 -10.25 2.18 -8.88
CA LYS A 89 -10.70 2.34 -7.47
C LYS A 89 -11.16 1.00 -6.90
N VAL A 90 -11.06 -0.08 -7.71
CA VAL A 90 -11.49 -1.44 -7.32
C VAL A 90 -10.36 -2.47 -7.55
N ASP A 91 -9.74 -2.43 -8.73
CA ASP A 91 -8.72 -3.41 -9.16
C ASP A 91 -7.29 -2.85 -9.02
N ASN A 92 -7.19 -1.59 -8.59
CA ASN A 92 -5.89 -0.87 -8.53
C ASN A 92 -5.08 -1.34 -7.31
N PRO A 93 -3.76 -1.55 -7.45
CA PRO A 93 -2.89 -1.80 -6.28
C PRO A 93 -2.89 -0.59 -5.28
N LEU A 94 -3.26 0.63 -5.76
CA LEU A 94 -3.32 1.85 -4.92
C LEU A 94 -4.50 1.82 -3.95
N MET A 95 -5.64 1.26 -4.38
CA MET A 95 -6.85 1.17 -3.53
C MET A 95 -6.66 0.08 -2.47
N ASN A 96 -5.82 -0.92 -2.78
CA ASN A 96 -5.37 -1.93 -1.80
C ASN A 96 -4.40 -1.27 -0.80
N LEU A 97 -3.50 -0.40 -1.30
CA LEU A 97 -2.53 0.37 -0.47
C LEU A 97 -3.27 1.24 0.57
N SER A 98 -4.29 1.98 0.09
CA SER A 98 -5.11 2.86 0.94
C SER A 98 -5.82 2.06 2.03
N SER A 99 -6.51 0.97 1.61
CA SER A 99 -7.24 0.06 2.54
C SER A 99 -6.31 -0.55 3.62
N ALA A 100 -5.15 -1.05 3.20
CA ALA A 100 -4.19 -1.74 4.10
C ALA A 100 -3.56 -0.75 5.10
N LEU A 101 -3.19 0.44 4.61
CA LEU A 101 -2.54 1.48 5.43
C LEU A 101 -3.54 2.04 6.47
N LYS A 102 -4.77 2.33 6.04
CA LYS A 102 -5.78 2.90 6.95
C LYS A 102 -6.17 1.87 8.03
N ARG A 103 -6.32 0.57 7.65
CA ARG A 103 -6.79 -0.47 8.58
C ARG A 103 -5.74 -0.79 9.66
N ARG A 104 -4.44 -0.73 9.29
CA ARG A 104 -3.36 -0.99 10.29
C ARG A 104 -3.21 0.17 11.30
N LEU A 105 -3.76 1.35 10.94
CA LEU A 105 -3.80 2.54 11.84
C LEU A 105 -5.14 2.59 12.62
N ASP A 106 -6.21 2.14 11.96
CA ASP A 106 -7.60 2.25 12.46
C ASP A 106 -7.91 1.15 13.50
N ALA A 107 -7.53 -0.08 13.16
CA ALA A 107 -7.78 -1.27 14.00
C ALA A 107 -6.95 -1.20 15.30
N SER A 3 -1.13 -8.70 -18.74
CA SER A 3 -2.14 -9.69 -19.14
C SER A 3 -3.09 -9.98 -17.97
N GLN A 4 -4.42 -9.87 -18.22
CA GLN A 4 -5.46 -10.21 -17.24
C GLN A 4 -5.46 -11.72 -16.94
N ARG A 5 -5.47 -12.06 -15.64
CA ARG A 5 -5.36 -13.46 -15.15
C ARG A 5 -6.62 -14.28 -15.49
N PRO A 6 -6.54 -15.66 -15.48
CA PRO A 6 -7.74 -16.53 -15.58
C PRO A 6 -8.71 -16.34 -14.37
N VAL A 7 -8.15 -15.82 -13.25
CA VAL A 7 -8.89 -15.53 -12.01
C VAL A 7 -9.24 -14.01 -11.92
N ASP A 8 -9.34 -13.34 -13.10
CA ASP A 8 -9.67 -11.90 -13.19
C ASP A 8 -11.13 -11.69 -12.74
N ARG A 9 -12.04 -12.48 -13.33
CA ARG A 9 -13.43 -12.63 -12.88
C ARG A 9 -13.62 -14.05 -12.29
N ASN A 10 -14.91 -14.43 -12.03
CA ASN A 10 -15.31 -15.63 -11.28
C ASN A 10 -14.87 -15.48 -9.79
N PRO A 11 -15.85 -15.33 -8.83
CA PRO A 11 -15.53 -15.11 -7.39
C PRO A 11 -14.78 -16.32 -6.76
N PRO A 12 -13.49 -16.14 -6.32
CA PRO A 12 -12.75 -17.18 -5.58
C PRO A 12 -13.06 -17.10 -4.06
N ARG A 13 -12.26 -17.82 -3.27
CA ARG A 13 -12.31 -17.75 -1.79
C ARG A 13 -11.45 -16.57 -1.30
N ILE A 14 -11.53 -16.26 0.00
CA ILE A 14 -10.74 -15.19 0.62
C ILE A 14 -9.24 -15.57 0.71
N ASN A 15 -8.38 -14.54 0.64
CA ASN A 15 -6.92 -14.67 0.86
C ASN A 15 -6.43 -13.49 1.74
N LEU A 16 -7.42 -12.76 2.29
CA LEU A 16 -7.22 -11.55 3.09
C LEU A 16 -6.66 -11.91 4.49
N MET A 17 -5.42 -11.48 4.75
CA MET A 17 -4.80 -11.54 6.08
C MET A 17 -5.06 -10.19 6.80
N PRO A 18 -5.55 -10.20 8.09
CA PRO A 18 -5.86 -8.95 8.84
C PRO A 18 -4.62 -8.04 8.99
N THR A 19 -3.49 -8.63 9.38
CA THR A 19 -2.21 -7.91 9.53
C THR A 19 -1.05 -8.88 9.32
N GLY A 20 -1.26 -10.15 9.71
CA GLY A 20 -0.24 -11.17 9.59
C GLY A 20 0.96 -10.91 10.49
N ALA A 21 2.17 -10.99 9.91
CA ALA A 21 3.45 -10.70 10.58
C ALA A 21 4.59 -10.77 9.54
N ASN A 22 4.85 -12.00 9.07
CA ASN A 22 5.93 -12.31 8.10
C ASN A 22 5.33 -12.96 6.83
N ARG A 23 4.41 -13.91 7.05
CA ARG A 23 3.74 -14.65 5.96
C ARG A 23 2.91 -13.72 5.05
N VAL A 24 2.43 -12.60 5.60
CA VAL A 24 1.65 -11.58 4.85
C VAL A 24 2.53 -10.88 3.79
N ALA A 25 3.82 -10.66 4.14
CA ALA A 25 4.77 -9.91 3.32
C ALA A 25 5.26 -10.70 2.09
N MET A 26 5.36 -12.04 2.25
CA MET A 26 5.86 -12.94 1.17
C MET A 26 4.73 -13.32 0.18
N ARG A 27 3.47 -13.00 0.54
CA ARG A 27 2.28 -13.27 -0.32
C ARG A 27 1.90 -12.01 -1.12
N ASN A 28 1.02 -12.19 -2.13
CA ASN A 28 0.57 -11.13 -3.04
C ASN A 28 -0.96 -11.12 -3.14
N ARG A 29 -1.48 -10.16 -3.93
CA ARG A 29 -2.91 -9.96 -4.24
C ARG A 29 -3.71 -9.51 -2.99
N GLY A 30 -4.14 -8.24 -3.00
CA GLY A 30 -4.94 -7.68 -1.90
C GLY A 30 -4.08 -7.07 -0.81
N ASN A 31 -4.48 -7.29 0.46
CA ASN A 31 -3.77 -6.76 1.65
C ASN A 31 -2.33 -7.29 1.76
N ASN A 32 -2.08 -8.49 1.18
CA ASN A 32 -0.79 -9.18 1.29
C ASN A 32 0.35 -8.38 0.62
N GLU A 33 0.18 -8.13 -0.70
CA GLU A 33 1.14 -7.33 -1.49
C GLU A 33 1.14 -5.86 -1.03
N ALA A 34 -0.03 -5.39 -0.57
CA ALA A 34 -0.23 -4.01 -0.13
C ALA A 34 0.52 -3.70 1.15
N ASP A 35 0.46 -4.64 2.11
CA ASP A 35 1.09 -4.50 3.45
C ASP A 35 2.60 -4.58 3.29
N ALA A 36 3.03 -5.54 2.45
CA ALA A 36 4.43 -5.69 2.02
C ALA A 36 4.96 -4.40 1.34
N ALA A 37 4.09 -3.79 0.51
CA ALA A 37 4.43 -2.60 -0.30
C ALA A 37 4.65 -1.37 0.60
N LEU A 38 3.69 -1.09 1.50
CA LEU A 38 3.75 0.08 2.39
C LEU A 38 4.91 -0.01 3.39
N GLN A 39 5.14 -1.22 3.97
CA GLN A 39 6.26 -1.44 4.92
C GLN A 39 7.61 -1.28 4.19
N ALA A 40 7.63 -1.61 2.88
CA ALA A 40 8.80 -1.38 2.02
C ALA A 40 9.00 0.14 1.77
N LEU A 41 7.90 0.88 1.58
CA LEU A 41 7.91 2.36 1.44
C LEU A 41 8.45 3.01 2.73
N ALA A 42 8.08 2.42 3.89
CA ALA A 42 8.50 2.90 5.22
C ALA A 42 10.03 2.77 5.40
N GLN A 43 10.59 1.62 4.99
CA GLN A 43 12.06 1.40 5.05
C GLN A 43 12.81 2.19 3.95
N ASN A 44 12.10 2.58 2.86
CA ASN A 44 12.65 3.51 1.84
C ASN A 44 12.62 4.97 2.34
N GLY A 45 11.91 5.23 3.45
CA GLY A 45 11.95 6.54 4.14
C GLY A 45 10.67 7.35 4.02
N ILE A 46 9.70 6.84 3.25
CA ILE A 46 8.41 7.53 3.01
C ILE A 46 7.47 7.23 4.20
N ASN A 47 6.93 8.29 4.84
CA ASN A 47 6.01 8.16 6.00
C ASN A 47 4.71 7.44 5.59
N MET A 48 4.22 6.56 6.48
CA MET A 48 2.98 5.78 6.29
C MET A 48 1.80 6.67 5.87
N GLU A 49 1.72 7.82 6.53
CA GLU A 49 0.62 8.77 6.36
C GLU A 49 0.78 9.59 5.06
N ASP A 50 2.05 9.91 4.70
CA ASP A 50 2.39 10.69 3.47
C ASP A 50 2.09 9.90 2.19
N LEU A 51 2.57 8.63 2.14
CA LEU A 51 2.36 7.76 0.95
C LEU A 51 0.86 7.54 0.70
N ARG A 52 0.15 7.25 1.81
CA ARG A 52 -1.29 7.00 1.79
C ARG A 52 -2.04 8.29 1.40
N ALA A 53 -1.57 9.44 1.88
CA ALA A 53 -2.18 10.76 1.57
C ALA A 53 -2.16 11.03 0.06
N ALA A 54 -1.01 10.77 -0.56
CA ALA A 54 -0.80 10.98 -2.00
C ALA A 54 -1.72 10.08 -2.84
N LEU A 55 -1.65 8.76 -2.60
CA LEU A 55 -2.41 7.77 -3.38
C LEU A 55 -3.91 7.90 -3.12
N GLU A 56 -4.35 8.13 -1.86
CA GLU A 56 -5.80 8.26 -1.51
C GLU A 56 -6.40 9.49 -2.21
N ALA A 57 -5.58 10.54 -2.30
CA ALA A 57 -5.96 11.81 -2.99
C ALA A 57 -6.11 11.57 -4.49
N TYR A 58 -5.34 10.61 -5.02
CA TYR A 58 -5.43 10.20 -6.44
C TYR A 58 -6.69 9.32 -6.66
N ILE A 59 -7.12 8.57 -5.61
CA ILE A 59 -8.34 7.72 -5.70
C ILE A 59 -9.61 8.57 -5.58
N VAL A 60 -9.54 9.59 -4.72
CA VAL A 60 -10.69 10.45 -4.39
C VAL A 60 -10.75 11.67 -5.34
N TRP A 61 -9.78 12.59 -5.22
CA TRP A 61 -9.81 13.90 -5.93
C TRP A 61 -9.11 13.83 -7.30
N LEU A 62 -8.51 12.64 -7.60
CA LEU A 62 -7.73 12.39 -8.84
C LEU A 62 -6.53 13.35 -8.95
N ARG A 63 -5.79 13.52 -7.82
CA ARG A 63 -4.59 14.38 -7.75
C ARG A 63 -3.31 13.54 -7.98
N PRO A 64 -2.35 14.02 -8.85
CA PRO A 64 -1.12 13.26 -9.19
C PRO A 64 -0.20 13.05 -7.96
N ILE A 65 0.35 11.84 -7.85
CA ILE A 65 1.24 11.44 -6.75
C ILE A 65 2.64 12.07 -6.92
N PRO A 66 3.17 12.84 -5.89
CA PRO A 66 4.49 13.52 -5.97
C PRO A 66 5.64 12.53 -6.23
N LEU A 67 6.72 13.01 -6.88
CA LEU A 67 7.80 12.17 -7.46
C LEU A 67 8.36 11.17 -6.43
N ASP A 68 8.68 11.65 -5.20
CA ASP A 68 9.23 10.80 -4.10
C ASP A 68 8.38 9.54 -3.89
N ILE A 69 7.08 9.77 -3.68
CA ILE A 69 6.13 8.69 -3.38
C ILE A 69 5.88 7.85 -4.64
N ALA A 70 5.56 8.51 -5.78
CA ALA A 70 5.33 7.89 -7.10
C ALA A 70 6.45 6.89 -7.51
N ASN A 71 7.72 7.32 -7.42
CA ASN A 71 8.88 6.48 -7.81
C ASN A 71 9.06 5.34 -6.79
N ALA A 72 8.76 5.65 -5.51
CA ALA A 72 8.76 4.66 -4.42
C ALA A 72 7.73 3.55 -4.68
N LEU A 73 6.56 3.94 -5.24
CA LEU A 73 5.47 3.01 -5.56
C LEU A 73 5.91 2.06 -6.67
N GLU A 74 6.50 2.63 -7.74
CA GLU A 74 7.07 1.84 -8.86
C GLU A 74 8.17 0.87 -8.37
N GLY A 75 8.87 1.29 -7.30
CA GLY A 75 9.89 0.49 -6.63
C GLY A 75 9.30 -0.72 -5.91
N VAL A 76 8.12 -0.52 -5.29
CA VAL A 76 7.38 -1.60 -4.58
C VAL A 76 6.28 -2.23 -5.48
N GLY A 77 6.39 -1.97 -6.80
CA GLY A 77 5.59 -2.67 -7.83
C GLY A 77 4.32 -1.96 -8.27
N ILE A 78 3.90 -0.95 -7.51
CA ILE A 78 2.62 -0.24 -7.70
C ILE A 78 2.77 0.80 -8.83
N THR A 79 1.72 0.96 -9.64
CA THR A 79 1.72 1.99 -10.70
C THR A 79 0.94 3.25 -10.20
N PRO A 80 1.63 4.45 -10.13
CA PRO A 80 0.98 5.73 -9.75
C PRO A 80 0.26 6.40 -10.93
N ARG A 81 -0.66 5.66 -11.58
CA ARG A 81 -1.49 6.18 -12.68
C ARG A 81 -2.96 5.74 -12.50
N PHE A 82 -3.86 6.45 -13.19
CA PHE A 82 -5.31 6.14 -13.24
C PHE A 82 -5.72 5.99 -14.71
N ASP A 83 -5.62 4.73 -15.20
CA ASP A 83 -6.01 4.34 -16.57
C ASP A 83 -7.51 4.62 -16.80
N ASN A 84 -8.32 4.11 -15.86
CA ASN A 84 -9.76 4.36 -15.82
C ASN A 84 -10.13 4.52 -14.35
N PRO A 85 -10.64 5.71 -13.91
CA PRO A 85 -10.85 6.02 -12.47
C PRO A 85 -11.75 4.99 -11.77
N GLU A 86 -12.76 4.48 -12.50
CA GLU A 86 -13.76 3.53 -11.96
C GLU A 86 -13.09 2.19 -11.59
N GLU A 87 -12.28 1.69 -12.54
CA GLU A 87 -11.48 0.46 -12.37
C GLU A 87 -10.38 0.67 -11.33
N ALA A 88 -9.90 1.91 -11.25
CA ALA A 88 -8.78 2.27 -10.41
C ALA A 88 -9.22 2.69 -8.98
N LYS A 89 -10.47 2.38 -8.63
CA LYS A 89 -11.02 2.53 -7.27
C LYS A 89 -11.28 1.15 -6.61
N VAL A 90 -11.19 0.07 -7.40
CA VAL A 90 -11.57 -1.30 -6.98
C VAL A 90 -10.46 -2.33 -7.31
N ASP A 91 -9.95 -2.25 -8.55
CA ASP A 91 -8.99 -3.21 -9.12
C ASP A 91 -7.52 -2.68 -9.05
N ASN A 92 -7.38 -1.44 -8.56
CA ASN A 92 -6.07 -0.73 -8.51
C ASN A 92 -5.20 -1.27 -7.36
N PRO A 93 -3.86 -1.43 -7.56
CA PRO A 93 -2.93 -1.70 -6.44
C PRO A 93 -2.88 -0.52 -5.43
N LEU A 94 -3.26 0.72 -5.88
CA LEU A 94 -3.31 1.92 -5.02
C LEU A 94 -4.46 1.85 -4.00
N MET A 95 -5.58 1.22 -4.40
CA MET A 95 -6.76 1.08 -3.52
C MET A 95 -6.49 0.02 -2.44
N ASN A 96 -5.64 -0.98 -2.77
CA ASN A 96 -5.18 -1.98 -1.80
C ASN A 96 -4.20 -1.35 -0.80
N LEU A 97 -3.35 -0.43 -1.30
CA LEU A 97 -2.39 0.32 -0.46
C LEU A 97 -3.12 1.23 0.55
N SER A 98 -4.15 1.96 0.07
CA SER A 98 -4.99 2.83 0.94
C SER A 98 -5.69 2.01 2.03
N SER A 99 -6.31 0.88 1.61
CA SER A 99 -7.05 -0.03 2.50
C SER A 99 -6.15 -0.63 3.59
N ALA A 100 -4.98 -1.15 3.18
CA ALA A 100 -4.05 -1.84 4.09
C ALA A 100 -3.43 -0.87 5.10
N LEU A 101 -3.05 0.32 4.61
CA LEU A 101 -2.42 1.37 5.45
C LEU A 101 -3.42 1.88 6.49
N LYS A 102 -4.66 2.14 6.05
CA LYS A 102 -5.70 2.64 6.96
C LYS A 102 -6.14 1.55 7.95
N ARG A 103 -6.14 0.27 7.54
CA ARG A 103 -6.69 -0.80 8.38
C ARG A 103 -5.70 -1.25 9.47
N ARG A 104 -4.38 -1.06 9.25
CA ARG A 104 -3.38 -1.33 10.31
C ARG A 104 -3.40 -0.22 11.38
N LEU A 105 -3.80 1.01 11.01
CA LEU A 105 -3.81 2.18 11.93
C LEU A 105 -5.23 2.38 12.53
N ASP A 106 -6.17 2.75 11.65
CA ASP A 106 -7.56 3.11 12.01
C ASP A 106 -8.36 1.91 12.56
N ALA A 107 -8.32 0.79 11.82
CA ALA A 107 -9.15 -0.39 12.11
C ALA A 107 -8.53 -1.22 13.27
N SER A 3 -15.93 24.27 -2.55
CA SER A 3 -14.99 23.99 -1.44
C SER A 3 -14.81 22.48 -1.26
N GLN A 4 -13.59 22.08 -0.84
CA GLN A 4 -13.23 20.68 -0.58
C GLN A 4 -14.04 20.12 0.61
N ARG A 5 -14.81 19.06 0.35
CA ARG A 5 -15.65 18.39 1.36
C ARG A 5 -14.98 17.02 1.70
N PRO A 6 -14.09 16.97 2.76
CA PRO A 6 -13.30 15.76 3.10
C PRO A 6 -14.13 14.68 3.82
N VAL A 7 -15.29 15.07 4.40
CA VAL A 7 -16.20 14.15 5.07
C VAL A 7 -16.92 13.23 4.03
N ASP A 8 -16.25 12.12 3.74
CA ASP A 8 -16.69 11.15 2.72
C ASP A 8 -16.20 9.76 3.13
N ARG A 9 -14.91 9.73 3.58
CA ARG A 9 -14.26 8.56 4.19
C ARG A 9 -13.91 7.48 3.14
N ASN A 10 -12.81 6.74 3.41
CA ASN A 10 -12.37 5.60 2.59
C ASN A 10 -13.49 4.53 2.49
N PRO A 11 -13.79 4.01 1.24
CA PRO A 11 -14.90 3.05 1.03
C PRO A 11 -14.73 1.75 1.86
N PRO A 12 -15.74 1.39 2.73
CA PRO A 12 -15.69 0.16 3.58
C PRO A 12 -15.50 -1.11 2.75
N ARG A 13 -14.41 -1.85 3.06
CA ARG A 13 -14.02 -3.06 2.31
C ARG A 13 -14.77 -4.29 2.83
N ILE A 14 -15.22 -5.14 1.89
CA ILE A 14 -15.97 -6.37 2.20
C ILE A 14 -15.04 -7.55 2.54
N ASN A 15 -13.71 -7.32 2.38
CA ASN A 15 -12.62 -8.27 2.72
C ASN A 15 -12.63 -9.53 1.81
N LEU A 16 -11.57 -10.33 1.96
CA LEU A 16 -11.41 -11.61 1.23
C LEU A 16 -10.76 -12.62 2.17
N MET A 17 -11.24 -13.87 2.17
CA MET A 17 -10.66 -14.97 2.94
C MET A 17 -10.03 -16.00 1.97
N PRO A 18 -8.76 -15.81 1.54
CA PRO A 18 -8.07 -16.74 0.62
C PRO A 18 -7.32 -17.87 1.38
N THR A 19 -6.93 -18.92 0.65
CA THR A 19 -6.33 -20.14 1.22
C THR A 19 -4.90 -19.92 1.72
N GLY A 20 -4.44 -20.83 2.61
CA GLY A 20 -3.06 -20.86 3.07
C GLY A 20 -2.11 -21.37 1.99
N ALA A 21 -0.81 -20.99 2.10
CA ALA A 21 0.24 -21.26 1.09
C ALA A 21 -0.04 -20.46 -0.20
N ASN A 22 0.79 -20.67 -1.25
CA ASN A 22 0.62 -20.07 -2.60
C ASN A 22 0.79 -18.52 -2.59
N ARG A 23 -0.22 -17.81 -2.06
CA ARG A 23 -0.25 -16.33 -2.00
C ARG A 23 0.90 -15.79 -1.11
N VAL A 24 1.28 -16.56 -0.07
CA VAL A 24 2.34 -16.18 0.88
C VAL A 24 3.70 -16.71 0.39
N ALA A 25 3.68 -17.75 -0.48
CA ALA A 25 4.90 -18.32 -1.10
C ALA A 25 5.57 -17.27 -2.02
N MET A 26 4.73 -16.40 -2.60
CA MET A 26 5.18 -15.21 -3.35
C MET A 26 5.09 -13.94 -2.47
N ARG A 27 4.13 -13.97 -1.52
CA ARG A 27 3.86 -12.89 -0.53
C ARG A 27 3.49 -11.55 -1.23
N ASN A 28 2.78 -11.67 -2.38
CA ASN A 28 2.41 -10.50 -3.20
C ASN A 28 1.10 -10.79 -3.96
N ARG A 29 -0.05 -10.70 -3.25
CA ARG A 29 -1.40 -10.85 -3.84
C ARG A 29 -2.43 -10.05 -3.00
N GLY A 30 -3.15 -9.12 -3.67
CA GLY A 30 -4.28 -8.39 -3.06
C GLY A 30 -3.86 -7.47 -1.93
N ASN A 31 -4.16 -7.84 -0.68
CA ASN A 31 -3.77 -7.05 0.49
C ASN A 31 -2.33 -7.43 0.93
N ASN A 32 -1.87 -8.64 0.53
CA ASN A 32 -0.51 -9.13 0.86
C ASN A 32 0.55 -8.30 0.12
N GLU A 33 0.26 -7.93 -1.15
CA GLU A 33 1.14 -7.06 -1.94
C GLU A 33 1.10 -5.64 -1.38
N ALA A 34 -0.06 -5.27 -0.79
CA ALA A 34 -0.26 -3.97 -0.16
C ALA A 34 0.59 -3.81 1.11
N ASP A 35 0.56 -4.85 1.98
CA ASP A 35 1.38 -4.90 3.22
C ASP A 35 2.86 -4.84 2.88
N ALA A 36 3.29 -5.68 1.92
CA ALA A 36 4.69 -5.74 1.44
C ALA A 36 5.14 -4.38 0.89
N ALA A 37 4.22 -3.72 0.19
CA ALA A 37 4.46 -2.42 -0.43
C ALA A 37 4.70 -1.34 0.63
N LEU A 38 3.71 -1.12 1.52
CA LEU A 38 3.76 -0.05 2.53
C LEU A 38 4.95 -0.20 3.49
N GLN A 39 5.21 -1.43 3.95
CA GLN A 39 6.36 -1.71 4.85
C GLN A 39 7.69 -1.38 4.16
N ALA A 40 7.78 -1.72 2.85
CA ALA A 40 8.99 -1.43 2.06
C ALA A 40 9.18 0.08 1.84
N LEU A 41 8.05 0.80 1.67
CA LEU A 41 8.04 2.28 1.56
C LEU A 41 8.57 2.92 2.86
N ALA A 42 8.09 2.38 4.00
CA ALA A 42 8.44 2.88 5.34
C ALA A 42 9.94 2.77 5.61
N GLN A 43 10.53 1.61 5.24
CA GLN A 43 11.98 1.39 5.44
C GLN A 43 12.82 2.14 4.37
N ASN A 44 12.21 2.45 3.20
CA ASN A 44 12.88 3.25 2.13
C ASN A 44 12.89 4.76 2.50
N GLY A 45 12.14 5.15 3.53
CA GLY A 45 12.17 6.51 4.07
C GLY A 45 10.95 7.35 3.71
N ILE A 46 9.92 6.71 3.15
CA ILE A 46 8.63 7.38 2.85
C ILE A 46 7.67 7.10 4.01
N ASN A 47 7.19 8.18 4.64
CA ASN A 47 6.30 8.09 5.81
C ASN A 47 4.91 7.54 5.42
N MET A 48 4.33 6.70 6.31
CA MET A 48 3.02 6.02 6.13
C MET A 48 1.92 7.02 5.77
N GLU A 49 1.94 8.16 6.47
CA GLU A 49 0.93 9.21 6.35
C GLU A 49 1.00 9.89 4.97
N ASP A 50 2.24 10.24 4.55
CA ASP A 50 2.51 10.96 3.28
C ASP A 50 2.10 10.12 2.07
N LEU A 51 2.59 8.86 2.01
CA LEU A 51 2.33 7.97 0.86
C LEU A 51 0.84 7.69 0.71
N ARG A 52 0.15 7.46 1.86
CA ARG A 52 -1.27 7.13 1.88
C ARG A 52 -2.10 8.32 1.44
N ALA A 53 -1.78 9.51 1.97
CA ALA A 53 -2.45 10.77 1.62
C ALA A 53 -2.39 11.01 0.10
N ALA A 54 -1.20 10.73 -0.49
CA ALA A 54 -0.97 10.90 -1.94
C ALA A 54 -1.89 9.97 -2.77
N LEU A 55 -1.78 8.66 -2.52
CA LEU A 55 -2.49 7.65 -3.31
C LEU A 55 -4.01 7.70 -3.07
N GLU A 56 -4.45 7.90 -1.81
CA GLU A 56 -5.89 7.95 -1.46
C GLU A 56 -6.54 9.16 -2.11
N ALA A 57 -5.79 10.28 -2.16
CA ALA A 57 -6.23 11.54 -2.79
C ALA A 57 -6.29 11.37 -4.31
N TYR A 58 -5.47 10.46 -4.84
CA TYR A 58 -5.51 10.10 -6.27
C TYR A 58 -6.75 9.22 -6.57
N ILE A 59 -7.21 8.46 -5.56
CA ILE A 59 -8.42 7.60 -5.71
C ILE A 59 -9.71 8.44 -5.58
N VAL A 60 -9.68 9.40 -4.66
CA VAL A 60 -10.84 10.21 -4.30
C VAL A 60 -10.85 11.51 -5.13
N TRP A 61 -9.84 12.37 -4.90
CA TRP A 61 -9.79 13.73 -5.47
C TRP A 61 -9.13 13.74 -6.87
N LEU A 62 -8.49 12.61 -7.25
CA LEU A 62 -7.71 12.43 -8.50
C LEU A 62 -6.49 13.40 -8.54
N ARG A 63 -5.81 13.52 -7.38
CA ARG A 63 -4.59 14.35 -7.22
C ARG A 63 -3.33 13.54 -7.58
N PRO A 64 -2.39 14.09 -8.41
CA PRO A 64 -1.17 13.38 -8.84
C PRO A 64 -0.22 13.09 -7.65
N ILE A 65 0.23 11.83 -7.56
CA ILE A 65 1.16 11.37 -6.51
C ILE A 65 2.56 11.99 -6.73
N PRO A 66 3.09 12.81 -5.75
CA PRO A 66 4.41 13.49 -5.85
C PRO A 66 5.56 12.53 -6.22
N LEU A 67 6.63 13.10 -6.84
CA LEU A 67 7.75 12.35 -7.47
C LEU A 67 8.29 11.24 -6.54
N ASP A 68 8.66 11.64 -5.30
CA ASP A 68 9.27 10.74 -4.29
C ASP A 68 8.40 9.51 -4.03
N ILE A 69 7.12 9.77 -3.74
CA ILE A 69 6.17 8.71 -3.38
C ILE A 69 5.87 7.83 -4.61
N ALA A 70 5.52 8.47 -5.75
CA ALA A 70 5.28 7.81 -7.04
C ALA A 70 6.39 6.79 -7.42
N ASN A 71 7.66 7.23 -7.43
CA ASN A 71 8.79 6.37 -7.84
C ASN A 71 9.01 5.26 -6.81
N ALA A 72 8.74 5.59 -5.53
CA ALA A 72 8.77 4.63 -4.43
C ALA A 72 7.72 3.52 -4.60
N LEU A 73 6.54 3.89 -5.11
CA LEU A 73 5.44 2.95 -5.35
C LEU A 73 5.85 1.96 -6.46
N GLU A 74 6.42 2.50 -7.54
CA GLU A 74 6.98 1.69 -8.65
C GLU A 74 8.06 0.72 -8.12
N GLY A 75 8.81 1.18 -7.11
CA GLY A 75 9.86 0.41 -6.48
C GLY A 75 9.33 -0.73 -5.63
N VAL A 76 8.13 -0.54 -5.05
CA VAL A 76 7.42 -1.58 -4.27
C VAL A 76 6.35 -2.29 -5.12
N GLY A 77 6.42 -2.11 -6.46
CA GLY A 77 5.63 -2.90 -7.43
C GLY A 77 4.31 -2.25 -7.87
N ILE A 78 3.93 -1.17 -7.20
CA ILE A 78 2.64 -0.49 -7.38
C ILE A 78 2.73 0.54 -8.51
N THR A 79 1.68 0.64 -9.33
CA THR A 79 1.64 1.62 -10.42
C THR A 79 0.84 2.89 -9.98
N PRO A 80 1.51 4.08 -9.83
CA PRO A 80 0.84 5.35 -9.47
C PRO A 80 0.14 6.03 -10.67
N ARG A 81 -0.86 5.33 -11.26
CA ARG A 81 -1.61 5.84 -12.44
C ARG A 81 -3.11 5.52 -12.35
N PHE A 82 -3.91 6.31 -13.09
CA PHE A 82 -5.36 6.11 -13.26
C PHE A 82 -5.68 6.09 -14.75
N ASP A 83 -5.65 4.89 -15.35
CA ASP A 83 -5.99 4.66 -16.77
C ASP A 83 -7.49 4.94 -17.00
N ASN A 84 -8.30 4.43 -16.05
CA ASN A 84 -9.75 4.71 -15.98
C ASN A 84 -10.12 4.72 -14.49
N PRO A 85 -10.74 5.84 -13.96
CA PRO A 85 -10.93 6.02 -12.51
C PRO A 85 -11.88 4.97 -11.91
N GLU A 86 -12.87 4.53 -12.70
CA GLU A 86 -13.91 3.57 -12.27
C GLU A 86 -13.28 2.19 -11.97
N GLU A 87 -12.26 1.85 -12.77
CA GLU A 87 -11.50 0.61 -12.65
C GLU A 87 -10.47 0.74 -11.51
N ALA A 88 -9.89 1.93 -11.40
CA ALA A 88 -8.78 2.22 -10.48
C ALA A 88 -9.26 2.61 -9.07
N LYS A 89 -10.52 2.30 -8.74
CA LYS A 89 -11.08 2.43 -7.38
C LYS A 89 -11.35 1.06 -6.76
N VAL A 90 -11.20 -0.04 -7.55
CA VAL A 90 -11.54 -1.41 -7.13
C VAL A 90 -10.38 -2.42 -7.38
N ASP A 91 -9.78 -2.35 -8.59
CA ASP A 91 -8.73 -3.30 -9.02
C ASP A 91 -7.32 -2.73 -8.78
N ASN A 92 -7.25 -1.41 -8.56
CA ASN A 92 -5.98 -0.67 -8.46
C ASN A 92 -5.14 -1.17 -7.27
N PRO A 93 -3.82 -1.41 -7.44
CA PRO A 93 -2.92 -1.74 -6.30
C PRO A 93 -2.87 -0.59 -5.27
N LEU A 94 -3.23 0.65 -5.70
CA LEU A 94 -3.30 1.84 -4.83
C LEU A 94 -4.51 1.77 -3.90
N MET A 95 -5.60 1.10 -4.34
CA MET A 95 -6.82 0.95 -3.51
C MET A 95 -6.56 -0.10 -2.41
N ASN A 96 -5.70 -1.08 -2.74
CA ASN A 96 -5.22 -2.09 -1.77
C ASN A 96 -4.27 -1.41 -0.76
N LEU A 97 -3.40 -0.51 -1.27
CA LEU A 97 -2.47 0.28 -0.44
C LEU A 97 -3.25 1.20 0.52
N SER A 98 -4.28 1.89 0.00
CA SER A 98 -5.11 2.82 0.81
C SER A 98 -5.83 2.06 1.92
N SER A 99 -6.44 0.92 1.58
CA SER A 99 -7.19 0.10 2.53
C SER A 99 -6.28 -0.46 3.64
N ALA A 100 -5.18 -1.10 3.24
CA ALA A 100 -4.22 -1.76 4.17
C ALA A 100 -3.54 -0.73 5.10
N LEU A 101 -3.11 0.39 4.50
CA LEU A 101 -2.42 1.45 5.25
C LEU A 101 -3.41 2.16 6.19
N LYS A 102 -4.63 2.43 5.71
CA LYS A 102 -5.62 3.15 6.52
C LYS A 102 -6.08 2.25 7.67
N ARG A 103 -6.14 0.90 7.47
CA ARG A 103 -6.66 -0.02 8.51
C ARG A 103 -5.60 -0.34 9.57
N ARG A 104 -4.30 -0.28 9.21
CA ARG A 104 -3.22 -0.42 10.21
C ARG A 104 -3.11 0.86 11.08
N LEU A 105 -3.74 1.96 10.60
CA LEU A 105 -3.90 3.20 11.38
C LEU A 105 -5.34 3.34 11.97
N ASP A 106 -6.32 2.71 11.30
CA ASP A 106 -7.78 2.85 11.61
C ASP A 106 -8.52 1.50 11.43
N ALA A 107 -8.29 0.59 12.39
CA ALA A 107 -9.06 -0.66 12.57
C ALA A 107 -8.60 -1.33 13.88
N SER A 3 -23.52 7.19 36.29
CA SER A 3 -24.32 6.38 35.33
C SER A 3 -23.62 5.04 35.04
N GLN A 4 -22.27 5.08 34.97
CA GLN A 4 -21.40 3.92 34.69
C GLN A 4 -21.66 3.32 33.29
N ARG A 5 -20.84 3.74 32.30
CA ARG A 5 -20.83 3.15 30.95
C ARG A 5 -19.59 2.20 30.86
N PRO A 6 -19.76 0.87 31.05
CA PRO A 6 -18.64 -0.10 31.09
C PRO A 6 -18.29 -0.68 29.69
N VAL A 7 -18.72 0.03 28.62
CA VAL A 7 -18.65 -0.44 27.22
C VAL A 7 -19.40 -1.78 27.12
N ASP A 8 -20.68 -1.71 27.53
CA ASP A 8 -21.58 -2.87 27.69
C ASP A 8 -21.93 -3.48 26.34
N ARG A 9 -22.21 -2.62 25.36
CA ARG A 9 -22.42 -2.98 23.95
C ARG A 9 -21.13 -2.75 23.15
N ASN A 10 -21.16 -3.16 21.87
CA ASN A 10 -20.09 -2.96 20.87
C ASN A 10 -18.81 -3.74 21.21
N PRO A 11 -18.76 -5.08 20.87
CA PRO A 11 -17.54 -5.92 21.02
C PRO A 11 -16.32 -5.38 20.22
N PRO A 12 -15.06 -5.63 20.70
CA PRO A 12 -13.84 -5.19 19.96
C PRO A 12 -13.66 -5.93 18.61
N ARG A 13 -13.14 -5.22 17.61
CA ARG A 13 -12.82 -5.77 16.29
C ARG A 13 -11.29 -5.67 16.04
N ILE A 14 -10.76 -6.66 15.33
CA ILE A 14 -9.41 -6.63 14.76
C ILE A 14 -9.49 -6.99 13.27
N ASN A 15 -8.58 -6.43 12.46
CA ASN A 15 -8.43 -6.81 11.04
C ASN A 15 -6.96 -7.20 10.77
N LEU A 16 -6.16 -7.21 11.85
CA LEU A 16 -4.75 -7.60 11.83
C LEU A 16 -4.68 -9.12 11.67
N MET A 17 -4.17 -9.59 10.53
CA MET A 17 -4.13 -11.02 10.17
C MET A 17 -2.68 -11.52 10.14
N PRO A 18 -2.31 -12.56 10.95
CA PRO A 18 -0.92 -13.07 11.03
C PRO A 18 -0.44 -13.69 9.69
N THR A 19 0.65 -13.13 9.13
CA THR A 19 1.25 -13.60 7.89
C THR A 19 1.97 -14.95 8.12
N GLY A 20 1.88 -15.87 7.14
CA GLY A 20 2.43 -17.23 7.26
C GLY A 20 3.95 -17.26 7.42
N ALA A 21 4.66 -17.30 6.28
CA ALA A 21 6.13 -17.33 6.22
C ALA A 21 6.61 -17.20 4.76
N ASN A 22 7.47 -16.20 4.49
CA ASN A 22 8.21 -16.03 3.22
C ASN A 22 7.27 -15.71 2.03
N ARG A 23 6.60 -16.75 1.50
CA ARG A 23 5.79 -16.69 0.25
C ARG A 23 4.55 -15.78 0.40
N VAL A 24 4.06 -15.62 1.64
CA VAL A 24 2.90 -14.77 1.94
C VAL A 24 3.19 -13.28 1.67
N ALA A 25 4.41 -12.83 2.04
CA ALA A 25 4.84 -11.42 1.92
C ALA A 25 5.10 -11.07 0.44
N MET A 26 5.88 -11.94 -0.22
CA MET A 26 6.33 -11.74 -1.61
C MET A 26 5.25 -12.12 -2.65
N ARG A 27 4.12 -12.70 -2.17
CA ARG A 27 2.97 -13.13 -3.03
C ARG A 27 2.49 -11.99 -3.93
N ASN A 28 2.29 -10.82 -3.30
CA ASN A 28 1.85 -9.59 -3.95
C ASN A 28 0.51 -9.75 -4.66
N ARG A 29 -0.56 -9.71 -3.85
CA ARG A 29 -1.95 -9.78 -4.33
C ARG A 29 -2.92 -9.30 -3.23
N GLY A 30 -3.72 -8.26 -3.56
CA GLY A 30 -4.74 -7.70 -2.67
C GLY A 30 -4.16 -7.07 -1.41
N ASN A 31 -4.31 -7.75 -0.27
CA ASN A 31 -3.75 -7.28 1.02
C ASN A 31 -2.24 -7.56 1.09
N ASN A 32 -1.79 -8.67 0.46
CA ASN A 32 -0.36 -9.09 0.47
C ASN A 32 0.54 -8.02 -0.20
N GLU A 33 0.13 -7.58 -1.42
CA GLU A 33 0.89 -6.56 -2.18
C GLU A 33 0.91 -5.23 -1.43
N ALA A 34 -0.24 -4.91 -0.83
CA ALA A 34 -0.48 -3.66 -0.15
C ALA A 34 0.42 -3.51 1.09
N ASP A 35 0.35 -4.52 1.96
CA ASP A 35 1.08 -4.56 3.24
C ASP A 35 2.59 -4.56 3.01
N ALA A 36 3.03 -5.47 2.13
CA ALA A 36 4.46 -5.60 1.74
C ALA A 36 5.01 -4.30 1.13
N ALA A 37 4.16 -3.63 0.33
CA ALA A 37 4.53 -2.39 -0.36
C ALA A 37 4.75 -1.24 0.63
N LEU A 38 3.74 -0.96 1.48
CA LEU A 38 3.78 0.17 2.42
C LEU A 38 4.91 0.02 3.47
N GLN A 39 5.11 -1.20 3.97
CA GLN A 39 6.17 -1.49 4.96
C GLN A 39 7.57 -1.31 4.30
N ALA A 40 7.67 -1.66 3.01
CA ALA A 40 8.89 -1.46 2.23
C ALA A 40 9.16 0.04 2.02
N LEU A 41 8.10 0.82 1.79
CA LEU A 41 8.16 2.28 1.70
C LEU A 41 8.66 2.90 3.02
N ALA A 42 8.18 2.35 4.15
CA ALA A 42 8.54 2.82 5.50
C ALA A 42 10.03 2.59 5.78
N GLN A 43 10.57 1.43 5.35
CA GLN A 43 12.01 1.12 5.53
C GLN A 43 12.89 1.88 4.50
N ASN A 44 12.28 2.32 3.37
CA ASN A 44 12.98 3.20 2.39
C ASN A 44 13.02 4.65 2.89
N GLY A 45 12.11 5.02 3.80
CA GLY A 45 12.11 6.35 4.43
C GLY A 45 10.84 7.16 4.19
N ILE A 46 9.93 6.64 3.36
CA ILE A 46 8.66 7.31 3.05
C ILE A 46 7.67 7.05 4.19
N ASN A 47 7.21 8.14 4.85
CA ASN A 47 6.28 8.06 5.99
C ASN A 47 4.91 7.50 5.55
N MET A 48 4.34 6.66 6.43
CA MET A 48 3.05 5.95 6.22
C MET A 48 1.92 6.89 5.76
N GLU A 49 1.90 8.07 6.40
CA GLU A 49 0.86 9.08 6.21
C GLU A 49 0.98 9.78 4.86
N ASP A 50 2.23 10.12 4.48
CA ASP A 50 2.54 10.86 3.24
C ASP A 50 2.22 10.01 2.00
N LEU A 51 2.72 8.75 1.97
CA LEU A 51 2.52 7.84 0.82
C LEU A 51 1.03 7.60 0.58
N ARG A 52 0.32 7.34 1.69
CA ARG A 52 -1.12 7.06 1.68
C ARG A 52 -1.89 8.29 1.21
N ALA A 53 -1.53 9.47 1.75
CA ALA A 53 -2.22 10.74 1.44
C ALA A 53 -2.18 11.04 -0.06
N ALA A 54 -1.00 10.83 -0.67
CA ALA A 54 -0.77 11.06 -2.10
C ALA A 54 -1.61 10.12 -2.97
N LEU A 55 -1.47 8.80 -2.74
CA LEU A 55 -2.15 7.78 -3.55
C LEU A 55 -3.67 7.82 -3.35
N GLU A 56 -4.15 8.00 -2.10
CA GLU A 56 -5.60 8.06 -1.79
C GLU A 56 -6.23 9.30 -2.43
N ALA A 57 -5.46 10.40 -2.48
CA ALA A 57 -5.88 11.65 -3.15
C ALA A 57 -6.01 11.45 -4.66
N TYR A 58 -5.18 10.54 -5.19
CA TYR A 58 -5.26 10.12 -6.60
C TYR A 58 -6.49 9.21 -6.83
N ILE A 59 -6.96 8.51 -5.77
CA ILE A 59 -8.17 7.66 -5.85
C ILE A 59 -9.46 8.49 -5.74
N VAL A 60 -9.45 9.42 -4.78
CA VAL A 60 -10.64 10.20 -4.40
C VAL A 60 -10.85 11.41 -5.35
N TRP A 61 -9.81 12.25 -5.47
CA TRP A 61 -9.88 13.52 -6.20
C TRP A 61 -9.23 13.44 -7.59
N LEU A 62 -8.47 12.35 -7.85
CA LEU A 62 -7.61 12.18 -9.05
C LEU A 62 -6.49 13.26 -9.07
N ARG A 63 -5.80 13.42 -7.93
CA ARG A 63 -4.62 14.31 -7.80
C ARG A 63 -3.32 13.51 -8.08
N PRO A 64 -2.38 14.04 -8.93
CA PRO A 64 -1.12 13.34 -9.26
C PRO A 64 -0.23 13.13 -8.02
N ILE A 65 0.44 11.96 -7.95
CA ILE A 65 1.31 11.58 -6.84
C ILE A 65 2.71 12.21 -7.02
N PRO A 66 3.26 12.96 -5.99
CA PRO A 66 4.61 13.57 -6.05
C PRO A 66 5.71 12.52 -6.33
N LEU A 67 6.76 12.94 -7.06
CA LEU A 67 7.79 12.04 -7.65
C LEU A 67 8.45 11.15 -6.57
N ASP A 68 8.71 11.73 -5.37
CA ASP A 68 9.25 11.00 -4.19
C ASP A 68 8.45 9.71 -3.95
N ILE A 69 7.15 9.90 -3.74
CA ILE A 69 6.22 8.82 -3.38
C ILE A 69 5.96 7.92 -4.61
N ALA A 70 5.52 8.53 -5.74
CA ALA A 70 5.26 7.85 -7.03
C ALA A 70 6.39 6.87 -7.45
N ASN A 71 7.64 7.36 -7.47
CA ASN A 71 8.82 6.54 -7.85
C ASN A 71 9.06 5.44 -6.80
N ALA A 72 8.85 5.79 -5.50
CA ALA A 72 8.94 4.83 -4.39
C ALA A 72 7.91 3.71 -4.53
N LEU A 73 6.71 4.05 -5.05
CA LEU A 73 5.63 3.07 -5.30
C LEU A 73 6.09 2.10 -6.39
N GLU A 74 6.68 2.64 -7.46
CA GLU A 74 7.26 1.82 -8.56
C GLU A 74 8.43 0.95 -8.08
N GLY A 75 9.07 1.39 -6.97
CA GLY A 75 10.12 0.62 -6.31
C GLY A 75 9.56 -0.58 -5.56
N VAL A 76 8.35 -0.40 -4.97
CA VAL A 76 7.60 -1.46 -4.28
C VAL A 76 6.52 -2.11 -5.19
N GLY A 77 6.64 -1.87 -6.52
CA GLY A 77 5.88 -2.59 -7.55
C GLY A 77 4.57 -1.91 -7.98
N ILE A 78 4.12 -0.93 -7.19
CA ILE A 78 2.83 -0.25 -7.38
C ILE A 78 2.95 0.84 -8.46
N THR A 79 2.02 0.84 -9.42
CA THR A 79 2.04 1.78 -10.54
C THR A 79 1.11 3.00 -10.23
N PRO A 80 1.68 4.25 -10.06
CA PRO A 80 0.90 5.49 -9.84
C PRO A 80 0.18 5.96 -11.13
N ARG A 81 -0.90 5.23 -11.49
CA ARG A 81 -1.68 5.48 -12.71
C ARG A 81 -3.16 5.22 -12.47
N PHE A 82 -4.01 5.82 -13.32
CA PHE A 82 -5.48 5.69 -13.27
C PHE A 82 -6.01 5.55 -14.71
N ASP A 83 -6.19 4.27 -15.14
CA ASP A 83 -6.75 3.93 -16.48
C ASP A 83 -8.18 4.48 -16.62
N ASN A 84 -9.05 4.03 -15.71
CA ASN A 84 -10.41 4.53 -15.55
C ASN A 84 -10.65 4.71 -14.05
N PRO A 85 -11.14 5.91 -13.58
CA PRO A 85 -11.23 6.23 -12.14
C PRO A 85 -12.05 5.17 -11.36
N GLU A 86 -13.16 4.74 -11.97
CA GLU A 86 -14.16 3.82 -11.35
C GLU A 86 -13.53 2.43 -11.11
N GLU A 87 -12.76 1.97 -12.12
CA GLU A 87 -12.08 0.66 -12.10
C GLU A 87 -10.85 0.71 -11.18
N ALA A 88 -10.28 1.91 -11.07
CA ALA A 88 -9.06 2.14 -10.27
C ALA A 88 -9.41 2.60 -8.83
N LYS A 89 -10.68 2.50 -8.46
CA LYS A 89 -11.16 2.65 -7.08
C LYS A 89 -11.40 1.27 -6.44
N VAL A 90 -11.35 0.19 -7.26
CA VAL A 90 -11.76 -1.17 -6.83
C VAL A 90 -10.65 -2.23 -7.06
N ASP A 91 -10.00 -2.21 -8.23
CA ASP A 91 -9.01 -3.26 -8.64
C ASP A 91 -7.55 -2.77 -8.50
N ASN A 92 -7.38 -1.45 -8.50
CA ASN A 92 -6.07 -0.75 -8.57
C ASN A 92 -5.10 -1.16 -7.44
N PRO A 93 -3.78 -1.34 -7.73
CA PRO A 93 -2.77 -1.59 -6.67
C PRO A 93 -2.69 -0.43 -5.64
N LEU A 94 -3.09 0.80 -6.05
CA LEU A 94 -3.11 1.99 -5.16
C LEU A 94 -4.28 1.92 -4.17
N MET A 95 -5.43 1.34 -4.60
CA MET A 95 -6.62 1.21 -3.71
C MET A 95 -6.34 0.19 -2.61
N ASN A 96 -5.46 -0.79 -2.94
CA ASN A 96 -4.99 -1.80 -2.00
C ASN A 96 -4.10 -1.15 -0.93
N LEU A 97 -3.19 -0.25 -1.39
CA LEU A 97 -2.28 0.52 -0.51
C LEU A 97 -3.05 1.42 0.48
N SER A 98 -4.06 2.16 -0.05
CA SER A 98 -4.93 3.00 0.80
C SER A 98 -5.66 2.17 1.85
N SER A 99 -6.27 1.06 1.41
CA SER A 99 -7.07 0.16 2.26
C SER A 99 -6.22 -0.47 3.39
N ALA A 100 -5.02 -0.94 3.07
CA ALA A 100 -4.12 -1.60 4.05
C ALA A 100 -3.54 -0.60 5.06
N LEU A 101 -3.13 0.58 4.54
CA LEU A 101 -2.52 1.64 5.38
C LEU A 101 -3.57 2.21 6.35
N LYS A 102 -4.83 2.37 5.91
CA LYS A 102 -5.90 2.86 6.79
C LYS A 102 -6.27 1.78 7.83
N ARG A 103 -6.41 0.49 7.40
CA ARG A 103 -6.94 -0.59 8.30
C ARG A 103 -5.96 -0.96 9.43
N ARG A 104 -4.64 -0.76 9.20
CA ARG A 104 -3.63 -0.96 10.28
C ARG A 104 -3.72 0.15 11.36
N LEU A 105 -4.35 1.29 10.99
CA LEU A 105 -4.56 2.44 11.88
C LEU A 105 -6.02 2.52 12.38
N ASP A 106 -6.95 1.90 11.62
CA ASP A 106 -8.41 2.01 11.81
C ASP A 106 -8.94 0.86 12.69
N ALA A 107 -8.45 -0.35 12.43
CA ALA A 107 -8.83 -1.56 13.18
C ALA A 107 -7.97 -1.66 14.46
N SER A 3 39.53 -7.56 44.11
CA SER A 3 39.63 -6.12 43.81
C SER A 3 38.79 -5.75 42.57
N GLN A 4 39.21 -6.24 41.39
CA GLN A 4 38.57 -5.92 40.11
C GLN A 4 37.47 -6.93 39.78
N ARG A 5 36.49 -6.51 38.95
CA ARG A 5 35.35 -7.35 38.54
C ARG A 5 35.31 -7.51 37.01
N PRO A 6 35.34 -8.79 36.46
CA PRO A 6 35.21 -9.06 35.00
C PRO A 6 33.82 -8.68 34.46
N VAL A 7 32.79 -8.74 35.35
CA VAL A 7 31.36 -8.47 35.04
C VAL A 7 30.77 -9.58 34.14
N ASP A 8 29.50 -9.96 34.38
CA ASP A 8 28.84 -11.10 33.69
C ASP A 8 28.64 -10.84 32.18
N ARG A 9 28.32 -9.57 31.85
CA ARG A 9 28.04 -9.11 30.47
C ARG A 9 26.70 -9.66 29.91
N ASN A 10 26.34 -9.15 28.73
CA ASN A 10 25.19 -9.61 27.94
C ASN A 10 25.55 -9.42 26.46
N PRO A 11 26.00 -10.51 25.73
CA PRO A 11 26.49 -10.41 24.34
C PRO A 11 25.36 -10.07 23.33
N PRO A 12 25.43 -8.88 22.63
CA PRO A 12 24.48 -8.53 21.55
C PRO A 12 24.67 -9.45 20.34
N ARG A 13 23.69 -10.34 20.10
CA ARG A 13 23.76 -11.38 19.07
C ARG A 13 23.40 -10.80 17.69
N ILE A 14 23.75 -11.53 16.63
CA ILE A 14 23.31 -11.23 15.24
C ILE A 14 22.25 -12.27 14.79
N ASN A 15 21.49 -11.93 13.74
CA ASN A 15 20.42 -12.78 13.21
C ASN A 15 20.61 -12.99 11.70
N LEU A 16 20.57 -14.27 11.28
CA LEU A 16 20.73 -14.67 9.87
C LEU A 16 19.37 -14.56 9.16
N MET A 17 19.41 -14.24 7.86
CA MET A 17 18.22 -14.08 7.02
C MET A 17 17.65 -15.46 6.63
N PRO A 18 16.28 -15.62 6.61
CA PRO A 18 15.62 -16.90 6.18
C PRO A 18 15.96 -17.27 4.72
N THR A 19 16.24 -16.24 3.89
CA THR A 19 16.62 -16.39 2.47
C THR A 19 15.50 -17.10 1.69
N GLY A 20 14.50 -16.30 1.26
CA GLY A 20 13.23 -16.84 0.79
C GLY A 20 12.30 -17.19 1.96
N ALA A 21 11.18 -17.85 1.65
CA ALA A 21 10.16 -18.32 2.64
C ALA A 21 9.41 -17.15 3.30
N ASN A 22 8.21 -17.45 3.87
CA ASN A 22 7.38 -16.49 4.65
C ASN A 22 6.81 -15.35 3.76
N ARG A 23 7.69 -14.42 3.36
CA ARG A 23 7.33 -13.23 2.58
C ARG A 23 6.84 -13.59 1.15
N VAL A 24 7.49 -14.61 0.56
CA VAL A 24 7.16 -15.09 -0.80
C VAL A 24 5.99 -16.11 -0.75
N ALA A 25 5.71 -16.65 0.45
CA ALA A 25 4.58 -17.58 0.68
C ALA A 25 3.24 -16.83 0.52
N MET A 26 3.15 -15.63 1.12
CA MET A 26 1.99 -14.75 0.98
C MET A 26 2.05 -13.99 -0.37
N ARG A 27 3.29 -13.68 -0.81
CA ARG A 27 3.59 -13.07 -2.12
C ARG A 27 2.86 -11.69 -2.25
N ASN A 28 2.12 -11.47 -3.35
CA ASN A 28 1.48 -10.18 -3.65
C ASN A 28 0.02 -10.41 -4.06
N ARG A 29 -0.91 -10.16 -3.11
CA ARG A 29 -2.35 -10.39 -3.33
C ARG A 29 -3.18 -9.57 -2.32
N GLY A 30 -3.77 -8.46 -2.80
CA GLY A 30 -4.68 -7.64 -2.00
C GLY A 30 -3.99 -6.95 -0.81
N ASN A 31 -4.21 -7.50 0.40
CA ASN A 31 -3.59 -6.98 1.64
C ASN A 31 -2.12 -7.46 1.74
N ASN A 32 -1.81 -8.59 1.06
CA ASN A 32 -0.44 -9.17 1.04
C ASN A 32 0.51 -8.25 0.25
N GLU A 33 0.07 -7.82 -0.95
CA GLU A 33 0.85 -6.90 -1.82
C GLU A 33 0.92 -5.51 -1.18
N ALA A 34 -0.19 -5.12 -0.53
CA ALA A 34 -0.35 -3.82 0.09
C ALA A 34 0.61 -3.65 1.27
N ASP A 35 0.56 -4.61 2.21
CA ASP A 35 1.42 -4.66 3.40
C ASP A 35 2.90 -4.69 3.00
N ALA A 36 3.25 -5.62 2.07
CA ALA A 36 4.62 -5.76 1.53
C ALA A 36 5.14 -4.41 0.98
N ALA A 37 4.26 -3.74 0.23
CA ALA A 37 4.56 -2.47 -0.43
C ALA A 37 4.78 -1.35 0.60
N LEU A 38 3.77 -1.10 1.47
CA LEU A 38 3.81 0.02 2.43
C LEU A 38 4.97 -0.11 3.43
N GLN A 39 5.20 -1.33 3.96
CA GLN A 39 6.31 -1.59 4.91
C GLN A 39 7.68 -1.37 4.24
N ALA A 40 7.77 -1.72 2.93
CA ALA A 40 8.97 -1.48 2.13
C ALA A 40 9.17 0.03 1.89
N LEU A 41 8.07 0.76 1.68
CA LEU A 41 8.07 2.23 1.55
C LEU A 41 8.56 2.90 2.85
N ALA A 42 8.14 2.32 3.99
CA ALA A 42 8.46 2.82 5.32
C ALA A 42 9.97 2.73 5.60
N GLN A 43 10.58 1.58 5.22
CA GLN A 43 12.04 1.39 5.36
C GLN A 43 12.82 2.17 4.27
N ASN A 44 12.16 2.48 3.14
CA ASN A 44 12.74 3.33 2.07
C ASN A 44 12.74 4.82 2.47
N GLY A 45 12.07 5.16 3.59
CA GLY A 45 12.10 6.52 4.17
C GLY A 45 10.86 7.34 3.89
N ILE A 46 9.83 6.72 3.30
CA ILE A 46 8.54 7.39 3.03
C ILE A 46 7.58 7.09 4.20
N ASN A 47 7.02 8.15 4.82
CA ASN A 47 6.08 8.04 5.96
C ASN A 47 4.76 7.39 5.51
N MET A 48 4.20 6.54 6.40
CA MET A 48 2.93 5.80 6.18
C MET A 48 1.80 6.73 5.76
N GLU A 49 1.69 7.85 6.47
CA GLU A 49 0.63 8.84 6.31
C GLU A 49 0.80 9.62 4.99
N ASP A 50 2.06 9.94 4.65
CA ASP A 50 2.42 10.70 3.43
C ASP A 50 2.08 9.93 2.15
N LEU A 51 2.57 8.67 2.06
CA LEU A 51 2.37 7.82 0.87
C LEU A 51 0.88 7.55 0.63
N ARG A 52 0.16 7.29 1.74
CA ARG A 52 -1.27 7.00 1.70
C ARG A 52 -2.06 8.25 1.33
N ALA A 53 -1.67 9.41 1.86
CA ALA A 53 -2.31 10.71 1.55
C ALA A 53 -2.26 10.99 0.04
N ALA A 54 -1.08 10.74 -0.56
CA ALA A 54 -0.84 10.94 -2.00
C ALA A 54 -1.74 10.04 -2.86
N LEU A 55 -1.64 8.72 -2.63
CA LEU A 55 -2.38 7.73 -3.44
C LEU A 55 -3.90 7.82 -3.20
N GLU A 56 -4.33 7.99 -1.93
CA GLU A 56 -5.79 8.08 -1.58
C GLU A 56 -6.41 9.32 -2.24
N ALA A 57 -5.63 10.40 -2.30
CA ALA A 57 -6.03 11.65 -2.95
C ALA A 57 -6.15 11.45 -4.46
N TYR A 58 -5.32 10.55 -5.01
CA TYR A 58 -5.39 10.17 -6.44
C TYR A 58 -6.61 9.26 -6.70
N ILE A 59 -7.09 8.53 -5.67
CA ILE A 59 -8.29 7.66 -5.80
C ILE A 59 -9.58 8.50 -5.66
N VAL A 60 -9.58 9.42 -4.70
CA VAL A 60 -10.76 10.22 -4.33
C VAL A 60 -10.83 11.51 -5.18
N TRP A 61 -9.81 12.36 -5.05
CA TRP A 61 -9.78 13.71 -5.65
C TRP A 61 -9.04 13.74 -7.00
N LEU A 62 -8.43 12.60 -7.37
CA LEU A 62 -7.64 12.41 -8.62
C LEU A 62 -6.38 13.31 -8.65
N ARG A 63 -5.75 13.51 -7.48
CA ARG A 63 -4.50 14.28 -7.32
C ARG A 63 -3.28 13.42 -7.69
N PRO A 64 -2.52 13.79 -8.79
CA PRO A 64 -1.28 13.09 -9.21
C PRO A 64 -0.27 12.94 -8.04
N ILE A 65 0.17 11.69 -7.81
CA ILE A 65 1.10 11.34 -6.72
C ILE A 65 2.48 12.02 -6.94
N PRO A 66 3.00 12.82 -5.94
CA PRO A 66 4.32 13.50 -6.02
C PRO A 66 5.46 12.50 -6.36
N LEU A 67 6.49 12.99 -7.09
CA LEU A 67 7.54 12.15 -7.72
C LEU A 67 8.22 11.23 -6.69
N ASP A 68 8.48 11.77 -5.47
CA ASP A 68 9.09 11.00 -4.34
C ASP A 68 8.33 9.69 -4.07
N ILE A 69 7.03 9.85 -3.78
CA ILE A 69 6.16 8.75 -3.41
C ILE A 69 5.91 7.85 -4.63
N ALA A 70 5.51 8.47 -5.77
CA ALA A 70 5.29 7.80 -7.07
C ALA A 70 6.44 6.84 -7.47
N ASN A 71 7.70 7.32 -7.43
CA ASN A 71 8.88 6.51 -7.82
C ASN A 71 9.11 5.40 -6.78
N ALA A 72 8.84 5.73 -5.50
CA ALA A 72 8.92 4.76 -4.39
C ALA A 72 7.91 3.61 -4.60
N LEU A 73 6.71 3.94 -5.14
CA LEU A 73 5.67 2.95 -5.45
C LEU A 73 6.17 2.01 -6.55
N GLU A 74 6.75 2.61 -7.61
CA GLU A 74 7.37 1.86 -8.73
C GLU A 74 8.52 0.95 -8.24
N GLY A 75 9.12 1.33 -7.10
CA GLY A 75 10.13 0.53 -6.43
C GLY A 75 9.55 -0.68 -5.71
N VAL A 76 8.36 -0.49 -5.10
CA VAL A 76 7.64 -1.56 -4.36
C VAL A 76 6.57 -2.25 -5.23
N GLY A 77 6.67 -2.05 -6.56
CA GLY A 77 5.91 -2.84 -7.55
C GLY A 77 4.52 -2.28 -7.88
N ILE A 78 4.20 -1.11 -7.33
CA ILE A 78 2.90 -0.43 -7.52
C ILE A 78 3.05 0.62 -8.63
N THR A 79 2.04 0.75 -9.50
CA THR A 79 2.04 1.75 -10.57
C THR A 79 1.13 2.95 -10.15
N PRO A 80 1.71 4.20 -10.05
CA PRO A 80 0.95 5.42 -9.68
C PRO A 80 0.15 6.05 -10.84
N ARG A 81 -0.74 5.25 -11.47
CA ARG A 81 -1.58 5.71 -12.61
C ARG A 81 -3.05 5.35 -12.42
N PHE A 82 -3.90 6.06 -13.19
CA PHE A 82 -5.35 5.87 -13.23
C PHE A 82 -5.78 5.79 -14.70
N ASP A 83 -6.03 4.57 -15.18
CA ASP A 83 -6.44 4.28 -16.57
C ASP A 83 -7.88 4.77 -16.82
N ASN A 84 -8.75 4.40 -15.88
CA ASN A 84 -10.14 4.88 -15.78
C ASN A 84 -10.45 4.96 -14.30
N PRO A 85 -10.89 6.16 -13.76
CA PRO A 85 -11.02 6.39 -12.29
C PRO A 85 -11.94 5.36 -11.61
N GLU A 86 -13.00 4.98 -12.33
CA GLU A 86 -14.07 4.10 -11.82
C GLU A 86 -13.52 2.66 -11.59
N GLU A 87 -12.69 2.20 -12.54
CA GLU A 87 -12.03 0.88 -12.49
C GLU A 87 -10.84 0.92 -11.51
N ALA A 88 -10.20 2.09 -11.43
CA ALA A 88 -8.98 2.31 -10.65
C ALA A 88 -9.30 2.66 -9.17
N LYS A 89 -10.56 2.44 -8.78
CA LYS A 89 -11.00 2.54 -7.38
C LYS A 89 -11.15 1.13 -6.76
N VAL A 90 -11.17 0.08 -7.61
CA VAL A 90 -11.45 -1.31 -7.19
C VAL A 90 -10.32 -2.30 -7.54
N ASP A 91 -9.82 -2.22 -8.79
CA ASP A 91 -8.83 -3.17 -9.34
C ASP A 91 -7.39 -2.65 -9.16
N ASN A 92 -7.26 -1.35 -8.86
CA ASN A 92 -5.97 -0.63 -8.82
C ASN A 92 -5.09 -1.14 -7.67
N PRO A 93 -3.77 -1.39 -7.89
CA PRO A 93 -2.83 -1.76 -6.80
C PRO A 93 -2.75 -0.66 -5.70
N LEU A 94 -3.12 0.60 -6.06
CA LEU A 94 -3.14 1.76 -5.14
C LEU A 94 -4.31 1.68 -4.15
N MET A 95 -5.44 1.08 -4.56
CA MET A 95 -6.63 0.95 -3.71
C MET A 95 -6.38 -0.09 -2.60
N ASN A 96 -5.50 -1.06 -2.90
CA ASN A 96 -5.04 -2.06 -1.92
C ASN A 96 -4.14 -1.39 -0.87
N LEU A 97 -3.22 -0.54 -1.35
CA LEU A 97 -2.31 0.27 -0.50
C LEU A 97 -3.09 1.18 0.46
N SER A 98 -4.12 1.88 -0.07
CA SER A 98 -4.99 2.75 0.73
C SER A 98 -5.76 1.95 1.80
N SER A 99 -6.30 0.78 1.39
CA SER A 99 -7.10 -0.09 2.28
C SER A 99 -6.29 -0.61 3.47
N ALA A 100 -5.11 -1.19 3.18
CA ALA A 100 -4.24 -1.78 4.22
C ALA A 100 -3.67 -0.70 5.15
N LEU A 101 -3.21 0.43 4.56
CA LEU A 101 -2.62 1.53 5.33
C LEU A 101 -3.69 2.22 6.22
N LYS A 102 -4.94 2.35 5.72
CA LYS A 102 -6.00 2.97 6.53
C LYS A 102 -6.36 2.06 7.71
N ARG A 103 -6.56 0.75 7.45
CA ARG A 103 -7.09 -0.21 8.46
C ARG A 103 -6.04 -0.54 9.55
N ARG A 104 -4.74 -0.49 9.18
CA ARG A 104 -3.63 -0.77 10.15
C ARG A 104 -3.54 0.35 11.23
N LEU A 105 -4.21 1.49 10.96
CA LEU A 105 -4.33 2.62 11.91
C LEU A 105 -5.75 2.67 12.52
N ASP A 106 -6.75 2.46 11.63
CA ASP A 106 -8.20 2.60 11.92
C ASP A 106 -8.72 1.51 12.88
N ALA A 107 -8.09 0.33 12.81
CA ALA A 107 -8.32 -0.77 13.75
C ALA A 107 -7.36 -0.58 14.95
N SER A 3 -21.31 -2.69 20.14
CA SER A 3 -21.24 -4.14 20.42
C SER A 3 -22.57 -4.81 20.03
N GLN A 4 -22.64 -5.25 18.76
CA GLN A 4 -23.85 -5.84 18.18
C GLN A 4 -23.48 -6.58 16.87
N ARG A 5 -23.74 -7.89 16.84
CA ARG A 5 -23.63 -8.74 15.64
C ARG A 5 -25.00 -9.38 15.36
N PRO A 6 -25.87 -8.72 14.54
CA PRO A 6 -27.11 -9.34 14.03
C PRO A 6 -26.81 -10.29 12.85
N VAL A 7 -25.66 -10.03 12.20
CA VAL A 7 -25.16 -10.74 11.02
C VAL A 7 -23.62 -10.88 11.14
N ASP A 8 -22.99 -11.54 10.15
CA ASP A 8 -21.53 -11.62 10.06
C ASP A 8 -20.97 -10.31 9.46
N ARG A 9 -21.72 -9.75 8.49
CA ARG A 9 -21.36 -8.53 7.73
C ARG A 9 -20.15 -8.81 6.80
N ASN A 10 -18.95 -8.84 7.40
CA ASN A 10 -17.68 -8.91 6.68
C ASN A 10 -16.58 -9.20 7.74
N PRO A 11 -15.92 -10.39 7.69
CA PRO A 11 -14.97 -10.82 8.76
C PRO A 11 -13.68 -9.96 8.80
N PRO A 12 -13.15 -9.64 10.03
CA PRO A 12 -11.85 -8.95 10.18
C PRO A 12 -10.68 -9.84 9.71
N ARG A 13 -9.70 -9.22 9.03
CA ARG A 13 -8.49 -9.90 8.55
C ARG A 13 -7.39 -9.84 9.62
N ILE A 14 -6.17 -10.29 9.23
CA ILE A 14 -5.02 -10.44 10.14
C ILE A 14 -5.32 -11.56 11.17
N ASN A 15 -5.10 -12.81 10.73
CA ASN A 15 -5.41 -14.01 11.53
C ASN A 15 -4.27 -14.31 12.50
N LEU A 16 -4.62 -14.62 13.76
CA LEU A 16 -3.66 -15.05 14.79
C LEU A 16 -3.30 -16.52 14.55
N MET A 17 -2.00 -16.86 14.81
CA MET A 17 -1.41 -18.20 14.59
C MET A 17 -1.26 -18.48 13.08
N PRO A 18 0.00 -18.42 12.54
CA PRO A 18 0.30 -18.89 11.18
C PRO A 18 0.76 -20.38 11.17
N THR A 19 0.31 -21.15 10.18
CA THR A 19 0.72 -22.55 9.99
C THR A 19 2.19 -22.61 9.50
N GLY A 20 2.55 -21.61 8.68
CA GLY A 20 3.90 -21.46 8.17
C GLY A 20 4.34 -19.99 8.16
N ALA A 21 5.43 -19.71 7.47
CA ALA A 21 5.99 -18.36 7.34
C ALA A 21 6.85 -18.28 6.08
N ASN A 22 7.37 -17.06 5.78
CA ASN A 22 8.34 -16.79 4.68
C ASN A 22 7.64 -16.81 3.29
N ARG A 23 7.01 -17.96 2.94
CA ARG A 23 6.30 -18.16 1.67
C ARG A 23 5.15 -17.17 1.48
N VAL A 24 4.49 -16.82 2.60
CA VAL A 24 3.36 -15.86 2.62
C VAL A 24 3.82 -14.43 2.20
N ALA A 25 5.07 -14.08 2.56
CA ALA A 25 5.65 -12.76 2.25
C ALA A 25 6.06 -12.67 0.77
N MET A 26 6.76 -13.71 0.29
CA MET A 26 7.25 -13.78 -1.11
C MET A 26 6.13 -14.13 -2.11
N ARG A 27 4.98 -14.61 -1.56
CA ARG A 27 3.75 -14.80 -2.35
C ARG A 27 3.37 -13.46 -3.02
N ASN A 28 3.30 -12.40 -2.17
CA ASN A 28 3.18 -10.99 -2.59
C ASN A 28 2.04 -10.81 -3.63
N ARG A 29 0.79 -10.84 -3.14
CA ARG A 29 -0.42 -10.81 -3.97
C ARG A 29 -1.59 -10.17 -3.20
N GLY A 30 -2.26 -9.19 -3.84
CA GLY A 30 -3.45 -8.55 -3.30
C GLY A 30 -3.20 -7.72 -2.04
N ASN A 31 -3.65 -8.21 -0.88
CA ASN A 31 -3.43 -7.56 0.42
C ASN A 31 -2.04 -7.91 0.96
N ASN A 32 -1.48 -9.04 0.50
CA ASN A 32 -0.11 -9.47 0.87
C ASN A 32 0.93 -8.57 0.19
N GLU A 33 0.69 -8.21 -1.09
CA GLU A 33 1.58 -7.29 -1.84
C GLU A 33 1.41 -5.86 -1.33
N ALA A 34 0.17 -5.51 -0.93
CA ALA A 34 -0.16 -4.18 -0.41
C ALA A 34 0.58 -3.93 0.91
N ASP A 35 0.50 -4.93 1.81
CA ASP A 35 1.15 -4.91 3.12
C ASP A 35 2.67 -4.80 2.97
N ALA A 36 3.22 -5.70 2.14
CA ALA A 36 4.66 -5.74 1.81
C ALA A 36 5.14 -4.42 1.19
N ALA A 37 4.28 -3.81 0.37
CA ALA A 37 4.58 -2.57 -0.36
C ALA A 37 4.72 -1.39 0.60
N LEU A 38 3.67 -1.15 1.41
CA LEU A 38 3.63 -0.01 2.35
C LEU A 38 4.75 -0.09 3.40
N GLN A 39 4.97 -1.29 3.96
CA GLN A 39 6.01 -1.50 4.99
C GLN A 39 7.42 -1.29 4.39
N ALA A 40 7.58 -1.65 3.11
CA ALA A 40 8.82 -1.43 2.37
C ALA A 40 9.03 0.08 2.13
N LEU A 41 7.93 0.80 1.86
CA LEU A 41 7.95 2.27 1.71
C LEU A 41 8.39 2.96 3.01
N ALA A 42 7.90 2.43 4.15
CA ALA A 42 8.25 2.92 5.49
C ALA A 42 9.77 2.86 5.71
N GLN A 43 10.34 1.67 5.51
CA GLN A 43 11.80 1.44 5.67
C GLN A 43 12.63 2.09 4.53
N ASN A 44 11.99 2.39 3.37
CA ASN A 44 12.63 3.14 2.26
C ASN A 44 12.81 4.62 2.65
N GLY A 45 11.96 5.11 3.57
CA GLY A 45 12.04 6.47 4.09
C GLY A 45 10.80 7.32 3.85
N ILE A 46 9.77 6.73 3.23
CA ILE A 46 8.49 7.42 2.95
C ILE A 46 7.54 7.19 4.15
N ASN A 47 6.97 8.27 4.70
CA ASN A 47 6.07 8.21 5.86
C ASN A 47 4.71 7.57 5.48
N MET A 48 4.18 6.71 6.38
CA MET A 48 2.92 5.97 6.21
C MET A 48 1.76 6.91 5.81
N GLU A 49 1.67 8.03 6.54
CA GLU A 49 0.60 9.04 6.36
C GLU A 49 0.71 9.73 4.98
N ASP A 50 1.95 10.03 4.57
CA ASP A 50 2.24 10.78 3.33
C ASP A 50 1.91 9.95 2.08
N LEU A 51 2.41 8.70 2.03
CA LEU A 51 2.22 7.82 0.86
C LEU A 51 0.72 7.53 0.66
N ARG A 52 0.02 7.30 1.79
CA ARG A 52 -1.43 7.03 1.80
C ARG A 52 -2.19 8.27 1.32
N ALA A 53 -1.77 9.46 1.83
CA ALA A 53 -2.41 10.75 1.47
C ALA A 53 -2.35 11.00 -0.05
N ALA A 54 -1.19 10.72 -0.63
CA ALA A 54 -0.93 10.91 -2.07
C ALA A 54 -1.81 10.00 -2.93
N LEU A 55 -1.72 8.69 -2.67
CA LEU A 55 -2.45 7.69 -3.46
C LEU A 55 -3.96 7.84 -3.28
N GLU A 56 -4.44 8.06 -2.03
CA GLU A 56 -5.90 8.18 -1.72
C GLU A 56 -6.47 9.43 -2.41
N ALA A 57 -5.64 10.47 -2.51
CA ALA A 57 -6.03 11.74 -3.18
C ALA A 57 -6.13 11.53 -4.68
N TYR A 58 -5.35 10.56 -5.21
CA TYR A 58 -5.45 10.15 -6.61
C TYR A 58 -6.74 9.31 -6.80
N ILE A 59 -7.13 8.54 -5.76
CA ILE A 59 -8.34 7.67 -5.81
C ILE A 59 -9.63 8.50 -5.68
N VAL A 60 -9.53 9.63 -4.97
CA VAL A 60 -10.70 10.48 -4.67
C VAL A 60 -10.74 11.73 -5.57
N TRP A 61 -9.70 12.58 -5.51
CA TRP A 61 -9.66 13.88 -6.24
C TRP A 61 -8.88 13.79 -7.56
N LEU A 62 -8.38 12.58 -7.89
CA LEU A 62 -7.56 12.31 -9.12
C LEU A 62 -6.24 13.12 -9.10
N ARG A 63 -5.74 13.40 -7.89
CA ARG A 63 -4.54 14.23 -7.64
C ARG A 63 -3.26 13.47 -8.05
N PRO A 64 -2.31 14.11 -8.79
CA PRO A 64 -1.05 13.46 -9.21
C PRO A 64 -0.13 13.17 -8.00
N ILE A 65 0.21 11.88 -7.82
CA ILE A 65 1.09 11.42 -6.73
C ILE A 65 2.50 12.06 -6.86
N PRO A 66 2.98 12.84 -5.83
CA PRO A 66 4.30 13.51 -5.84
C PRO A 66 5.45 12.54 -6.16
N LEU A 67 6.48 13.04 -6.86
CA LEU A 67 7.56 12.21 -7.47
C LEU A 67 8.15 11.22 -6.47
N ASP A 68 8.44 11.71 -5.25
CA ASP A 68 9.03 10.92 -4.13
C ASP A 68 8.25 9.61 -3.93
N ILE A 69 6.95 9.78 -3.69
CA ILE A 69 6.04 8.68 -3.39
C ILE A 69 5.80 7.83 -4.66
N ALA A 70 5.44 8.48 -5.79
CA ALA A 70 5.23 7.84 -7.11
C ALA A 70 6.34 6.84 -7.50
N ASN A 71 7.61 7.30 -7.47
CA ASN A 71 8.78 6.46 -7.83
C ASN A 71 8.98 5.36 -6.78
N ALA A 72 8.71 5.71 -5.50
CA ALA A 72 8.77 4.75 -4.38
C ALA A 72 7.76 3.60 -4.56
N LEU A 73 6.57 3.94 -5.10
CA LEU A 73 5.52 2.94 -5.36
C LEU A 73 6.00 1.99 -6.45
N GLU A 74 6.55 2.57 -7.53
CA GLU A 74 7.16 1.79 -8.64
C GLU A 74 8.36 0.96 -8.14
N GLY A 75 8.97 1.40 -7.03
CA GLY A 75 10.05 0.66 -6.36
C GLY A 75 9.52 -0.58 -5.64
N VAL A 76 8.31 -0.45 -5.05
CA VAL A 76 7.60 -1.57 -4.40
C VAL A 76 6.54 -2.21 -5.35
N GLY A 77 6.63 -1.86 -6.65
CA GLY A 77 5.88 -2.55 -7.72
C GLY A 77 4.51 -1.93 -8.04
N ILE A 78 4.04 -1.00 -7.20
CA ILE A 78 2.69 -0.40 -7.32
C ILE A 78 2.73 0.71 -8.36
N THR A 79 1.71 0.76 -9.23
CA THR A 79 1.67 1.74 -10.32
C THR A 79 0.89 3.01 -9.88
N PRO A 80 1.53 4.22 -9.92
CA PRO A 80 0.86 5.51 -9.67
C PRO A 80 0.17 6.06 -10.94
N ARG A 81 -0.69 5.24 -11.57
CA ARG A 81 -1.48 5.65 -12.75
C ARG A 81 -2.94 5.25 -12.56
N PHE A 82 -3.83 5.96 -13.28
CA PHE A 82 -5.27 5.68 -13.31
C PHE A 82 -5.67 5.42 -14.76
N ASP A 83 -5.66 4.13 -15.13
CA ASP A 83 -5.98 3.65 -16.48
C ASP A 83 -7.41 4.03 -16.88
N ASN A 84 -8.33 3.85 -15.94
CA ASN A 84 -9.70 4.34 -16.03
C ASN A 84 -10.13 4.67 -14.60
N PRO A 85 -10.50 5.96 -14.28
CA PRO A 85 -10.69 6.42 -12.89
C PRO A 85 -11.70 5.57 -12.11
N GLU A 86 -12.74 5.13 -12.82
CA GLU A 86 -13.87 4.39 -12.23
C GLU A 86 -13.39 3.00 -11.74
N GLU A 87 -12.61 2.34 -12.60
CA GLU A 87 -12.08 0.99 -12.37
C GLU A 87 -10.88 1.05 -11.39
N ALA A 88 -10.19 2.20 -11.40
CA ALA A 88 -8.98 2.43 -10.62
C ALA A 88 -9.31 2.97 -9.21
N LYS A 89 -10.56 2.85 -8.80
CA LYS A 89 -10.99 3.15 -7.42
C LYS A 89 -11.33 1.85 -6.66
N VAL A 90 -11.40 0.72 -7.40
CA VAL A 90 -11.85 -0.59 -6.85
C VAL A 90 -10.83 -1.71 -7.12
N ASP A 91 -10.32 -1.78 -8.36
CA ASP A 91 -9.41 -2.87 -8.82
C ASP A 91 -7.93 -2.42 -8.83
N ASN A 92 -7.69 -1.16 -8.42
CA ASN A 92 -6.35 -0.54 -8.45
C ASN A 92 -5.45 -1.12 -7.33
N PRO A 93 -4.14 -1.40 -7.59
CA PRO A 93 -3.19 -1.77 -6.50
C PRO A 93 -3.06 -0.65 -5.43
N LEU A 94 -3.35 0.62 -5.82
CA LEU A 94 -3.31 1.79 -4.91
C LEU A 94 -4.45 1.74 -3.89
N MET A 95 -5.60 1.13 -4.28
CA MET A 95 -6.76 1.03 -3.38
C MET A 95 -6.51 -0.06 -2.32
N ASN A 96 -5.69 -1.07 -2.69
CA ASN A 96 -5.22 -2.10 -1.75
C ASN A 96 -4.24 -1.48 -0.74
N LEU A 97 -3.36 -0.59 -1.23
CA LEU A 97 -2.42 0.19 -0.40
C LEU A 97 -3.17 1.10 0.59
N SER A 98 -4.19 1.84 0.10
CA SER A 98 -5.01 2.76 0.93
C SER A 98 -5.73 1.99 2.05
N SER A 99 -6.36 0.85 1.68
CA SER A 99 -7.13 0.01 2.61
C SER A 99 -6.24 -0.59 3.71
N ALA A 100 -5.10 -1.17 3.30
CA ALA A 100 -4.15 -1.83 4.22
C ALA A 100 -3.48 -0.80 5.16
N LEU A 101 -3.14 0.37 4.62
CA LEU A 101 -2.48 1.45 5.38
C LEU A 101 -3.47 2.10 6.37
N LYS A 102 -4.74 2.30 5.96
CA LYS A 102 -5.73 2.91 6.88
C LYS A 102 -6.06 1.95 8.01
N ARG A 103 -6.22 0.64 7.70
CA ARG A 103 -6.64 -0.37 8.70
C ARG A 103 -5.52 -0.67 9.71
N ARG A 104 -4.24 -0.52 9.31
CA ARG A 104 -3.11 -0.68 10.27
C ARG A 104 -3.04 0.51 11.27
N LEU A 105 -3.75 1.61 10.96
CA LEU A 105 -3.80 2.82 11.82
C LEU A 105 -5.19 2.98 12.47
N ASP A 106 -6.22 2.32 11.89
CA ASP A 106 -7.64 2.45 12.33
C ASP A 106 -8.09 1.24 13.15
N ALA A 107 -7.48 0.08 12.89
CA ALA A 107 -7.86 -1.20 13.53
C ALA A 107 -6.63 -1.80 14.25
N SER A 3 -19.40 16.27 -13.80
CA SER A 3 -20.71 16.84 -13.44
C SER A 3 -21.33 16.07 -12.25
N GLN A 4 -21.93 14.89 -12.52
CA GLN A 4 -22.57 14.05 -11.48
C GLN A 4 -21.53 13.08 -10.88
N ARG A 5 -21.95 12.23 -9.94
CA ARG A 5 -21.13 11.14 -9.41
C ARG A 5 -21.23 9.91 -10.35
N PRO A 6 -20.17 9.59 -11.17
CA PRO A 6 -20.17 8.39 -12.04
C PRO A 6 -19.69 7.12 -11.27
N VAL A 7 -19.38 7.32 -9.98
CA VAL A 7 -18.77 6.31 -9.13
C VAL A 7 -19.04 6.68 -7.64
N ASP A 8 -19.63 5.73 -6.91
CA ASP A 8 -19.82 5.80 -5.44
C ASP A 8 -18.82 4.85 -4.74
N ARG A 9 -17.93 4.24 -5.57
CA ARG A 9 -16.95 3.19 -5.19
C ARG A 9 -17.70 1.91 -4.74
N ASN A 10 -16.97 0.97 -4.12
CA ASN A 10 -17.53 -0.26 -3.53
C ASN A 10 -17.58 -0.13 -1.99
N PRO A 11 -18.44 -0.95 -1.29
CA PRO A 11 -18.41 -1.09 0.17
C PRO A 11 -17.02 -1.61 0.63
N PRO A 12 -16.33 -0.93 1.61
CA PRO A 12 -14.97 -1.32 2.05
C PRO A 12 -14.90 -2.76 2.58
N ARG A 13 -13.90 -3.52 2.08
CA ARG A 13 -13.63 -4.89 2.53
C ARG A 13 -12.86 -4.88 3.87
N ILE A 14 -12.83 -6.03 4.54
CA ILE A 14 -11.90 -6.28 5.65
C ILE A 14 -10.57 -6.77 5.08
N ASN A 15 -9.51 -6.67 5.87
CA ASN A 15 -8.17 -7.14 5.49
C ASN A 15 -7.68 -8.18 6.50
N LEU A 16 -6.49 -8.75 6.24
CA LEU A 16 -5.96 -9.94 6.96
C LEU A 16 -5.26 -9.55 8.29
N MET A 17 -4.40 -10.46 8.79
CA MET A 17 -3.53 -10.21 9.96
C MET A 17 -2.51 -9.07 9.68
N PRO A 18 -1.98 -8.38 10.74
CA PRO A 18 -0.87 -7.39 10.59
C PRO A 18 0.40 -8.04 9.96
N THR A 19 1.23 -7.19 9.36
CA THR A 19 2.43 -7.59 8.61
C THR A 19 3.47 -8.32 9.50
N GLY A 20 3.91 -9.49 9.02
CA GLY A 20 5.06 -10.18 9.62
C GLY A 20 6.36 -9.69 8.97
N ALA A 21 6.98 -10.56 8.16
CA ALA A 21 8.20 -10.24 7.38
C ALA A 21 8.52 -11.36 6.38
N ASN A 22 8.93 -10.97 5.15
CA ASN A 22 9.44 -11.86 4.07
C ASN A 22 8.33 -12.71 3.42
N ARG A 23 7.62 -13.53 4.23
CA ARG A 23 6.48 -14.35 3.78
C ARG A 23 5.39 -13.49 3.13
N VAL A 24 5.10 -12.35 3.79
CA VAL A 24 4.11 -11.36 3.31
C VAL A 24 4.54 -10.75 1.95
N ALA A 25 5.87 -10.69 1.72
CA ALA A 25 6.46 -10.10 0.51
C ALA A 25 6.54 -11.09 -0.67
N MET A 26 6.33 -12.39 -0.38
CA MET A 26 6.35 -13.46 -1.40
C MET A 26 4.93 -13.90 -1.79
N ARG A 27 3.95 -13.69 -0.89
CA ARG A 27 2.54 -14.06 -1.11
C ARG A 27 1.78 -12.87 -1.76
N ASN A 28 2.39 -12.30 -2.81
CA ASN A 28 1.96 -11.02 -3.41
C ASN A 28 0.57 -11.12 -4.04
N ARG A 29 -0.46 -10.79 -3.25
CA ARG A 29 -1.85 -10.70 -3.71
C ARG A 29 -2.71 -9.95 -2.68
N GLY A 30 -3.46 -8.93 -3.17
CA GLY A 30 -4.47 -8.22 -2.39
C GLY A 30 -3.90 -7.47 -1.18
N ASN A 31 -4.25 -7.96 0.03
CA ASN A 31 -3.77 -7.40 1.30
C ASN A 31 -2.26 -7.64 1.49
N ASN A 32 -1.81 -8.86 1.12
CA ASN A 32 -0.42 -9.31 1.36
C ASN A 32 0.59 -8.44 0.59
N GLU A 33 0.30 -8.18 -0.69
CA GLU A 33 1.17 -7.34 -1.54
C GLU A 33 1.13 -5.88 -1.08
N ALA A 34 -0.03 -5.47 -0.54
CA ALA A 34 -0.24 -4.11 -0.03
C ALA A 34 0.62 -3.85 1.20
N ASP A 35 0.58 -4.79 2.16
CA ASP A 35 1.36 -4.76 3.41
C ASP A 35 2.86 -4.71 3.11
N ALA A 36 3.28 -5.64 2.23
CA ALA A 36 4.67 -5.78 1.79
C ALA A 36 5.17 -4.48 1.15
N ALA A 37 4.30 -3.87 0.34
CA ALA A 37 4.60 -2.66 -0.42
C ALA A 37 4.80 -1.45 0.50
N LEU A 38 3.81 -1.20 1.39
CA LEU A 38 3.82 -0.02 2.28
C LEU A 38 4.98 -0.09 3.30
N GLN A 39 5.21 -1.28 3.86
CA GLN A 39 6.29 -1.49 4.85
C GLN A 39 7.67 -1.37 4.18
N ALA A 40 7.74 -1.71 2.87
CA ALA A 40 8.94 -1.49 2.05
C ALA A 40 9.17 0.01 1.83
N LEU A 41 8.09 0.77 1.64
CA LEU A 41 8.12 2.25 1.54
C LEU A 41 8.62 2.86 2.87
N ALA A 42 8.18 2.26 3.99
CA ALA A 42 8.54 2.72 5.35
C ALA A 42 10.06 2.58 5.60
N GLN A 43 10.63 1.42 5.21
CA GLN A 43 12.09 1.17 5.35
C GLN A 43 12.91 1.94 4.28
N ASN A 44 12.25 2.31 3.15
CA ASN A 44 12.85 3.20 2.13
C ASN A 44 12.88 4.66 2.63
N GLY A 45 12.01 5.00 3.60
CA GLY A 45 12.04 6.31 4.26
C GLY A 45 10.78 7.15 4.06
N ILE A 46 9.83 6.65 3.25
CA ILE A 46 8.55 7.33 2.99
C ILE A 46 7.59 7.03 4.15
N ASN A 47 7.08 8.08 4.82
CA ASN A 47 6.17 7.94 5.98
C ASN A 47 4.82 7.35 5.56
N MET A 48 4.28 6.48 6.44
CA MET A 48 3.01 5.75 6.24
C MET A 48 1.87 6.69 5.84
N GLU A 49 1.78 7.81 6.56
CA GLU A 49 0.71 8.79 6.43
C GLU A 49 0.78 9.52 5.07
N ASP A 50 2.00 9.90 4.66
CA ASP A 50 2.25 10.69 3.44
C ASP A 50 1.95 9.89 2.16
N LEU A 51 2.48 8.65 2.08
CA LEU A 51 2.29 7.78 0.89
C LEU A 51 0.80 7.49 0.68
N ARG A 52 0.11 7.21 1.80
CA ARG A 52 -1.34 6.93 1.84
C ARG A 52 -2.11 8.17 1.40
N ALA A 53 -1.71 9.35 1.89
CA ALA A 53 -2.37 10.64 1.58
C ALA A 53 -2.33 10.93 0.07
N ALA A 54 -1.18 10.64 -0.54
CA ALA A 54 -0.94 10.85 -1.98
C ALA A 54 -1.85 9.96 -2.84
N LEU A 55 -1.72 8.63 -2.62
CA LEU A 55 -2.47 7.64 -3.40
C LEU A 55 -3.98 7.78 -3.16
N GLU A 56 -4.41 7.99 -1.88
CA GLU A 56 -5.86 8.09 -1.52
C GLU A 56 -6.50 9.31 -2.17
N ALA A 57 -5.71 10.40 -2.32
CA ALA A 57 -6.18 11.63 -2.95
C ALA A 57 -6.33 11.44 -4.45
N TYR A 58 -5.57 10.48 -4.99
CA TYR A 58 -5.73 10.05 -6.38
C TYR A 58 -6.99 9.15 -6.49
N ILE A 59 -7.28 8.33 -5.44
CA ILE A 59 -8.43 7.38 -5.44
C ILE A 59 -9.77 8.10 -5.18
N VAL A 60 -9.70 9.25 -4.51
CA VAL A 60 -10.87 10.05 -4.16
C VAL A 60 -10.99 11.27 -5.11
N TRP A 61 -10.02 12.20 -5.02
CA TRP A 61 -10.11 13.52 -5.67
C TRP A 61 -9.49 13.53 -7.09
N LEU A 62 -8.79 12.43 -7.45
CA LEU A 62 -8.07 12.27 -8.74
C LEU A 62 -6.89 13.28 -8.84
N ARG A 63 -6.13 13.39 -7.75
CA ARG A 63 -4.94 14.26 -7.66
C ARG A 63 -3.66 13.42 -7.89
N PRO A 64 -2.72 13.87 -8.80
CA PRO A 64 -1.48 13.12 -9.10
C PRO A 64 -0.56 12.94 -7.87
N ILE A 65 0.07 11.76 -7.80
CA ILE A 65 0.99 11.40 -6.72
C ILE A 65 2.36 12.09 -6.93
N PRO A 66 2.89 12.85 -5.90
CA PRO A 66 4.20 13.54 -5.97
C PRO A 66 5.36 12.58 -6.30
N LEU A 67 6.40 13.08 -7.00
CA LEU A 67 7.48 12.26 -7.60
C LEU A 67 8.11 11.29 -6.58
N ASP A 68 8.38 11.80 -5.35
CA ASP A 68 9.01 11.02 -4.26
C ASP A 68 8.23 9.71 -3.99
N ILE A 69 6.93 9.88 -3.72
CA ILE A 69 6.05 8.76 -3.39
C ILE A 69 5.78 7.89 -4.65
N ALA A 70 5.44 8.55 -5.77
CA ALA A 70 5.22 7.90 -7.09
C ALA A 70 6.36 6.93 -7.49
N ASN A 71 7.62 7.40 -7.42
CA ASN A 71 8.79 6.59 -7.82
C ASN A 71 8.99 5.46 -6.80
N ALA A 72 8.69 5.76 -5.53
CA ALA A 72 8.76 4.78 -4.44
C ALA A 72 7.76 3.63 -4.65
N LEU A 73 6.56 3.96 -5.18
CA LEU A 73 5.50 2.96 -5.47
C LEU A 73 5.98 2.06 -6.62
N GLU A 74 6.52 2.69 -7.69
CA GLU A 74 7.13 1.97 -8.83
C GLU A 74 8.30 1.07 -8.39
N GLY A 75 8.91 1.43 -7.25
CA GLY A 75 9.95 0.63 -6.61
C GLY A 75 9.39 -0.62 -5.96
N VAL A 76 8.24 -0.47 -5.28
CA VAL A 76 7.55 -1.59 -4.58
C VAL A 76 6.47 -2.26 -5.48
N GLY A 77 6.52 -1.96 -6.80
CA GLY A 77 5.75 -2.70 -7.82
C GLY A 77 4.34 -2.17 -8.07
N ILE A 78 4.01 -1.04 -7.44
CA ILE A 78 2.67 -0.40 -7.54
C ILE A 78 2.73 0.71 -8.59
N THR A 79 1.72 0.81 -9.45
CA THR A 79 1.66 1.84 -10.48
C THR A 79 0.89 3.09 -9.95
N PRO A 80 1.53 4.31 -9.93
CA PRO A 80 0.88 5.57 -9.49
C PRO A 80 0.09 6.27 -10.63
N ARG A 81 -0.78 5.49 -11.32
CA ARG A 81 -1.58 6.00 -12.45
C ARG A 81 -3.02 5.50 -12.36
N PHE A 82 -3.94 6.30 -12.94
CA PHE A 82 -5.35 5.96 -13.11
C PHE A 82 -5.64 5.86 -14.61
N ASP A 83 -5.43 4.65 -15.14
CA ASP A 83 -5.69 4.27 -16.56
C ASP A 83 -7.15 4.58 -16.95
N ASN A 84 -8.05 4.30 -16.01
CA ASN A 84 -9.44 4.75 -16.03
C ASN A 84 -9.81 4.98 -14.57
N PRO A 85 -10.31 6.20 -14.19
CA PRO A 85 -10.51 6.58 -12.77
C PRO A 85 -11.47 5.63 -12.05
N GLU A 86 -12.53 5.24 -12.77
CA GLU A 86 -13.65 4.44 -12.22
C GLU A 86 -13.20 2.97 -12.01
N GLU A 87 -12.17 2.57 -12.79
CA GLU A 87 -11.57 1.23 -12.74
C GLU A 87 -10.50 1.17 -11.64
N ALA A 88 -9.81 2.30 -11.47
CA ALA A 88 -8.63 2.40 -10.60
C ALA A 88 -9.01 2.84 -9.17
N LYS A 89 -10.30 2.84 -8.86
CA LYS A 89 -10.80 3.02 -7.49
C LYS A 89 -11.17 1.67 -6.86
N VAL A 90 -11.14 0.58 -7.67
CA VAL A 90 -11.67 -0.75 -7.27
C VAL A 90 -10.66 -1.91 -7.52
N ASP A 91 -10.07 -1.97 -8.72
CA ASP A 91 -9.18 -3.09 -9.13
C ASP A 91 -7.68 -2.72 -9.01
N ASN A 92 -7.43 -1.48 -8.60
CA ASN A 92 -6.08 -0.85 -8.61
C ASN A 92 -5.21 -1.35 -7.45
N PRO A 93 -3.89 -1.60 -7.65
CA PRO A 93 -2.96 -1.93 -6.54
C PRO A 93 -2.85 -0.78 -5.49
N LEU A 94 -3.19 0.49 -5.90
CA LEU A 94 -3.21 1.66 -5.00
C LEU A 94 -4.36 1.56 -3.98
N MET A 95 -5.51 0.97 -4.39
CA MET A 95 -6.69 0.85 -3.51
C MET A 95 -6.45 -0.25 -2.46
N ASN A 96 -5.57 -1.22 -2.78
CA ASN A 96 -5.07 -2.22 -1.82
C ASN A 96 -4.14 -1.55 -0.79
N LEU A 97 -3.24 -0.67 -1.29
CA LEU A 97 -2.28 0.10 -0.45
C LEU A 97 -3.03 0.99 0.55
N SER A 98 -4.09 1.69 0.07
CA SER A 98 -4.94 2.53 0.93
C SER A 98 -5.66 1.68 2.00
N SER A 99 -6.27 0.56 1.58
CA SER A 99 -7.03 -0.35 2.48
C SER A 99 -6.17 -0.89 3.63
N ALA A 100 -4.95 -1.33 3.31
CA ALA A 100 -4.02 -1.93 4.29
C ALA A 100 -3.43 -0.86 5.25
N LEU A 101 -3.01 0.28 4.66
CA LEU A 101 -2.40 1.39 5.41
C LEU A 101 -3.43 2.02 6.37
N LYS A 102 -4.72 2.08 5.96
CA LYS A 102 -5.76 2.62 6.85
C LYS A 102 -6.13 1.60 7.95
N ARG A 103 -6.29 0.31 7.60
CA ARG A 103 -6.79 -0.70 8.58
C ARG A 103 -5.75 -0.98 9.68
N ARG A 104 -4.48 -0.62 9.44
CA ARG A 104 -3.43 -0.71 10.49
C ARG A 104 -3.45 0.53 11.43
N LEU A 105 -3.85 1.71 10.91
CA LEU A 105 -3.86 2.98 11.68
C LEU A 105 -5.30 3.33 12.15
N ASP A 106 -6.19 3.63 11.17
CA ASP A 106 -7.62 3.97 11.39
C ASP A 106 -8.36 2.94 12.27
N ALA A 107 -8.10 1.65 12.00
CA ALA A 107 -8.65 0.54 12.79
C ALA A 107 -7.66 0.19 13.94
N SER A 3 -18.96 9.63 28.38
CA SER A 3 -18.27 8.35 28.07
C SER A 3 -17.57 7.79 29.31
N GLN A 4 -17.57 6.45 29.43
CA GLN A 4 -16.85 5.72 30.48
C GLN A 4 -16.54 4.31 30.00
N ARG A 5 -15.26 3.93 30.02
CA ARG A 5 -14.82 2.57 29.70
C ARG A 5 -14.09 1.97 30.93
N PRO A 6 -14.84 1.29 31.85
CA PRO A 6 -14.24 0.67 33.05
C PRO A 6 -13.52 -0.68 32.74
N VAL A 7 -13.98 -1.37 31.66
CA VAL A 7 -13.48 -2.71 31.23
C VAL A 7 -13.72 -3.79 32.32
N ASP A 8 -14.59 -4.75 32.01
CA ASP A 8 -15.05 -5.76 32.98
C ASP A 8 -14.66 -7.18 32.52
N ARG A 9 -15.15 -7.57 31.34
CA ARG A 9 -14.98 -8.95 30.83
C ARG A 9 -13.64 -9.10 30.11
N ASN A 10 -13.00 -10.25 30.38
CA ASN A 10 -11.81 -10.76 29.64
C ASN A 10 -10.60 -9.79 29.63
N PRO A 11 -9.45 -10.18 30.27
CA PRO A 11 -8.14 -9.48 30.11
C PRO A 11 -7.72 -9.37 28.61
N PRO A 12 -6.76 -8.44 28.24
CA PRO A 12 -6.44 -8.16 26.81
C PRO A 12 -6.02 -9.43 26.03
N ARG A 13 -6.76 -9.73 24.96
CA ARG A 13 -6.59 -10.96 24.15
C ARG A 13 -5.29 -10.90 23.33
N ILE A 14 -4.78 -12.08 22.92
CA ILE A 14 -3.51 -12.18 22.17
C ILE A 14 -3.68 -11.68 20.73
N ASN A 15 -2.62 -11.08 20.18
CA ASN A 15 -2.60 -10.69 18.76
C ASN A 15 -2.31 -11.92 17.90
N LEU A 16 -3.07 -12.05 16.81
CA LEU A 16 -2.98 -13.19 15.89
C LEU A 16 -1.67 -13.10 15.08
N MET A 17 -1.41 -11.89 14.53
CA MET A 17 -0.17 -11.56 13.81
C MET A 17 0.24 -10.12 14.14
N PRO A 18 1.58 -9.84 14.35
CA PRO A 18 2.11 -8.46 14.51
C PRO A 18 1.85 -7.56 13.27
N THR A 19 1.57 -8.22 12.10
CA THR A 19 1.30 -7.55 10.81
C THR A 19 2.56 -6.79 10.34
N GLY A 20 3.57 -7.58 9.94
CA GLY A 20 4.89 -7.08 9.59
C GLY A 20 5.94 -8.15 9.89
N ALA A 21 6.78 -8.46 8.86
CA ALA A 21 7.87 -9.46 8.92
C ALA A 21 7.35 -10.90 8.85
N ASN A 22 8.13 -11.75 8.16
CA ASN A 22 7.87 -13.20 7.97
C ASN A 22 6.57 -13.46 7.18
N ARG A 23 5.40 -13.28 7.85
CA ARG A 23 4.08 -13.59 7.28
C ARG A 23 3.87 -12.79 5.98
N VAL A 24 4.05 -11.46 6.07
CA VAL A 24 3.83 -10.55 4.93
C VAL A 24 5.06 -10.55 3.99
N ALA A 25 6.21 -11.05 4.50
CA ALA A 25 7.45 -11.16 3.73
C ALA A 25 7.33 -12.26 2.65
N MET A 26 6.57 -13.32 2.97
CA MET A 26 6.35 -14.47 2.06
C MET A 26 5.13 -14.25 1.16
N ARG A 27 4.18 -13.41 1.62
CA ARG A 27 2.87 -13.22 0.94
C ARG A 27 2.82 -11.87 0.21
N ASN A 28 2.39 -11.90 -1.06
CA ASN A 28 2.40 -10.73 -1.95
C ASN A 28 1.31 -10.86 -3.02
N ARG A 29 0.07 -10.46 -2.65
CA ARG A 29 -1.08 -10.33 -3.58
C ARG A 29 -2.25 -9.64 -2.85
N GLY A 30 -2.86 -8.62 -3.51
CA GLY A 30 -3.99 -7.88 -2.95
C GLY A 30 -3.61 -7.04 -1.73
N ASN A 31 -4.24 -7.33 -0.57
CA ASN A 31 -3.93 -6.66 0.72
C ASN A 31 -2.52 -7.09 1.20
N ASN A 32 -2.11 -8.33 0.83
CA ASN A 32 -0.80 -8.89 1.21
C ASN A 32 0.36 -8.15 0.52
N GLU A 33 0.21 -7.87 -0.80
CA GLU A 33 1.23 -7.10 -1.56
C GLU A 33 1.18 -5.64 -1.15
N ALA A 34 -0.02 -5.18 -0.76
CA ALA A 34 -0.25 -3.81 -0.31
C ALA A 34 0.48 -3.52 0.99
N ASP A 35 0.40 -4.47 1.94
CA ASP A 35 1.00 -4.34 3.27
C ASP A 35 2.53 -4.45 3.13
N ALA A 36 2.96 -5.40 2.29
CA ALA A 36 4.38 -5.56 1.91
C ALA A 36 4.93 -4.29 1.24
N ALA A 37 4.05 -3.63 0.45
CA ALA A 37 4.41 -2.42 -0.31
C ALA A 37 4.66 -1.24 0.63
N LEU A 38 3.68 -0.95 1.49
CA LEU A 38 3.73 0.20 2.41
C LEU A 38 4.86 0.06 3.45
N GLN A 39 5.04 -1.14 4.00
CA GLN A 39 6.14 -1.41 4.98
C GLN A 39 7.51 -1.26 4.28
N ALA A 40 7.57 -1.61 2.98
CA ALA A 40 8.77 -1.40 2.17
C ALA A 40 9.01 0.09 1.94
N LEU A 41 7.92 0.86 1.72
CA LEU A 41 7.96 2.33 1.59
C LEU A 41 8.46 2.99 2.90
N ALA A 42 8.08 2.38 4.04
CA ALA A 42 8.45 2.87 5.38
C ALA A 42 9.95 2.70 5.62
N GLN A 43 10.51 1.52 5.26
CA GLN A 43 11.97 1.27 5.38
C GLN A 43 12.76 2.02 4.28
N ASN A 44 12.08 2.44 3.20
CA ASN A 44 12.67 3.30 2.15
C ASN A 44 12.77 4.76 2.63
N GLY A 45 11.89 5.15 3.58
CA GLY A 45 11.92 6.50 4.19
C GLY A 45 10.64 7.30 4.01
N ILE A 46 9.69 6.76 3.24
CA ILE A 46 8.40 7.42 2.98
C ILE A 46 7.45 7.12 4.15
N ASN A 47 6.90 8.18 4.78
CA ASN A 47 6.00 8.07 5.96
C ASN A 47 4.66 7.44 5.56
N MET A 48 4.12 6.59 6.47
CA MET A 48 2.85 5.85 6.27
C MET A 48 1.71 6.80 5.87
N GLU A 49 1.65 7.92 6.58
CA GLU A 49 0.58 8.92 6.43
C GLU A 49 0.72 9.70 5.10
N ASP A 50 1.97 10.02 4.73
CA ASP A 50 2.30 10.79 3.49
C ASP A 50 1.96 10.00 2.22
N LEU A 51 2.45 8.74 2.15
CA LEU A 51 2.22 7.87 0.97
C LEU A 51 0.73 7.61 0.77
N ARG A 52 0.02 7.40 1.90
CA ARG A 52 -1.41 7.12 1.92
C ARG A 52 -2.19 8.36 1.45
N ALA A 53 -1.79 9.55 1.95
CA ALA A 53 -2.43 10.83 1.59
C ALA A 53 -2.32 11.09 0.07
N ALA A 54 -1.15 10.77 -0.50
CA ALA A 54 -0.85 10.96 -1.92
C ALA A 54 -1.72 10.05 -2.81
N LEU A 55 -1.64 8.73 -2.55
CA LEU A 55 -2.38 7.74 -3.33
C LEU A 55 -3.89 7.92 -3.15
N GLU A 56 -4.36 8.14 -1.90
CA GLU A 56 -5.82 8.29 -1.61
C GLU A 56 -6.39 9.54 -2.30
N ALA A 57 -5.55 10.57 -2.44
CA ALA A 57 -5.95 11.82 -3.13
C ALA A 57 -6.04 11.58 -4.64
N TYR A 58 -5.26 10.60 -5.12
CA TYR A 58 -5.34 10.16 -6.52
C TYR A 58 -6.55 9.23 -6.72
N ILE A 59 -6.97 8.51 -5.64
CA ILE A 59 -8.13 7.57 -5.71
C ILE A 59 -9.45 8.35 -5.61
N VAL A 60 -9.45 9.38 -4.79
CA VAL A 60 -10.67 10.15 -4.46
C VAL A 60 -10.76 11.39 -5.38
N TRP A 61 -9.75 12.26 -5.29
CA TRP A 61 -9.77 13.60 -5.93
C TRP A 61 -9.12 13.57 -7.32
N LEU A 62 -8.43 12.45 -7.64
CA LEU A 62 -7.69 12.25 -8.91
C LEU A 62 -6.52 13.26 -9.05
N ARG A 63 -5.77 13.46 -7.94
CA ARG A 63 -4.58 14.36 -7.89
C ARG A 63 -3.28 13.55 -8.06
N PRO A 64 -2.32 14.03 -8.93
CA PRO A 64 -1.08 13.26 -9.26
C PRO A 64 -0.14 13.11 -8.03
N ILE A 65 0.32 11.88 -7.80
CA ILE A 65 1.24 11.53 -6.72
C ILE A 65 2.64 12.17 -6.98
N PRO A 66 3.25 12.87 -5.96
CA PRO A 66 4.59 13.52 -6.11
C PRO A 66 5.69 12.50 -6.48
N LEU A 67 6.74 12.98 -7.18
CA LEU A 67 7.82 12.13 -7.79
C LEU A 67 8.40 11.14 -6.75
N ASP A 68 8.63 11.64 -5.52
CA ASP A 68 9.20 10.86 -4.41
C ASP A 68 8.34 9.61 -4.10
N ILE A 69 7.07 9.84 -3.77
CA ILE A 69 6.16 8.75 -3.41
C ILE A 69 5.84 7.86 -4.63
N ALA A 70 5.48 8.49 -5.76
CA ALA A 70 5.20 7.82 -7.06
C ALA A 70 6.31 6.81 -7.49
N ASN A 71 7.57 7.27 -7.52
CA ASN A 71 8.73 6.43 -7.93
C ASN A 71 9.00 5.34 -6.86
N ALA A 72 8.70 5.69 -5.59
CA ALA A 72 8.76 4.74 -4.47
C ALA A 72 7.74 3.61 -4.64
N LEU A 73 6.54 3.96 -5.18
CA LEU A 73 5.48 2.97 -5.46
C LEU A 73 5.94 2.02 -6.57
N GLU A 74 6.51 2.61 -7.64
CA GLU A 74 7.12 1.85 -8.75
C GLU A 74 8.26 0.95 -8.27
N GLY A 75 8.87 1.32 -7.14
CA GLY A 75 9.88 0.51 -6.47
C GLY A 75 9.26 -0.72 -5.79
N VAL A 76 8.14 -0.49 -5.07
CA VAL A 76 7.42 -1.56 -4.35
C VAL A 76 6.35 -2.24 -5.24
N GLY A 77 6.46 -2.05 -6.57
CA GLY A 77 5.68 -2.82 -7.56
C GLY A 77 4.32 -2.23 -7.92
N ILE A 78 3.97 -1.09 -7.31
CA ILE A 78 2.67 -0.42 -7.49
C ILE A 78 2.77 0.61 -8.62
N THR A 79 1.68 0.83 -9.35
CA THR A 79 1.65 1.79 -10.45
C THR A 79 0.86 3.07 -10.01
N PRO A 80 1.54 4.27 -9.94
CA PRO A 80 0.89 5.56 -9.62
C PRO A 80 0.23 6.20 -10.86
N ARG A 81 -0.79 5.53 -11.41
CA ARG A 81 -1.53 6.01 -12.58
C ARG A 81 -2.98 5.53 -12.56
N PHE A 82 -3.86 6.30 -13.23
CA PHE A 82 -5.29 6.02 -13.34
C PHE A 82 -5.68 6.02 -14.84
N ASP A 83 -5.72 4.81 -15.42
CA ASP A 83 -6.09 4.61 -16.83
C ASP A 83 -7.60 4.89 -17.03
N ASN A 84 -8.41 4.37 -16.09
CA ASN A 84 -9.84 4.69 -16.00
C ASN A 84 -10.17 4.75 -14.51
N PRO A 85 -10.65 5.92 -13.98
CA PRO A 85 -10.76 6.16 -12.53
C PRO A 85 -11.76 5.21 -11.83
N GLU A 86 -12.79 4.78 -12.58
CA GLU A 86 -13.85 3.89 -12.06
C GLU A 86 -13.26 2.49 -11.74
N GLU A 87 -12.40 2.04 -12.66
CA GLU A 87 -11.72 0.75 -12.58
C GLU A 87 -10.56 0.83 -11.58
N ALA A 88 -9.95 2.02 -11.50
CA ALA A 88 -8.76 2.27 -10.68
C ALA A 88 -9.12 2.67 -9.24
N LYS A 89 -10.36 2.41 -8.83
CA LYS A 89 -10.78 2.52 -7.42
C LYS A 89 -11.11 1.14 -6.84
N VAL A 90 -11.30 0.14 -7.72
CA VAL A 90 -11.73 -1.23 -7.31
C VAL A 90 -10.60 -2.26 -7.46
N ASP A 91 -9.91 -2.28 -8.63
CA ASP A 91 -8.90 -3.32 -8.97
C ASP A 91 -7.46 -2.78 -8.86
N ASN A 92 -7.34 -1.46 -8.60
CA ASN A 92 -6.04 -0.76 -8.58
C ASN A 92 -5.18 -1.25 -7.40
N PRO A 93 -3.86 -1.49 -7.60
CA PRO A 93 -2.94 -1.79 -6.47
C PRO A 93 -2.90 -0.62 -5.42
N LEU A 94 -3.24 0.62 -5.85
CA LEU A 94 -3.29 1.81 -4.98
C LEU A 94 -4.47 1.74 -3.98
N MET A 95 -5.61 1.16 -4.40
CA MET A 95 -6.80 1.04 -3.54
C MET A 95 -6.56 -0.01 -2.45
N ASN A 96 -5.70 -1.00 -2.76
CA ASN A 96 -5.22 -1.99 -1.80
C ASN A 96 -4.27 -1.32 -0.79
N LEU A 97 -3.41 -0.41 -1.28
CA LEU A 97 -2.46 0.36 -0.43
C LEU A 97 -3.22 1.24 0.59
N SER A 98 -4.27 1.94 0.13
CA SER A 98 -5.12 2.77 1.00
C SER A 98 -5.81 1.91 2.08
N SER A 99 -6.39 0.78 1.64
CA SER A 99 -7.11 -0.17 2.52
C SER A 99 -6.19 -0.79 3.58
N ALA A 100 -5.00 -1.23 3.18
CA ALA A 100 -4.04 -1.90 4.07
C ALA A 100 -3.46 -0.91 5.09
N LEU A 101 -3.07 0.29 4.60
CA LEU A 101 -2.47 1.34 5.44
C LEU A 101 -3.47 1.83 6.50
N LYS A 102 -4.76 1.97 6.11
CA LYS A 102 -5.79 2.40 7.05
C LYS A 102 -6.13 1.26 8.02
N ARG A 103 -6.16 0.00 7.57
CA ARG A 103 -6.60 -1.11 8.44
C ARG A 103 -5.54 -1.52 9.46
N ARG A 104 -4.27 -1.10 9.26
CA ARG A 104 -3.21 -1.31 10.29
C ARG A 104 -3.17 -0.15 11.33
N LEU A 105 -3.62 1.07 10.94
CA LEU A 105 -3.57 2.26 11.83
C LEU A 105 -4.93 2.49 12.52
N ASP A 106 -5.99 2.65 11.69
CA ASP A 106 -7.38 2.94 12.14
C ASP A 106 -7.99 1.81 12.99
N ALA A 107 -7.50 0.57 12.82
CA ALA A 107 -7.98 -0.61 13.59
C ALA A 107 -7.63 -0.47 15.09
N SER A 3 -17.74 15.50 -10.35
CA SER A 3 -17.07 14.20 -10.10
C SER A 3 -18.01 13.03 -10.42
N GLN A 4 -17.44 12.00 -11.08
CA GLN A 4 -18.16 10.75 -11.40
C GLN A 4 -18.31 9.90 -10.11
N ARG A 5 -17.30 10.03 -9.24
CA ARG A 5 -17.28 9.40 -7.91
C ARG A 5 -16.95 10.46 -6.84
N PRO A 6 -17.97 11.14 -6.25
CA PRO A 6 -17.77 11.96 -5.03
C PRO A 6 -17.60 11.07 -3.77
N VAL A 7 -18.19 9.86 -3.82
CA VAL A 7 -18.24 8.91 -2.68
C VAL A 7 -18.02 7.49 -3.20
N ASP A 8 -17.12 6.76 -2.52
CA ASP A 8 -16.79 5.35 -2.86
C ASP A 8 -16.90 4.47 -1.61
N ARG A 9 -16.32 4.98 -0.49
CA ARG A 9 -16.33 4.33 0.84
C ARG A 9 -15.49 3.03 0.83
N ASN A 10 -14.34 3.08 1.52
CA ASN A 10 -13.47 1.89 1.73
C ASN A 10 -13.58 1.47 3.21
N PRO A 11 -14.53 0.53 3.56
CA PRO A 11 -14.73 0.09 4.95
C PRO A 11 -13.63 -0.91 5.40
N PRO A 12 -13.28 -0.95 6.72
CA PRO A 12 -12.30 -1.91 7.26
C PRO A 12 -12.93 -3.30 7.46
N ARG A 13 -12.07 -4.32 7.59
CA ARG A 13 -12.50 -5.70 7.87
C ARG A 13 -12.79 -5.86 9.37
N ILE A 14 -13.57 -6.90 9.72
CA ILE A 14 -14.09 -7.11 11.09
C ILE A 14 -12.94 -7.24 12.12
N ASN A 15 -11.82 -7.86 11.69
CA ASN A 15 -10.65 -8.11 12.55
C ASN A 15 -9.37 -7.55 11.90
N LEU A 16 -8.33 -7.41 12.74
CA LEU A 16 -6.99 -6.97 12.30
C LEU A 16 -6.31 -8.11 11.53
N MET A 17 -5.87 -7.84 10.30
CA MET A 17 -5.11 -8.78 9.49
C MET A 17 -3.63 -8.78 9.94
N PRO A 18 -3.07 -9.95 10.40
CA PRO A 18 -1.63 -10.06 10.75
C PRO A 18 -0.71 -9.69 9.56
N THR A 19 0.40 -9.00 9.86
CA THR A 19 1.34 -8.52 8.85
C THR A 19 2.06 -9.70 8.14
N GLY A 20 2.29 -10.79 8.90
CA GLY A 20 2.90 -12.02 8.39
C GLY A 20 4.40 -11.91 8.12
N ALA A 21 4.73 -11.15 7.04
CA ALA A 21 6.11 -10.85 6.57
C ALA A 21 6.72 -12.05 5.83
N ASN A 22 7.56 -11.74 4.82
CA ASN A 22 8.27 -12.72 3.98
C ASN A 22 7.28 -13.60 3.18
N ARG A 23 6.72 -14.61 3.86
CA ARG A 23 5.86 -15.66 3.26
C ARG A 23 4.64 -15.06 2.56
N VAL A 24 3.91 -14.20 3.29
CA VAL A 24 2.67 -13.57 2.78
C VAL A 24 3.01 -12.31 1.97
N ALA A 25 4.15 -11.67 2.30
CA ALA A 25 4.55 -10.38 1.75
C ALA A 25 4.90 -10.47 0.25
N MET A 26 5.80 -11.41 -0.11
CA MET A 26 6.31 -11.55 -1.49
C MET A 26 5.35 -12.35 -2.38
N ARG A 27 4.24 -12.85 -1.78
CA ARG A 27 3.16 -13.53 -2.53
C ARG A 27 2.45 -12.52 -3.47
N ASN A 28 2.33 -11.25 -3.01
CA ASN A 28 1.78 -10.13 -3.82
C ASN A 28 0.32 -10.43 -4.27
N ARG A 29 -0.65 -10.13 -3.38
CA ARG A 29 -2.05 -10.59 -3.56
C ARG A 29 -3.02 -9.71 -2.73
N GLY A 30 -3.52 -8.63 -3.36
CA GLY A 30 -4.52 -7.74 -2.74
C GLY A 30 -4.03 -7.03 -1.48
N ASN A 31 -4.28 -7.64 -0.31
CA ASN A 31 -3.84 -7.11 1.00
C ASN A 31 -2.35 -7.44 1.26
N ASN A 32 -1.88 -8.55 0.65
CA ASN A 32 -0.48 -9.02 0.74
C ASN A 32 0.48 -8.01 0.09
N GLU A 33 0.19 -7.67 -1.19
CA GLU A 33 1.01 -6.73 -1.99
C GLU A 33 1.02 -5.35 -1.36
N ALA A 34 -0.16 -4.98 -0.82
CA ALA A 34 -0.41 -3.69 -0.20
C ALA A 34 0.44 -3.48 1.05
N ASP A 35 0.33 -4.44 1.98
CA ASP A 35 0.98 -4.38 3.31
C ASP A 35 2.51 -4.41 3.14
N ALA A 36 2.97 -5.33 2.28
CA ALA A 36 4.39 -5.47 1.92
C ALA A 36 4.96 -4.17 1.32
N ALA A 37 4.17 -3.56 0.43
CA ALA A 37 4.57 -2.34 -0.30
C ALA A 37 4.75 -1.16 0.65
N LEU A 38 3.73 -0.90 1.50
CA LEU A 38 3.73 0.27 2.41
C LEU A 38 4.84 0.16 3.48
N GLN A 39 5.02 -1.03 4.06
CA GLN A 39 6.07 -1.25 5.09
C GLN A 39 7.48 -1.16 4.46
N ALA A 40 7.59 -1.56 3.17
CA ALA A 40 8.83 -1.41 2.39
C ALA A 40 9.11 0.08 2.15
N LEU A 41 8.05 0.86 1.88
CA LEU A 41 8.14 2.32 1.72
C LEU A 41 8.62 2.97 3.02
N ALA A 42 8.11 2.46 4.16
CA ALA A 42 8.45 2.96 5.51
C ALA A 42 9.95 2.82 5.79
N GLN A 43 10.50 1.62 5.50
CA GLN A 43 11.93 1.32 5.71
C GLN A 43 12.82 1.98 4.61
N ASN A 44 12.20 2.33 3.46
CA ASN A 44 12.87 3.11 2.38
C ASN A 44 12.97 4.61 2.74
N GLY A 45 12.09 5.07 3.65
CA GLY A 45 12.15 6.43 4.20
C GLY A 45 10.89 7.24 3.98
N ILE A 46 9.92 6.68 3.23
CA ILE A 46 8.62 7.34 2.97
C ILE A 46 7.67 7.06 4.15
N ASN A 47 7.12 8.13 4.76
CA ASN A 47 6.23 8.03 5.93
C ASN A 47 4.87 7.39 5.56
N MET A 48 4.34 6.57 6.49
CA MET A 48 3.04 5.86 6.35
C MET A 48 1.91 6.80 5.91
N GLU A 49 1.84 7.93 6.62
CA GLU A 49 0.79 8.95 6.45
C GLU A 49 0.98 9.70 5.12
N ASP A 50 2.26 9.90 4.75
CA ASP A 50 2.66 10.68 3.54
C ASP A 50 2.29 9.92 2.24
N LEU A 51 2.80 8.67 2.12
CA LEU A 51 2.56 7.82 0.92
C LEU A 51 1.07 7.64 0.69
N ARG A 52 0.34 7.41 1.80
CA ARG A 52 -1.11 7.16 1.80
C ARG A 52 -1.84 8.41 1.36
N ALA A 53 -1.44 9.59 1.90
CA ALA A 53 -2.09 10.88 1.58
C ALA A 53 -2.07 11.14 0.06
N ALA A 54 -0.90 10.87 -0.54
CA ALA A 54 -0.68 11.06 -2.00
C ALA A 54 -1.58 10.14 -2.84
N LEU A 55 -1.43 8.81 -2.62
CA LEU A 55 -2.14 7.82 -3.43
C LEU A 55 -3.66 7.91 -3.19
N GLU A 56 -4.09 8.09 -1.92
CA GLU A 56 -5.53 8.18 -1.56
C GLU A 56 -6.17 9.41 -2.21
N ALA A 57 -5.38 10.49 -2.36
CA ALA A 57 -5.84 11.73 -2.99
C ALA A 57 -6.02 11.50 -4.49
N TYR A 58 -5.22 10.59 -5.05
CA TYR A 58 -5.36 10.13 -6.45
C TYR A 58 -6.59 9.20 -6.59
N ILE A 59 -6.98 8.53 -5.48
CA ILE A 59 -8.16 7.61 -5.46
C ILE A 59 -9.46 8.36 -5.15
N VAL A 60 -9.37 9.49 -4.46
CA VAL A 60 -10.56 10.28 -4.08
C VAL A 60 -10.71 11.51 -4.99
N TRP A 61 -9.71 12.42 -4.93
CA TRP A 61 -9.76 13.74 -5.61
C TRP A 61 -9.05 13.71 -6.99
N LEU A 62 -8.45 12.55 -7.34
CA LEU A 62 -7.68 12.33 -8.60
C LEU A 62 -6.45 13.27 -8.71
N ARG A 63 -5.75 13.46 -7.57
CA ARG A 63 -4.52 14.29 -7.48
C ARG A 63 -3.28 13.49 -7.94
N PRO A 64 -2.39 14.09 -8.80
CA PRO A 64 -1.15 13.41 -9.26
C PRO A 64 -0.16 13.17 -8.10
N ILE A 65 0.31 11.91 -7.97
CA ILE A 65 1.26 11.50 -6.91
C ILE A 65 2.66 12.14 -7.15
N PRO A 66 3.27 12.83 -6.11
CA PRO A 66 4.62 13.46 -6.23
C PRO A 66 5.71 12.46 -6.64
N LEU A 67 6.75 12.97 -7.34
CA LEU A 67 7.83 12.16 -7.94
C LEU A 67 8.47 11.21 -6.90
N ASP A 68 8.63 11.74 -5.67
CA ASP A 68 9.17 10.97 -4.51
C ASP A 68 8.36 9.69 -4.25
N ILE A 69 7.06 9.86 -3.98
CA ILE A 69 6.18 8.75 -3.61
C ILE A 69 5.90 7.85 -4.84
N ALA A 70 5.51 8.47 -5.97
CA ALA A 70 5.28 7.79 -7.26
C ALA A 70 6.42 6.82 -7.66
N ASN A 71 7.67 7.31 -7.63
CA ASN A 71 8.84 6.48 -7.98
C ASN A 71 9.06 5.39 -6.92
N ALA A 72 8.79 5.75 -5.65
CA ALA A 72 8.88 4.82 -4.51
C ALA A 72 7.87 3.66 -4.66
N LEU A 73 6.68 3.98 -5.22
CA LEU A 73 5.63 2.99 -5.46
C LEU A 73 6.10 2.01 -6.53
N GLU A 74 6.65 2.56 -7.62
CA GLU A 74 7.30 1.78 -8.70
C GLU A 74 8.47 0.92 -8.17
N GLY A 75 9.11 1.41 -7.09
CA GLY A 75 10.18 0.69 -6.39
C GLY A 75 9.65 -0.49 -5.58
N VAL A 76 8.41 -0.37 -5.05
CA VAL A 76 7.74 -1.44 -4.28
C VAL A 76 6.69 -2.19 -5.13
N GLY A 77 6.80 -2.06 -6.48
CA GLY A 77 6.06 -2.90 -7.43
C GLY A 77 4.63 -2.45 -7.72
N ILE A 78 4.35 -1.17 -7.48
CA ILE A 78 3.02 -0.54 -7.68
C ILE A 78 3.12 0.44 -8.86
N THR A 79 2.01 0.62 -9.61
CA THR A 79 1.94 1.60 -10.69
C THR A 79 1.08 2.82 -10.23
N PRO A 80 1.68 4.05 -10.12
CA PRO A 80 0.97 5.27 -9.69
C PRO A 80 0.14 5.92 -10.84
N ARG A 81 -0.95 5.25 -11.25
CA ARG A 81 -1.80 5.72 -12.38
C ARG A 81 -3.30 5.46 -12.12
N PHE A 82 -4.14 6.28 -12.78
CA PHE A 82 -5.61 6.11 -12.82
C PHE A 82 -6.08 6.25 -14.28
N ASP A 83 -6.13 5.10 -14.97
CA ASP A 83 -6.64 4.97 -16.35
C ASP A 83 -8.14 5.34 -16.41
N ASN A 84 -8.95 4.58 -15.66
CA ASN A 84 -10.39 4.84 -15.49
C ASN A 84 -10.64 4.88 -13.98
N PRO A 85 -11.11 6.03 -13.42
CA PRO A 85 -11.19 6.23 -11.96
C PRO A 85 -12.12 5.20 -11.31
N GLU A 86 -13.22 4.89 -11.99
CA GLU A 86 -14.32 4.07 -11.45
C GLU A 86 -13.95 2.56 -11.44
N GLU A 87 -12.91 2.20 -12.21
CA GLU A 87 -12.40 0.82 -12.30
C GLU A 87 -11.14 0.68 -11.45
N ALA A 88 -10.40 1.79 -11.28
CA ALA A 88 -9.13 1.82 -10.55
C ALA A 88 -9.35 2.12 -9.05
N LYS A 89 -10.54 1.81 -8.54
CA LYS A 89 -10.86 1.93 -7.11
C LYS A 89 -11.33 0.58 -6.53
N VAL A 90 -11.16 -0.51 -7.31
CA VAL A 90 -11.55 -1.88 -6.89
C VAL A 90 -10.38 -2.87 -7.02
N ASP A 91 -9.70 -2.90 -8.18
CA ASP A 91 -8.65 -3.90 -8.50
C ASP A 91 -7.23 -3.27 -8.56
N ASN A 92 -7.19 -1.93 -8.57
CA ASN A 92 -5.94 -1.13 -8.71
C ASN A 92 -4.96 -1.40 -7.55
N PRO A 93 -3.62 -1.57 -7.80
CA PRO A 93 -2.63 -1.80 -6.71
C PRO A 93 -2.56 -0.61 -5.72
N LEU A 94 -3.05 0.59 -6.15
CA LEU A 94 -3.09 1.79 -5.29
C LEU A 94 -4.25 1.73 -4.31
N MET A 95 -5.42 1.19 -4.77
CA MET A 95 -6.61 1.06 -3.90
C MET A 95 -6.32 0.03 -2.79
N ASN A 96 -5.44 -0.93 -3.12
CA ASN A 96 -4.95 -1.93 -2.17
C ASN A 96 -4.06 -1.25 -1.12
N LEU A 97 -3.14 -0.39 -1.57
CA LEU A 97 -2.23 0.39 -0.69
C LEU A 97 -3.03 1.26 0.31
N SER A 98 -4.07 1.96 -0.19
CA SER A 98 -4.96 2.77 0.64
C SER A 98 -5.72 1.91 1.66
N SER A 99 -6.26 0.77 1.20
CA SER A 99 -7.06 -0.16 2.04
C SER A 99 -6.24 -0.67 3.24
N ALA A 100 -5.04 -1.17 2.96
CA ALA A 100 -4.16 -1.76 3.98
C ALA A 100 -3.63 -0.71 4.96
N LEU A 101 -3.19 0.46 4.42
CA LEU A 101 -2.63 1.55 5.23
C LEU A 101 -3.73 2.15 6.15
N LYS A 102 -4.96 2.30 5.62
CA LYS A 102 -6.05 2.84 6.43
C LYS A 102 -6.44 1.85 7.54
N ARG A 103 -6.63 0.55 7.20
CA ARG A 103 -7.14 -0.45 8.17
C ARG A 103 -6.13 -0.79 9.28
N ARG A 104 -4.81 -0.59 9.03
CA ARG A 104 -3.79 -0.79 10.09
C ARG A 104 -3.81 0.35 11.12
N LEU A 105 -4.36 1.52 10.73
CA LEU A 105 -4.50 2.71 11.60
C LEU A 105 -5.95 2.92 12.08
N ASP A 106 -6.91 2.36 11.33
CA ASP A 106 -8.37 2.60 11.54
C ASP A 106 -8.99 1.48 12.36
N ALA A 107 -8.63 0.23 12.03
CA ALA A 107 -9.06 -0.95 12.80
C ALA A 107 -8.13 -1.10 14.03
N SER A 3 28.89 8.06 38.60
CA SER A 3 30.34 8.15 38.33
C SER A 3 30.97 6.74 38.38
N GLN A 4 30.38 5.82 37.58
CA GLN A 4 30.80 4.40 37.50
C GLN A 4 31.38 4.09 36.10
N ARG A 5 31.88 2.85 35.94
CA ARG A 5 32.42 2.33 34.67
C ARG A 5 31.48 1.23 34.11
N PRO A 6 30.54 1.56 33.17
CA PRO A 6 29.62 0.55 32.57
C PRO A 6 30.32 -0.35 31.52
N VAL A 7 30.87 0.28 30.47
CA VAL A 7 31.52 -0.42 29.35
C VAL A 7 33.03 -0.48 29.60
N ASP A 8 33.54 -1.65 30.03
CA ASP A 8 34.96 -1.84 30.35
C ASP A 8 35.60 -2.88 29.41
N ARG A 9 34.92 -4.04 29.28
CA ARG A 9 35.42 -5.18 28.47
C ARG A 9 35.51 -4.80 26.97
N ASN A 10 34.34 -4.57 26.34
CA ASN A 10 34.23 -4.31 24.87
C ASN A 10 33.12 -3.26 24.62
N PRO A 11 33.33 -2.29 23.65
CA PRO A 11 32.29 -1.31 23.23
C PRO A 11 30.96 -1.99 22.81
N PRO A 12 29.77 -1.37 23.14
CA PRO A 12 28.45 -2.01 22.88
C PRO A 12 28.12 -2.07 21.37
N ARG A 13 27.37 -3.09 20.96
CA ARG A 13 27.02 -3.31 19.54
C ARG A 13 25.82 -2.44 19.13
N ILE A 14 25.72 -2.12 17.84
CA ILE A 14 24.52 -1.47 17.26
C ILE A 14 23.51 -2.53 16.82
N ASN A 15 22.24 -2.13 16.67
CA ASN A 15 21.17 -3.00 16.15
C ASN A 15 20.94 -2.66 14.66
N LEU A 16 21.30 -3.59 13.77
CA LEU A 16 21.21 -3.41 12.30
C LEU A 16 19.75 -3.37 11.79
N MET A 17 18.83 -3.90 12.63
CA MET A 17 17.37 -3.94 12.38
C MET A 17 17.04 -4.82 11.13
N PRO A 18 16.62 -6.12 11.34
CA PRO A 18 16.10 -7.00 10.25
C PRO A 18 14.97 -6.32 9.45
N THR A 19 15.34 -5.76 8.27
CA THR A 19 14.44 -5.00 7.39
C THR A 19 13.43 -5.93 6.70
N GLY A 20 13.95 -6.89 5.91
CA GLY A 20 13.12 -7.83 5.17
C GLY A 20 13.91 -9.05 4.72
N ALA A 21 13.17 -10.08 4.30
CA ALA A 21 13.73 -11.36 3.83
C ALA A 21 13.01 -11.78 2.53
N ASN A 22 13.11 -13.06 2.18
CA ASN A 22 12.35 -13.67 1.08
C ASN A 22 10.84 -13.74 1.41
N ARG A 23 10.52 -13.61 2.70
CA ARG A 23 9.13 -13.70 3.22
C ARG A 23 8.28 -12.48 2.82
N VAL A 24 8.89 -11.29 2.78
CA VAL A 24 8.22 -10.08 2.28
C VAL A 24 8.07 -10.14 0.74
N ALA A 25 8.97 -10.92 0.09
CA ALA A 25 8.96 -11.11 -1.38
C ALA A 25 7.82 -12.07 -1.80
N MET A 26 7.65 -13.18 -1.06
CA MET A 26 6.64 -14.22 -1.36
C MET A 26 5.22 -13.72 -1.01
N ARG A 27 5.13 -12.83 0.01
CA ARG A 27 3.87 -12.15 0.37
C ARG A 27 3.63 -10.99 -0.60
N ASN A 28 3.11 -11.35 -1.79
CA ASN A 28 2.80 -10.40 -2.86
C ASN A 28 1.51 -10.86 -3.56
N ARG A 29 0.36 -10.60 -2.90
CA ARG A 29 -0.97 -10.89 -3.46
C ARG A 29 -2.07 -10.21 -2.61
N GLY A 30 -2.75 -9.21 -3.19
CA GLY A 30 -3.88 -8.53 -2.55
C GLY A 30 -3.48 -7.72 -1.32
N ASN A 31 -3.99 -8.14 -0.14
CA ASN A 31 -3.62 -7.52 1.16
C ASN A 31 -2.16 -7.81 1.51
N ASN A 32 -1.60 -8.91 0.96
CA ASN A 32 -0.19 -9.31 1.17
C ASN A 32 0.76 -8.38 0.40
N GLU A 33 0.43 -8.07 -0.88
CA GLU A 33 1.28 -7.19 -1.71
C GLU A 33 1.19 -5.75 -1.21
N ALA A 34 -0.01 -5.37 -0.72
CA ALA A 34 -0.27 -4.05 -0.14
C ALA A 34 0.57 -3.85 1.12
N ASP A 35 0.52 -4.85 2.02
CA ASP A 35 1.25 -4.87 3.31
C ASP A 35 2.77 -4.76 3.08
N ALA A 36 3.27 -5.66 2.22
CA ALA A 36 4.69 -5.73 1.82
C ALA A 36 5.17 -4.42 1.20
N ALA A 37 4.28 -3.81 0.40
CA ALA A 37 4.57 -2.56 -0.33
C ALA A 37 4.76 -1.39 0.64
N LEU A 38 3.74 -1.14 1.48
CA LEU A 38 3.74 0.00 2.42
C LEU A 38 4.88 -0.09 3.44
N GLN A 39 5.12 -1.30 3.97
CA GLN A 39 6.19 -1.53 4.97
C GLN A 39 7.57 -1.32 4.33
N ALA A 40 7.69 -1.68 3.03
CA ALA A 40 8.93 -1.46 2.27
C ALA A 40 9.15 0.05 2.04
N LEU A 41 8.03 0.79 1.79
CA LEU A 41 8.04 2.27 1.64
C LEU A 41 8.52 2.93 2.96
N ALA A 42 8.07 2.37 4.09
CA ALA A 42 8.39 2.86 5.44
C ALA A 42 9.91 2.76 5.71
N GLN A 43 10.48 1.58 5.46
CA GLN A 43 11.92 1.32 5.68
C GLN A 43 12.78 2.00 4.58
N ASN A 44 12.16 2.37 3.44
CA ASN A 44 12.80 3.22 2.40
C ASN A 44 12.88 4.68 2.88
N GLY A 45 11.98 5.07 3.80
CA GLY A 45 12.02 6.39 4.45
C GLY A 45 10.75 7.21 4.27
N ILE A 46 9.81 6.72 3.45
CA ILE A 46 8.54 7.43 3.15
C ILE A 46 7.56 7.18 4.32
N ASN A 47 7.01 8.27 4.88
CA ASN A 47 6.03 8.21 6.00
C ASN A 47 4.73 7.53 5.54
N MET A 48 4.16 6.71 6.43
CA MET A 48 2.93 5.93 6.19
C MET A 48 1.76 6.83 5.75
N GLU A 49 1.61 7.93 6.49
CA GLU A 49 0.51 8.90 6.29
C GLU A 49 0.73 9.73 5.01
N ASP A 50 2.02 10.00 4.70
CA ASP A 50 2.45 10.81 3.52
C ASP A 50 2.09 10.10 2.21
N LEU A 51 2.59 8.86 2.06
CA LEU A 51 2.37 8.02 0.86
C LEU A 51 0.87 7.79 0.65
N ARG A 52 0.16 7.55 1.77
CA ARG A 52 -1.28 7.24 1.78
C ARG A 52 -2.08 8.47 1.33
N ALA A 53 -1.72 9.64 1.85
CA ALA A 53 -2.39 10.92 1.53
C ALA A 53 -2.31 11.22 0.01
N ALA A 54 -1.14 10.91 -0.57
CA ALA A 54 -0.88 11.13 -2.01
C ALA A 54 -1.75 10.20 -2.89
N LEU A 55 -1.63 8.87 -2.65
CA LEU A 55 -2.34 7.87 -3.46
C LEU A 55 -3.86 8.00 -3.26
N GLU A 56 -4.33 8.21 -2.01
CA GLU A 56 -5.78 8.36 -1.70
C GLU A 56 -6.34 9.61 -2.39
N ALA A 57 -5.50 10.65 -2.55
CA ALA A 57 -5.89 11.89 -3.24
C ALA A 57 -6.04 11.63 -4.73
N TYR A 58 -5.26 10.65 -5.26
CA TYR A 58 -5.40 10.21 -6.64
C TYR A 58 -6.66 9.31 -6.79
N ILE A 59 -7.07 8.62 -5.71
CA ILE A 59 -8.28 7.73 -5.72
C ILE A 59 -9.58 8.55 -5.57
N VAL A 60 -9.51 9.62 -4.78
CA VAL A 60 -10.67 10.45 -4.42
C VAL A 60 -10.74 11.68 -5.35
N TRP A 61 -9.73 12.54 -5.28
CA TRP A 61 -9.71 13.85 -5.97
C TRP A 61 -9.09 13.74 -7.37
N LEU A 62 -8.48 12.56 -7.68
CA LEU A 62 -7.78 12.28 -8.95
C LEU A 62 -6.54 13.19 -9.15
N ARG A 63 -5.84 13.50 -8.03
CA ARG A 63 -4.65 14.37 -8.01
C ARG A 63 -3.37 13.51 -8.15
N PRO A 64 -2.40 13.91 -9.04
CA PRO A 64 -1.20 13.09 -9.35
C PRO A 64 -0.25 12.96 -8.15
N ILE A 65 0.35 11.77 -8.02
CA ILE A 65 1.23 11.43 -6.88
C ILE A 65 2.63 12.06 -7.11
N PRO A 66 3.18 12.83 -6.11
CA PRO A 66 4.54 13.46 -6.19
C PRO A 66 5.63 12.41 -6.46
N LEU A 67 6.70 12.85 -7.17
CA LEU A 67 7.77 11.97 -7.72
C LEU A 67 8.36 11.06 -6.62
N ASP A 68 8.58 11.61 -5.41
CA ASP A 68 9.13 10.85 -4.24
C ASP A 68 8.32 9.58 -3.98
N ILE A 69 7.02 9.78 -3.73
CA ILE A 69 6.10 8.69 -3.38
C ILE A 69 5.86 7.80 -4.61
N ALA A 70 5.47 8.42 -5.74
CA ALA A 70 5.24 7.76 -7.04
C ALA A 70 6.37 6.78 -7.45
N ASN A 71 7.64 7.24 -7.38
CA ASN A 71 8.82 6.40 -7.75
C ASN A 71 9.04 5.30 -6.71
N ALA A 72 8.73 5.62 -5.43
CA ALA A 72 8.78 4.64 -4.33
C ALA A 72 7.73 3.52 -4.55
N LEU A 73 6.55 3.89 -5.11
CA LEU A 73 5.46 2.94 -5.41
C LEU A 73 5.91 2.01 -6.53
N GLU A 74 6.45 2.59 -7.61
CA GLU A 74 7.06 1.85 -8.75
C GLU A 74 8.19 0.92 -8.27
N GLY A 75 8.85 1.34 -7.17
CA GLY A 75 9.90 0.57 -6.53
C GLY A 75 9.37 -0.66 -5.79
N VAL A 76 8.17 -0.52 -5.19
CA VAL A 76 7.47 -1.64 -4.50
C VAL A 76 6.39 -2.29 -5.41
N GLY A 77 6.50 -2.01 -6.73
CA GLY A 77 5.71 -2.72 -7.77
C GLY A 77 4.44 -2.01 -8.21
N ILE A 78 4.00 -1.01 -7.42
CA ILE A 78 2.70 -0.33 -7.59
C ILE A 78 2.81 0.71 -8.71
N THR A 79 1.77 0.80 -9.56
CA THR A 79 1.72 1.80 -10.62
C THR A 79 0.89 3.03 -10.14
N PRO A 80 1.52 4.26 -10.06
CA PRO A 80 0.80 5.50 -9.71
C PRO A 80 0.06 6.10 -10.93
N ARG A 81 -0.93 5.34 -11.47
CA ARG A 81 -1.71 5.77 -12.65
C ARG A 81 -3.19 5.46 -12.45
N PHE A 82 -4.03 6.13 -13.26
CA PHE A 82 -5.48 5.95 -13.33
C PHE A 82 -5.87 5.88 -14.82
N ASP A 83 -6.07 4.64 -15.31
CA ASP A 83 -6.52 4.40 -16.70
C ASP A 83 -7.98 4.85 -16.86
N ASN A 84 -8.83 4.35 -15.97
CA ASN A 84 -10.23 4.77 -15.83
C ASN A 84 -10.53 4.78 -14.34
N PRO A 85 -11.08 5.91 -13.74
CA PRO A 85 -11.25 6.06 -12.28
C PRO A 85 -12.14 4.95 -11.68
N GLU A 86 -13.17 4.52 -12.44
CA GLU A 86 -14.12 3.46 -12.01
C GLU A 86 -13.38 2.13 -11.74
N GLU A 87 -12.44 1.83 -12.66
CA GLU A 87 -11.58 0.64 -12.63
C GLU A 87 -10.49 0.81 -11.56
N ALA A 88 -9.97 2.04 -11.46
CA ALA A 88 -8.77 2.35 -10.67
C ALA A 88 -9.12 2.82 -9.25
N LYS A 89 -10.38 2.65 -8.85
CA LYS A 89 -10.80 2.80 -7.44
C LYS A 89 -11.09 1.43 -6.82
N VAL A 90 -11.24 0.39 -7.66
CA VAL A 90 -11.64 -0.97 -7.22
C VAL A 90 -10.50 -2.01 -7.41
N ASP A 91 -9.91 -2.04 -8.62
CA ASP A 91 -8.92 -3.06 -9.03
C ASP A 91 -7.48 -2.52 -8.92
N ASN A 92 -7.35 -1.23 -8.56
CA ASN A 92 -6.05 -0.53 -8.52
C ASN A 92 -5.20 -1.04 -7.34
N PRO A 93 -3.88 -1.32 -7.53
CA PRO A 93 -2.97 -1.64 -6.40
C PRO A 93 -2.87 -0.47 -5.38
N LEU A 94 -3.19 0.78 -5.81
CA LEU A 94 -3.21 1.98 -4.95
C LEU A 94 -4.38 1.92 -3.94
N MET A 95 -5.51 1.31 -4.35
CA MET A 95 -6.70 1.19 -3.46
C MET A 95 -6.45 0.12 -2.39
N ASN A 96 -5.59 -0.87 -2.71
CA ASN A 96 -5.12 -1.89 -1.75
C ASN A 96 -4.14 -1.27 -0.75
N LEU A 97 -3.25 -0.39 -1.26
CA LEU A 97 -2.29 0.36 -0.44
C LEU A 97 -3.03 1.31 0.54
N SER A 98 -4.05 2.02 0.04
CA SER A 98 -4.87 2.94 0.86
C SER A 98 -5.60 2.17 1.97
N SER A 99 -6.28 1.07 1.60
CA SER A 99 -7.08 0.25 2.53
C SER A 99 -6.20 -0.40 3.62
N ALA A 100 -5.08 -1.02 3.21
CA ALA A 100 -4.15 -1.71 4.14
C ALA A 100 -3.49 -0.72 5.12
N LEU A 101 -3.09 0.46 4.59
CA LEU A 101 -2.41 1.49 5.38
C LEU A 101 -3.38 2.13 6.39
N LYS A 102 -4.64 2.38 6.00
CA LYS A 102 -5.62 2.99 6.93
C LYS A 102 -6.05 1.99 7.99
N ARG A 103 -6.19 0.69 7.63
CA ARG A 103 -6.72 -0.35 8.56
C ARG A 103 -5.70 -0.78 9.62
N ARG A 104 -4.39 -0.70 9.28
CA ARG A 104 -3.32 -1.00 10.27
C ARG A 104 -3.30 0.07 11.39
N LEU A 105 -3.87 1.25 11.10
CA LEU A 105 -3.97 2.39 12.02
C LEU A 105 -5.34 2.41 12.72
N ASP A 106 -6.40 2.17 11.93
CA ASP A 106 -7.81 2.35 12.35
C ASP A 106 -8.35 1.09 13.02
N ALA A 107 -8.19 -0.05 12.33
CA ALA A 107 -8.78 -1.34 12.73
C ALA A 107 -7.81 -2.10 13.65
N SER A 3 -7.89 24.72 -3.84
CA SER A 3 -7.79 24.46 -2.40
C SER A 3 -7.42 22.99 -2.17
N GLN A 4 -6.15 22.73 -1.82
CA GLN A 4 -5.62 21.36 -1.68
C GLN A 4 -6.05 20.73 -0.35
N ARG A 5 -7.25 20.10 -0.38
CA ARG A 5 -7.74 19.21 0.68
C ARG A 5 -7.73 17.76 0.15
N PRO A 6 -6.60 16.99 0.35
CA PRO A 6 -6.50 15.57 -0.09
C PRO A 6 -7.32 14.61 0.80
N VAL A 7 -7.83 15.13 1.94
CA VAL A 7 -8.62 14.37 2.91
C VAL A 7 -9.46 15.33 3.77
N ASP A 8 -10.50 15.91 3.13
CA ASP A 8 -11.53 16.72 3.81
C ASP A 8 -12.55 15.75 4.44
N ARG A 9 -13.06 14.84 3.61
CA ARG A 9 -13.69 13.59 4.05
C ARG A 9 -12.74 12.44 3.69
N ASN A 10 -12.57 11.49 4.63
CA ASN A 10 -11.75 10.29 4.42
C ASN A 10 -12.68 9.13 4.09
N PRO A 11 -12.69 8.64 2.79
CA PRO A 11 -13.53 7.48 2.37
C PRO A 11 -13.34 6.26 3.29
N PRO A 12 -14.45 5.72 3.91
CA PRO A 12 -14.36 4.53 4.78
C PRO A 12 -13.93 3.28 3.97
N ARG A 13 -12.72 2.78 4.30
CA ARG A 13 -12.09 1.65 3.62
C ARG A 13 -11.89 0.49 4.60
N ILE A 14 -12.15 -0.72 4.12
CA ILE A 14 -11.79 -1.96 4.82
C ILE A 14 -10.95 -2.81 3.86
N ASN A 15 -9.87 -3.41 4.38
CA ASN A 15 -8.98 -4.27 3.61
C ASN A 15 -9.51 -5.72 3.63
N LEU A 16 -9.45 -6.38 2.46
CA LEU A 16 -9.98 -7.73 2.26
C LEU A 16 -8.96 -8.80 2.72
N MET A 17 -9.46 -9.83 3.42
CA MET A 17 -8.65 -10.92 3.96
C MET A 17 -8.19 -11.87 2.82
N PRO A 18 -6.85 -12.05 2.60
CA PRO A 18 -6.33 -12.93 1.52
C PRO A 18 -6.28 -14.40 1.98
N THR A 19 -7.01 -15.26 1.27
CA THR A 19 -7.02 -16.69 1.50
C THR A 19 -5.65 -17.30 1.12
N GLY A 20 -5.15 -18.24 1.95
CA GLY A 20 -3.93 -18.97 1.63
C GLY A 20 -4.13 -20.02 0.55
N ALA A 21 -3.15 -20.94 0.41
CA ALA A 21 -3.11 -21.98 -0.65
C ALA A 21 -2.92 -21.35 -2.06
N ASN A 22 -1.80 -21.72 -2.72
CA ASN A 22 -1.45 -21.29 -4.10
C ASN A 22 -1.00 -19.80 -4.16
N ARG A 23 -1.92 -18.85 -3.85
CA ARG A 23 -1.61 -17.40 -3.86
C ARG A 23 -0.62 -17.01 -2.76
N VAL A 24 -0.59 -17.78 -1.65
CA VAL A 24 0.37 -17.56 -0.54
C VAL A 24 1.80 -17.95 -0.98
N ALA A 25 1.89 -18.87 -1.96
CA ALA A 25 3.17 -19.38 -2.46
C ALA A 25 3.80 -18.38 -3.44
N MET A 26 2.98 -17.89 -4.41
CA MET A 26 3.44 -16.90 -5.41
C MET A 26 3.64 -15.52 -4.75
N ARG A 27 2.85 -15.27 -3.69
CA ARG A 27 2.86 -14.01 -2.90
C ARG A 27 2.51 -12.77 -3.73
N ASN A 28 2.47 -11.62 -3.04
CA ASN A 28 2.31 -10.27 -3.63
C ASN A 28 1.00 -10.16 -4.42
N ARG A 29 -0.14 -10.12 -3.68
CA ARG A 29 -1.46 -9.87 -4.28
C ARG A 29 -2.47 -9.42 -3.20
N GLY A 30 -3.28 -8.39 -3.54
CA GLY A 30 -4.33 -7.86 -2.67
C GLY A 30 -3.79 -7.23 -1.40
N ASN A 31 -4.14 -7.81 -0.25
CA ASN A 31 -3.64 -7.41 1.08
C ASN A 31 -2.13 -7.65 1.19
N ASN A 32 -1.66 -8.79 0.67
CA ASN A 32 -0.26 -9.22 0.81
C ASN A 32 0.68 -8.25 0.08
N GLU A 33 0.33 -7.84 -1.17
CA GLU A 33 1.13 -6.86 -1.94
C GLU A 33 1.06 -5.48 -1.30
N ALA A 34 -0.13 -5.16 -0.75
CA ALA A 34 -0.42 -3.83 -0.21
C ALA A 34 0.46 -3.52 1.00
N ASP A 35 0.40 -4.44 1.99
CA ASP A 35 1.13 -4.33 3.24
C ASP A 35 2.63 -4.47 3.04
N ALA A 36 3.04 -5.41 2.14
CA ALA A 36 4.46 -5.57 1.74
C ALA A 36 5.02 -4.28 1.09
N ALA A 37 4.15 -3.62 0.32
CA ALA A 37 4.49 -2.40 -0.42
C ALA A 37 4.71 -1.23 0.53
N LEU A 38 3.71 -0.95 1.38
CA LEU A 38 3.73 0.21 2.29
C LEU A 38 4.85 0.10 3.34
N GLN A 39 5.05 -1.11 3.89
CA GLN A 39 6.15 -1.36 4.85
C GLN A 39 7.51 -1.17 4.15
N ALA A 40 7.58 -1.56 2.86
CA ALA A 40 8.78 -1.36 2.04
C ALA A 40 9.02 0.14 1.77
N LEU A 41 7.92 0.91 1.65
CA LEU A 41 7.97 2.38 1.50
C LEU A 41 8.54 3.03 2.79
N ALA A 42 8.11 2.51 3.95
CA ALA A 42 8.53 3.03 5.27
C ALA A 42 10.05 2.86 5.47
N GLN A 43 10.57 1.66 5.12
CA GLN A 43 12.02 1.36 5.19
C GLN A 43 12.80 2.01 4.02
N ASN A 44 12.10 2.40 2.94
CA ASN A 44 12.68 3.23 1.85
C ASN A 44 12.83 4.70 2.31
N GLY A 45 12.03 5.09 3.32
CA GLY A 45 12.13 6.43 3.94
C GLY A 45 10.87 7.27 3.84
N ILE A 46 9.83 6.75 3.15
CA ILE A 46 8.55 7.46 2.95
C ILE A 46 7.62 7.16 4.15
N ASN A 47 7.03 8.22 4.74
CA ASN A 47 6.14 8.09 5.92
C ASN A 47 4.78 7.50 5.52
N MET A 48 4.23 6.65 6.43
CA MET A 48 2.96 5.90 6.23
C MET A 48 1.81 6.84 5.83
N GLU A 49 1.70 7.94 6.57
CA GLU A 49 0.63 8.94 6.40
C GLU A 49 0.74 9.63 5.03
N ASP A 50 1.98 10.02 4.67
CA ASP A 50 2.30 10.76 3.44
C ASP A 50 1.94 9.96 2.17
N LEU A 51 2.48 8.72 2.09
CA LEU A 51 2.29 7.85 0.90
C LEU A 51 0.81 7.57 0.65
N ARG A 52 0.10 7.26 1.75
CA ARG A 52 -1.34 6.96 1.72
C ARG A 52 -2.14 8.17 1.26
N ALA A 53 -1.82 9.35 1.82
CA ALA A 53 -2.56 10.59 1.53
C ALA A 53 -2.47 10.93 0.03
N ALA A 54 -1.27 10.72 -0.53
CA ALA A 54 -1.00 10.96 -1.96
C ALA A 54 -1.83 10.04 -2.86
N LEU A 55 -1.70 8.72 -2.64
CA LEU A 55 -2.36 7.71 -3.49
C LEU A 55 -3.88 7.74 -3.31
N GLU A 56 -4.39 7.92 -2.06
CA GLU A 56 -5.84 7.96 -1.79
C GLU A 56 -6.46 9.19 -2.46
N ALA A 57 -5.72 10.29 -2.44
CA ALA A 57 -6.13 11.56 -3.07
C ALA A 57 -6.17 11.41 -4.59
N TYR A 58 -5.33 10.48 -5.10
CA TYR A 58 -5.32 10.14 -6.53
C TYR A 58 -6.50 9.20 -6.87
N ILE A 59 -7.02 8.47 -5.85
CA ILE A 59 -8.22 7.60 -6.02
C ILE A 59 -9.52 8.43 -6.00
N VAL A 60 -9.53 9.44 -5.13
CA VAL A 60 -10.75 10.20 -4.79
C VAL A 60 -10.81 11.51 -5.60
N TRP A 61 -9.77 12.34 -5.42
CA TRP A 61 -9.71 13.70 -6.01
C TRP A 61 -8.94 13.71 -7.34
N LEU A 62 -8.30 12.55 -7.67
CA LEU A 62 -7.43 12.37 -8.87
C LEU A 62 -6.19 13.32 -8.83
N ARG A 63 -5.66 13.55 -7.62
CA ARG A 63 -4.50 14.44 -7.39
C ARG A 63 -3.18 13.69 -7.66
N PRO A 64 -2.28 14.28 -8.52
CA PRO A 64 -0.93 13.71 -8.82
C PRO A 64 -0.12 13.33 -7.55
N ILE A 65 0.37 12.09 -7.53
CA ILE A 65 1.25 11.60 -6.47
C ILE A 65 2.67 12.22 -6.63
N PRO A 66 3.19 12.97 -5.59
CA PRO A 66 4.54 13.60 -5.61
C PRO A 66 5.64 12.60 -6.02
N LEU A 67 6.66 13.11 -6.75
CA LEU A 67 7.69 12.30 -7.46
C LEU A 67 8.32 11.26 -6.51
N ASP A 68 8.64 11.69 -5.27
CA ASP A 68 9.23 10.82 -4.21
C ASP A 68 8.37 9.55 -4.00
N ILE A 69 7.09 9.77 -3.69
CA ILE A 69 6.14 8.69 -3.39
C ILE A 69 5.85 7.84 -4.65
N ALA A 70 5.52 8.51 -5.77
CA ALA A 70 5.31 7.88 -7.09
C ALA A 70 6.42 6.87 -7.48
N ASN A 71 7.70 7.32 -7.45
CA ASN A 71 8.85 6.45 -7.83
C ASN A 71 9.01 5.31 -6.81
N ALA A 72 8.71 5.64 -5.53
CA ALA A 72 8.75 4.70 -4.43
C ALA A 72 7.73 3.57 -4.61
N LEU A 73 6.54 3.92 -5.15
CA LEU A 73 5.47 2.95 -5.43
C LEU A 73 5.96 1.99 -6.53
N GLU A 74 6.56 2.56 -7.58
CA GLU A 74 7.18 1.79 -8.68
C GLU A 74 8.33 0.89 -8.15
N GLY A 75 8.96 1.34 -7.06
CA GLY A 75 10.02 0.59 -6.39
C GLY A 75 9.50 -0.58 -5.58
N VAL A 76 8.25 -0.45 -5.05
CA VAL A 76 7.58 -1.49 -4.25
C VAL A 76 6.49 -2.24 -5.07
N GLY A 77 6.55 -2.10 -6.41
CA GLY A 77 5.79 -2.95 -7.35
C GLY A 77 4.40 -2.43 -7.70
N ILE A 78 4.07 -1.23 -7.21
CA ILE A 78 2.77 -0.57 -7.43
C ILE A 78 2.90 0.44 -8.57
N THR A 79 1.81 0.66 -9.32
CA THR A 79 1.78 1.66 -10.39
C THR A 79 0.93 2.90 -9.96
N PRO A 80 1.57 4.10 -9.78
CA PRO A 80 0.85 5.38 -9.55
C PRO A 80 0.22 5.97 -10.84
N ARG A 81 -0.75 5.24 -11.44
CA ARG A 81 -1.47 5.70 -12.66
C ARG A 81 -2.96 5.39 -12.52
N PHE A 82 -3.80 6.15 -13.26
CA PHE A 82 -5.25 5.94 -13.36
C PHE A 82 -5.66 5.91 -14.84
N ASP A 83 -5.74 4.68 -15.39
CA ASP A 83 -6.16 4.43 -16.79
C ASP A 83 -7.64 4.79 -16.98
N ASN A 84 -8.46 4.34 -16.02
CA ASN A 84 -9.87 4.74 -15.88
C ASN A 84 -10.17 4.81 -14.37
N PRO A 85 -10.67 5.98 -13.84
CA PRO A 85 -10.84 6.19 -12.38
C PRO A 85 -11.76 5.12 -11.75
N GLU A 86 -12.84 4.78 -12.46
CA GLU A 86 -13.92 3.89 -11.94
C GLU A 86 -13.38 2.46 -11.76
N GLU A 87 -12.51 2.06 -12.69
CA GLU A 87 -11.84 0.74 -12.69
C GLU A 87 -10.71 0.73 -11.65
N ALA A 88 -10.07 1.90 -11.48
CA ALA A 88 -8.91 2.10 -10.62
C ALA A 88 -9.31 2.56 -9.19
N LYS A 89 -10.59 2.42 -8.85
CA LYS A 89 -11.10 2.66 -7.48
C LYS A 89 -11.37 1.32 -6.76
N VAL A 90 -11.36 0.21 -7.51
CA VAL A 90 -11.80 -1.12 -7.01
C VAL A 90 -10.71 -2.21 -7.20
N ASP A 91 -10.14 -2.28 -8.41
CA ASP A 91 -9.21 -3.37 -8.82
C ASP A 91 -7.74 -2.88 -8.85
N ASN A 92 -7.54 -1.61 -8.44
CA ASN A 92 -6.22 -0.94 -8.46
C ASN A 92 -5.37 -1.42 -7.27
N PRO A 93 -4.04 -1.67 -7.44
CA PRO A 93 -3.12 -1.93 -6.32
C PRO A 93 -3.08 -0.75 -5.31
N LEU A 94 -3.35 0.49 -5.79
CA LEU A 94 -3.36 1.73 -4.95
C LEU A 94 -4.54 1.73 -3.96
N MET A 95 -5.67 1.10 -4.34
CA MET A 95 -6.86 1.04 -3.45
C MET A 95 -6.62 0.01 -2.33
N ASN A 96 -5.82 -1.03 -2.65
CA ASN A 96 -5.33 -2.00 -1.66
C ASN A 96 -4.35 -1.32 -0.69
N LEU A 97 -3.44 -0.48 -1.25
CA LEU A 97 -2.46 0.31 -0.45
C LEU A 97 -3.18 1.23 0.56
N SER A 98 -4.16 2.02 0.06
CA SER A 98 -4.95 2.96 0.90
C SER A 98 -5.68 2.24 2.05
N SER A 99 -6.41 1.16 1.71
CA SER A 99 -7.18 0.37 2.68
C SER A 99 -6.27 -0.29 3.74
N ALA A 100 -5.20 -0.95 3.29
CA ALA A 100 -4.25 -1.68 4.16
C ALA A 100 -3.53 -0.73 5.13
N LEU A 101 -3.07 0.40 4.59
CA LEU A 101 -2.35 1.43 5.37
C LEU A 101 -3.27 2.02 6.43
N LYS A 102 -4.49 2.41 6.04
CA LYS A 102 -5.41 3.07 6.97
C LYS A 102 -5.87 2.09 8.05
N ARG A 103 -6.03 0.78 7.73
CA ARG A 103 -6.60 -0.21 8.68
C ARG A 103 -5.59 -0.63 9.74
N ARG A 104 -4.30 -0.71 9.38
CA ARG A 104 -3.23 -1.00 10.37
C ARG A 104 -3.06 0.18 11.37
N LEU A 105 -3.55 1.37 10.97
CA LEU A 105 -3.60 2.56 11.84
C LEU A 105 -5.02 2.79 12.43
N ASP A 106 -6.07 2.23 11.78
CA ASP A 106 -7.48 2.47 12.13
C ASP A 106 -8.33 1.22 11.84
N ALA A 107 -8.19 0.20 12.71
CA ALA A 107 -9.07 -0.99 12.74
C ALA A 107 -8.84 -1.77 14.06
N SER A 3 10.61 -5.37 -12.81
CA SER A 3 9.27 -5.98 -12.61
C SER A 3 9.31 -7.47 -13.01
N GLN A 4 9.32 -8.37 -12.01
CA GLN A 4 9.31 -9.83 -12.23
C GLN A 4 7.92 -10.31 -12.75
N ARG A 5 6.88 -9.53 -12.40
CA ARG A 5 5.50 -9.77 -12.87
C ARG A 5 5.01 -8.52 -13.64
N PRO A 6 5.16 -8.48 -15.00
CA PRO A 6 4.55 -7.44 -15.86
C PRO A 6 3.04 -7.69 -16.09
N VAL A 7 2.54 -8.84 -15.57
CA VAL A 7 1.14 -9.29 -15.70
C VAL A 7 0.79 -9.47 -17.19
N ASP A 8 1.31 -10.56 -17.77
CA ASP A 8 1.26 -10.82 -19.21
C ASP A 8 -0.10 -11.44 -19.60
N ARG A 9 -0.39 -12.65 -19.09
CA ARG A 9 -1.65 -13.35 -19.38
C ARG A 9 -2.73 -12.97 -18.35
N ASN A 10 -2.29 -12.92 -17.06
CA ASN A 10 -3.15 -12.66 -15.88
C ASN A 10 -4.11 -13.84 -15.60
N PRO A 11 -3.81 -14.70 -14.56
CA PRO A 11 -4.72 -15.79 -14.14
C PRO A 11 -5.95 -15.23 -13.36
N PRO A 12 -7.15 -15.89 -13.44
CA PRO A 12 -8.35 -15.46 -12.70
C PRO A 12 -8.37 -15.99 -11.25
N ARG A 13 -9.20 -15.34 -10.40
CA ARG A 13 -9.44 -15.74 -9.00
C ARG A 13 -8.17 -15.64 -8.13
N ILE A 14 -8.15 -14.64 -7.20
CA ILE A 14 -7.04 -14.43 -6.26
C ILE A 14 -6.86 -15.65 -5.31
N ASN A 15 -5.64 -15.80 -4.80
CA ASN A 15 -5.28 -16.92 -3.91
C ASN A 15 -5.50 -16.51 -2.44
N LEU A 16 -6.14 -17.41 -1.68
CA LEU A 16 -6.51 -17.19 -0.26
C LEU A 16 -5.25 -17.29 0.63
N MET A 17 -5.34 -16.70 1.84
CA MET A 17 -4.22 -16.70 2.82
C MET A 17 -4.17 -18.07 3.55
N PRO A 18 -3.14 -18.94 3.26
CA PRO A 18 -3.02 -20.28 3.89
C PRO A 18 -2.18 -20.25 5.19
N THR A 19 -1.70 -21.44 5.63
CA THR A 19 -0.82 -21.58 6.81
C THR A 19 0.58 -22.06 6.33
N GLY A 20 1.64 -21.37 6.77
CA GLY A 20 3.02 -21.73 6.41
C GLY A 20 4.06 -20.94 7.18
N ALA A 21 5.24 -20.73 6.57
CA ALA A 21 6.35 -19.96 7.16
C ALA A 21 7.07 -19.17 6.05
N ASN A 22 7.51 -17.94 6.41
CA ASN A 22 8.26 -17.01 5.51
C ASN A 22 7.42 -16.58 4.28
N ARG A 23 7.33 -17.49 3.30
CA ARG A 23 6.74 -17.22 1.96
C ARG A 23 5.26 -16.80 2.06
N VAL A 24 4.54 -17.35 3.04
CA VAL A 24 3.10 -17.07 3.24
C VAL A 24 2.84 -15.59 3.65
N ALA A 25 3.80 -15.03 4.42
CA ALA A 25 3.71 -13.65 4.93
C ALA A 25 4.04 -12.65 3.82
N MET A 26 5.14 -12.91 3.10
CA MET A 26 5.65 -12.07 1.99
C MET A 26 5.05 -12.50 0.62
N ARG A 27 3.95 -13.27 0.68
CA ARG A 27 3.14 -13.66 -0.50
C ARG A 27 2.40 -12.42 -1.04
N ASN A 28 1.86 -12.49 -2.27
CA ASN A 28 1.06 -11.39 -2.86
C ASN A 28 -0.42 -11.54 -2.46
N ARG A 29 -1.34 -10.96 -3.28
CA ARG A 29 -2.80 -11.13 -3.12
C ARG A 29 -3.34 -10.35 -1.89
N GLY A 30 -4.04 -9.23 -2.17
CA GLY A 30 -4.77 -8.47 -1.14
C GLY A 30 -3.86 -7.74 -0.16
N ASN A 31 -4.04 -8.01 1.14
CA ASN A 31 -3.31 -7.32 2.23
C ASN A 31 -1.85 -7.79 2.34
N ASN A 32 -1.52 -8.98 1.83
CA ASN A 32 -0.13 -9.49 1.90
C ASN A 32 0.80 -8.62 1.04
N GLU A 33 0.43 -8.43 -0.25
CA GLU A 33 1.20 -7.57 -1.18
C GLU A 33 1.12 -6.09 -0.77
N ALA A 34 -0.07 -5.67 -0.32
CA ALA A 34 -0.36 -4.28 0.01
C ALA A 34 0.46 -3.80 1.21
N ASP A 35 0.36 -4.56 2.31
CA ASP A 35 1.06 -4.26 3.57
C ASP A 35 2.58 -4.39 3.44
N ALA A 36 3.05 -5.40 2.66
CA ALA A 36 4.49 -5.55 2.34
C ALA A 36 5.03 -4.36 1.52
N ALA A 37 4.17 -3.84 0.61
CA ALA A 37 4.52 -2.71 -0.28
C ALA A 37 4.70 -1.42 0.53
N LEU A 38 3.71 -1.07 1.37
CA LEU A 38 3.75 0.16 2.17
C LEU A 38 4.86 0.16 3.23
N GLN A 39 5.07 -0.99 3.90
CA GLN A 39 6.16 -1.13 4.91
C GLN A 39 7.54 -1.04 4.23
N ALA A 40 7.61 -1.46 2.95
CA ALA A 40 8.81 -1.31 2.12
C ALA A 40 9.07 0.18 1.80
N LEU A 41 7.98 0.95 1.58
CA LEU A 41 8.04 2.41 1.42
C LEU A 41 8.54 3.08 2.72
N ALA A 42 8.10 2.55 3.87
CA ALA A 42 8.44 3.08 5.20
C ALA A 42 9.95 2.92 5.49
N GLN A 43 10.49 1.75 5.13
CA GLN A 43 11.94 1.46 5.31
C GLN A 43 12.77 2.14 4.21
N ASN A 44 12.13 2.51 3.07
CA ASN A 44 12.73 3.39 2.03
C ASN A 44 12.76 4.85 2.51
N GLY A 45 11.94 5.18 3.53
CA GLY A 45 11.97 6.49 4.19
C GLY A 45 10.70 7.32 4.01
N ILE A 46 9.76 6.84 3.17
CA ILE A 46 8.49 7.55 2.89
C ILE A 46 7.50 7.29 4.06
N ASN A 47 7.00 8.39 4.67
CA ASN A 47 6.04 8.36 5.79
C ASN A 47 4.73 7.65 5.39
N MET A 48 4.21 6.81 6.32
CA MET A 48 3.00 5.99 6.14
C MET A 48 1.78 6.84 5.74
N GLU A 49 1.57 7.91 6.52
CA GLU A 49 0.42 8.81 6.35
C GLU A 49 0.57 9.64 5.05
N ASP A 50 1.82 9.97 4.71
CA ASP A 50 2.15 10.85 3.56
C ASP A 50 1.88 10.16 2.22
N LEU A 51 2.40 8.90 2.10
CA LEU A 51 2.22 8.08 0.88
C LEU A 51 0.75 7.74 0.68
N ARG A 52 0.04 7.46 1.79
CA ARG A 52 -1.38 7.12 1.79
C ARG A 52 -2.19 8.34 1.36
N ALA A 53 -1.82 9.53 1.87
CA ALA A 53 -2.49 10.80 1.54
C ALA A 53 -2.41 11.08 0.02
N ALA A 54 -1.25 10.77 -0.56
CA ALA A 54 -0.97 10.97 -1.99
C ALA A 54 -1.87 10.06 -2.85
N LEU A 55 -1.75 8.74 -2.62
CA LEU A 55 -2.47 7.73 -3.42
C LEU A 55 -3.99 7.81 -3.18
N GLU A 56 -4.43 8.03 -1.92
CA GLU A 56 -5.88 8.13 -1.57
C GLU A 56 -6.50 9.34 -2.26
N ALA A 57 -5.71 10.43 -2.38
CA ALA A 57 -6.17 11.67 -3.01
C ALA A 57 -6.26 11.47 -4.51
N TYR A 58 -5.49 10.51 -5.04
CA TYR A 58 -5.62 10.07 -6.44
C TYR A 58 -6.90 9.23 -6.61
N ILE A 59 -7.25 8.40 -5.59
CA ILE A 59 -8.43 7.48 -5.66
C ILE A 59 -9.74 8.25 -5.47
N VAL A 60 -9.68 9.35 -4.71
CA VAL A 60 -10.85 10.14 -4.32
C VAL A 60 -10.97 11.43 -5.14
N TRP A 61 -9.91 12.26 -5.13
CA TRP A 61 -9.94 13.61 -5.74
C TRP A 61 -9.24 13.67 -7.12
N LEU A 62 -8.53 12.57 -7.50
CA LEU A 62 -7.69 12.49 -8.71
C LEU A 62 -6.51 13.51 -8.67
N ARG A 63 -5.78 13.51 -7.55
CA ARG A 63 -4.55 14.31 -7.37
C ARG A 63 -3.31 13.47 -7.75
N PRO A 64 -2.40 13.99 -8.63
CA PRO A 64 -1.17 13.26 -9.05
C PRO A 64 -0.22 13.00 -7.86
N ILE A 65 0.24 11.75 -7.76
CA ILE A 65 1.18 11.31 -6.73
C ILE A 65 2.59 11.91 -7.00
N PRO A 66 3.15 12.75 -6.05
CA PRO A 66 4.47 13.41 -6.22
C PRO A 66 5.61 12.41 -6.49
N LEU A 67 6.65 12.87 -7.23
CA LEU A 67 7.71 12.01 -7.82
C LEU A 67 8.32 11.04 -6.78
N ASP A 68 8.57 11.55 -5.56
CA ASP A 68 9.21 10.77 -4.46
C ASP A 68 8.39 9.51 -4.15
N ILE A 69 7.10 9.72 -3.86
CA ILE A 69 6.16 8.64 -3.51
C ILE A 69 5.90 7.75 -4.74
N ALA A 70 5.58 8.41 -5.89
CA ALA A 70 5.33 7.74 -7.20
C ALA A 70 6.42 6.72 -7.58
N ASN A 71 7.71 7.14 -7.57
CA ASN A 71 8.84 6.28 -7.96
C ASN A 71 9.04 5.18 -6.90
N ALA A 72 8.77 5.53 -5.61
CA ALA A 72 8.79 4.59 -4.49
C ALA A 72 7.78 3.45 -4.71
N LEU A 73 6.58 3.80 -5.24
CA LEU A 73 5.50 2.83 -5.52
C LEU A 73 5.95 1.88 -6.63
N GLU A 74 6.52 2.43 -7.71
CA GLU A 74 7.10 1.64 -8.82
C GLU A 74 8.30 0.78 -8.35
N GLY A 75 8.92 1.21 -7.25
CA GLY A 75 10.00 0.47 -6.60
C GLY A 75 9.50 -0.69 -5.74
N VAL A 76 8.23 -0.60 -5.27
CA VAL A 76 7.54 -1.71 -4.56
C VAL A 76 6.48 -2.39 -5.46
N GLY A 77 6.49 -2.06 -6.77
CA GLY A 77 5.70 -2.78 -7.79
C GLY A 77 4.34 -2.16 -8.13
N ILE A 78 3.93 -1.15 -7.37
CA ILE A 78 2.62 -0.49 -7.53
C ILE A 78 2.70 0.58 -8.64
N THR A 79 1.58 0.83 -9.34
CA THR A 79 1.56 1.84 -10.41
C THR A 79 0.82 3.14 -9.93
N PRO A 80 1.53 4.31 -9.89
CA PRO A 80 0.93 5.63 -9.55
C PRO A 80 0.24 6.31 -10.77
N ARG A 81 -0.73 5.62 -11.37
CA ARG A 81 -1.49 6.14 -12.52
C ARG A 81 -2.94 5.68 -12.47
N PHE A 82 -3.80 6.46 -13.14
CA PHE A 82 -5.23 6.18 -13.29
C PHE A 82 -5.53 6.04 -14.77
N ASP A 83 -5.34 4.80 -15.26
CA ASP A 83 -5.62 4.37 -16.65
C ASP A 83 -7.08 4.73 -17.04
N ASN A 84 -8.00 4.40 -16.12
CA ASN A 84 -9.41 4.78 -16.19
C ASN A 84 -9.89 4.91 -14.74
N PRO A 85 -10.38 6.12 -14.30
CA PRO A 85 -10.63 6.39 -12.87
C PRO A 85 -11.76 5.51 -12.29
N GLU A 86 -12.71 5.12 -13.15
CA GLU A 86 -13.88 4.29 -12.74
C GLU A 86 -13.40 2.88 -12.29
N GLU A 87 -12.41 2.38 -13.03
CA GLU A 87 -11.80 1.05 -12.81
C GLU A 87 -10.71 1.15 -11.72
N ALA A 88 -10.05 2.31 -11.66
CA ALA A 88 -8.86 2.53 -10.81
C ALA A 88 -9.24 2.98 -9.39
N LYS A 89 -10.50 2.81 -9.01
CA LYS A 89 -10.96 3.02 -7.63
C LYS A 89 -11.22 1.66 -6.94
N VAL A 90 -11.42 0.60 -7.74
CA VAL A 90 -11.86 -0.73 -7.25
C VAL A 90 -10.82 -1.84 -7.51
N ASP A 91 -10.25 -1.85 -8.72
CA ASP A 91 -9.29 -2.90 -9.18
C ASP A 91 -7.83 -2.52 -8.84
N ASN A 92 -7.63 -1.22 -8.63
CA ASN A 92 -6.31 -0.57 -8.61
C ASN A 92 -5.40 -1.10 -7.47
N PRO A 93 -4.09 -1.34 -7.73
CA PRO A 93 -3.13 -1.73 -6.64
C PRO A 93 -3.00 -0.62 -5.56
N LEU A 94 -3.30 0.65 -5.95
CA LEU A 94 -3.30 1.81 -5.02
C LEU A 94 -4.45 1.72 -4.00
N MET A 95 -5.58 1.10 -4.40
CA MET A 95 -6.76 0.98 -3.52
C MET A 95 -6.50 -0.11 -2.44
N ASN A 96 -5.65 -1.10 -2.79
CA ASN A 96 -5.16 -2.11 -1.84
C ASN A 96 -4.21 -1.45 -0.82
N LEU A 97 -3.33 -0.57 -1.32
CA LEU A 97 -2.36 0.18 -0.50
C LEU A 97 -3.07 1.14 0.49
N SER A 98 -4.11 1.85 0.01
CA SER A 98 -4.93 2.75 0.87
C SER A 98 -5.63 1.97 1.99
N SER A 99 -6.30 0.86 1.61
CA SER A 99 -7.06 0.00 2.55
C SER A 99 -6.15 -0.63 3.62
N ALA A 100 -4.98 -1.12 3.20
CA ALA A 100 -4.02 -1.80 4.06
C ALA A 100 -3.36 -0.82 5.06
N LEU A 101 -2.97 0.36 4.57
CA LEU A 101 -2.34 1.39 5.39
C LEU A 101 -3.33 1.93 6.44
N LYS A 102 -4.58 2.19 6.02
CA LYS A 102 -5.59 2.72 6.94
C LYS A 102 -6.02 1.65 7.96
N ARG A 103 -6.07 0.36 7.56
CA ARG A 103 -6.58 -0.71 8.44
C ARG A 103 -5.59 -1.05 9.56
N ARG A 104 -4.27 -0.96 9.26
CA ARG A 104 -3.24 -1.22 10.29
C ARG A 104 -3.16 -0.09 11.34
N LEU A 105 -3.70 1.10 11.00
CA LEU A 105 -3.70 2.27 11.93
C LEU A 105 -5.05 2.42 12.66
N ASP A 106 -6.16 2.29 11.92
CA ASP A 106 -7.53 2.55 12.39
C ASP A 106 -8.12 1.33 13.11
N ALA A 107 -8.02 0.16 12.45
CA ALA A 107 -8.65 -1.08 12.93
C ALA A 107 -7.75 -1.76 14.00
N SER A 3 30.64 -22.84 12.13
CA SER A 3 30.26 -24.24 11.94
C SER A 3 28.93 -24.54 12.65
N GLN A 4 28.35 -25.73 12.34
CA GLN A 4 27.12 -26.25 12.98
C GLN A 4 25.93 -25.31 12.73
N ARG A 5 25.61 -25.10 11.44
CA ARG A 5 24.52 -24.22 10.99
C ARG A 5 23.14 -24.92 11.13
N PRO A 6 22.03 -24.15 11.40
CA PRO A 6 20.64 -24.71 11.44
C PRO A 6 20.29 -25.55 10.19
N VAL A 7 20.53 -24.98 8.99
CA VAL A 7 20.17 -25.63 7.71
C VAL A 7 21.11 -26.82 7.46
N ASP A 8 20.61 -28.05 7.72
CA ASP A 8 21.39 -29.29 7.56
C ASP A 8 20.46 -30.39 7.02
N ARG A 9 19.44 -30.73 7.81
CA ARG A 9 18.29 -31.57 7.37
C ARG A 9 17.06 -30.67 7.19
N ASN A 10 16.33 -30.88 6.08
CA ASN A 10 15.13 -30.12 5.73
C ASN A 10 13.92 -31.09 5.83
N PRO A 11 12.81 -30.69 6.55
CA PRO A 11 11.53 -31.47 6.58
C PRO A 11 11.04 -31.86 5.15
N PRO A 12 10.91 -33.19 4.85
CA PRO A 12 10.47 -33.69 3.51
C PRO A 12 9.10 -33.13 3.05
N ARG A 13 8.87 -33.16 1.72
CA ARG A 13 7.64 -32.64 1.10
C ARG A 13 6.40 -33.45 1.57
N ILE A 14 5.41 -32.74 2.12
CA ILE A 14 4.18 -33.33 2.69
C ILE A 14 2.93 -32.64 2.11
N ASN A 15 1.74 -33.14 2.44
CA ASN A 15 0.45 -32.59 1.95
C ASN A 15 -0.34 -31.99 3.13
N LEU A 16 0.11 -30.82 3.54
CA LEU A 16 -0.53 -29.98 4.57
C LEU A 16 -0.67 -28.53 4.03
N MET A 17 -1.25 -27.64 4.86
CA MET A 17 -1.24 -26.17 4.61
C MET A 17 -0.58 -25.49 5.83
N PRO A 18 0.79 -25.44 5.89
CA PRO A 18 1.54 -24.86 7.04
C PRO A 18 1.64 -23.32 6.93
N THR A 19 2.36 -22.71 7.90
CA THR A 19 2.67 -21.27 7.88
C THR A 19 3.83 -21.02 6.88
N GLY A 20 3.49 -21.10 5.59
CA GLY A 20 4.45 -21.01 4.49
C GLY A 20 3.98 -21.77 3.27
N ALA A 21 4.89 -22.55 2.66
CA ALA A 21 4.67 -23.29 1.41
C ALA A 21 4.26 -22.33 0.28
N ASN A 22 2.95 -22.16 0.03
CA ASN A 22 2.42 -21.28 -1.04
C ASN A 22 2.37 -19.81 -0.54
N ARG A 23 2.14 -19.67 0.78
CA ARG A 23 2.05 -18.36 1.47
C ARG A 23 3.38 -17.59 1.36
N VAL A 24 4.50 -18.31 1.55
CA VAL A 24 5.85 -17.72 1.52
C VAL A 24 6.42 -17.73 0.07
N ALA A 25 5.84 -18.58 -0.81
CA ALA A 25 6.22 -18.64 -2.23
C ALA A 25 5.81 -17.34 -2.94
N MET A 26 4.53 -16.99 -2.79
CA MET A 26 3.95 -15.78 -3.42
C MET A 26 4.15 -14.57 -2.50
N ARG A 27 3.55 -14.66 -1.28
CA ARG A 27 3.39 -13.54 -0.33
C ARG A 27 2.57 -12.40 -0.95
N ASN A 28 3.23 -11.63 -1.84
CA ASN A 28 2.66 -10.45 -2.49
C ASN A 28 1.49 -10.82 -3.41
N ARG A 29 0.25 -10.61 -2.91
CA ARG A 29 -0.98 -10.85 -3.68
C ARG A 29 -2.17 -10.09 -3.08
N GLY A 30 -2.77 -9.18 -3.87
CA GLY A 30 -3.99 -8.44 -3.49
C GLY A 30 -3.73 -7.39 -2.42
N ASN A 31 -4.19 -7.66 -1.19
CA ASN A 31 -3.94 -6.79 -0.02
C ASN A 31 -2.59 -7.16 0.65
N ASN A 32 -2.12 -8.41 0.44
CA ASN A 32 -0.83 -8.90 1.00
C ASN A 32 0.36 -8.19 0.35
N GLU A 33 0.25 -7.93 -0.98
CA GLU A 33 1.28 -7.17 -1.73
C GLU A 33 1.25 -5.70 -1.31
N ALA A 34 0.05 -5.22 -0.96
CA ALA A 34 -0.17 -3.84 -0.51
C ALA A 34 0.49 -3.60 0.83
N ASP A 35 0.38 -4.59 1.72
CA ASP A 35 0.93 -4.53 3.08
C ASP A 35 2.46 -4.56 3.02
N ALA A 36 2.96 -5.49 2.18
CA ALA A 36 4.41 -5.62 1.88
C ALA A 36 4.95 -4.34 1.21
N ALA A 37 4.10 -3.70 0.39
CA ALA A 37 4.44 -2.49 -0.36
C ALA A 37 4.65 -1.29 0.58
N LEU A 38 3.66 -1.02 1.43
CA LEU A 38 3.67 0.13 2.35
C LEU A 38 4.78 0.00 3.41
N GLN A 39 4.95 -1.22 3.96
CA GLN A 39 6.02 -1.48 4.96
C GLN A 39 7.41 -1.27 4.31
N ALA A 40 7.51 -1.63 3.01
CA ALA A 40 8.72 -1.40 2.22
C ALA A 40 8.96 0.10 1.98
N LEU A 41 7.87 0.87 1.78
CA LEU A 41 7.92 2.35 1.63
C LEU A 41 8.41 3.01 2.93
N ALA A 42 7.98 2.46 4.09
CA ALA A 42 8.33 2.97 5.43
C ALA A 42 9.85 2.81 5.70
N GLN A 43 10.38 1.62 5.36
CA GLN A 43 11.84 1.35 5.48
C GLN A 43 12.63 2.01 4.32
N ASN A 44 11.93 2.41 3.24
CA ASN A 44 12.54 3.25 2.16
C ASN A 44 12.63 4.72 2.61
N GLY A 45 11.89 5.09 3.66
CA GLY A 45 11.98 6.43 4.27
C GLY A 45 10.72 7.29 4.06
N ILE A 46 9.75 6.77 3.29
CA ILE A 46 8.48 7.47 3.04
C ILE A 46 7.53 7.16 4.20
N ASN A 47 7.05 8.24 4.88
CA ASN A 47 6.12 8.13 6.03
C ASN A 47 4.79 7.47 5.61
N MET A 48 4.27 6.59 6.50
CA MET A 48 3.02 5.82 6.31
C MET A 48 1.85 6.73 5.89
N GLU A 49 1.78 7.88 6.54
CA GLU A 49 0.71 8.87 6.35
C GLU A 49 0.84 9.56 4.98
N ASP A 50 2.08 9.95 4.62
CA ASP A 50 2.37 10.71 3.37
C ASP A 50 2.07 9.90 2.12
N LEU A 51 2.59 8.66 2.04
CA LEU A 51 2.40 7.77 0.87
C LEU A 51 0.90 7.52 0.63
N ARG A 52 0.19 7.23 1.74
CA ARG A 52 -1.24 6.93 1.73
C ARG A 52 -2.04 8.16 1.32
N ALA A 53 -1.62 9.35 1.81
CA ALA A 53 -2.29 10.63 1.52
C ALA A 53 -2.28 10.94 0.02
N ALA A 54 -1.11 10.72 -0.59
CA ALA A 54 -0.88 10.98 -2.03
C ALA A 54 -1.75 10.05 -2.90
N LEU A 55 -1.60 8.73 -2.68
CA LEU A 55 -2.31 7.72 -3.48
C LEU A 55 -3.82 7.77 -3.26
N GLU A 56 -4.26 7.96 -1.98
CA GLU A 56 -5.71 8.00 -1.63
C GLU A 56 -6.37 9.22 -2.27
N ALA A 57 -5.62 10.33 -2.35
CA ALA A 57 -6.09 11.58 -2.96
C ALA A 57 -6.19 11.40 -4.48
N TYR A 58 -5.36 10.50 -5.04
CA TYR A 58 -5.41 10.12 -6.45
C TYR A 58 -6.59 9.14 -6.71
N ILE A 59 -7.09 8.48 -5.65
CA ILE A 59 -8.30 7.59 -5.76
C ILE A 59 -9.60 8.42 -5.65
N VAL A 60 -9.59 9.34 -4.68
CA VAL A 60 -10.78 10.09 -4.26
C VAL A 60 -10.96 11.37 -5.11
N TRP A 61 -9.91 12.22 -5.13
CA TRP A 61 -9.95 13.55 -5.80
C TRP A 61 -9.22 13.53 -7.16
N LEU A 62 -8.50 12.42 -7.45
CA LEU A 62 -7.62 12.25 -8.63
C LEU A 62 -6.45 13.29 -8.63
N ARG A 63 -5.81 13.48 -7.45
CA ARG A 63 -4.65 14.38 -7.26
C ARG A 63 -3.34 13.69 -7.73
N PRO A 64 -2.50 14.38 -8.56
CA PRO A 64 -1.13 13.90 -8.95
C PRO A 64 -0.25 13.50 -7.73
N ILE A 65 0.25 12.25 -7.74
CA ILE A 65 1.19 11.75 -6.73
C ILE A 65 2.60 12.35 -6.97
N PRO A 66 3.25 13.00 -5.94
CA PRO A 66 4.61 13.59 -6.09
C PRO A 66 5.66 12.51 -6.43
N LEU A 67 6.70 12.91 -7.19
CA LEU A 67 7.72 11.98 -7.76
C LEU A 67 8.32 11.07 -6.68
N ASP A 68 8.58 11.63 -5.48
CA ASP A 68 9.12 10.88 -4.31
C ASP A 68 8.28 9.62 -4.02
N ILE A 69 6.99 9.85 -3.76
CA ILE A 69 6.06 8.77 -3.42
C ILE A 69 5.78 7.88 -4.65
N ALA A 70 5.45 8.51 -5.80
CA ALA A 70 5.20 7.83 -7.10
C ALA A 70 6.30 6.80 -7.48
N ASN A 71 7.57 7.25 -7.46
CA ASN A 71 8.73 6.41 -7.83
C ASN A 71 8.98 5.35 -6.75
N ALA A 72 8.66 5.70 -5.49
CA ALA A 72 8.71 4.76 -4.36
C ALA A 72 7.70 3.61 -4.57
N LEU A 73 6.50 3.94 -5.10
CA LEU A 73 5.45 2.97 -5.39
C LEU A 73 5.93 2.02 -6.49
N GLU A 74 6.52 2.59 -7.56
CA GLU A 74 7.12 1.83 -8.67
C GLU A 74 8.28 0.94 -8.19
N GLY A 75 8.91 1.37 -7.10
CA GLY A 75 9.96 0.61 -6.43
C GLY A 75 9.41 -0.61 -5.70
N VAL A 76 8.21 -0.46 -5.10
CA VAL A 76 7.49 -1.54 -4.37
C VAL A 76 6.42 -2.22 -5.25
N GLY A 77 6.48 -1.99 -6.58
CA GLY A 77 5.71 -2.76 -7.58
C GLY A 77 4.34 -2.16 -7.95
N ILE A 78 3.98 -1.06 -7.29
CA ILE A 78 2.66 -0.39 -7.46
C ILE A 78 2.80 0.72 -8.51
N THR A 79 1.87 0.78 -9.45
CA THR A 79 1.89 1.81 -10.49
C THR A 79 0.99 3.04 -10.08
N PRO A 80 1.58 4.27 -9.93
CA PRO A 80 0.85 5.50 -9.56
C PRO A 80 0.09 6.13 -10.75
N ARG A 81 -0.82 5.37 -11.38
CA ARG A 81 -1.62 5.85 -12.53
C ARG A 81 -3.08 5.40 -12.43
N PHE A 82 -3.99 6.23 -12.95
CA PHE A 82 -5.41 5.92 -13.10
C PHE A 82 -5.74 5.90 -14.60
N ASP A 83 -5.44 4.74 -15.21
CA ASP A 83 -5.72 4.45 -16.63
C ASP A 83 -7.22 4.64 -16.94
N ASN A 84 -8.07 4.19 -16.02
CA ASN A 84 -9.51 4.46 -15.99
C ASN A 84 -9.90 4.53 -14.51
N PRO A 85 -10.43 5.70 -14.01
CA PRO A 85 -10.68 5.90 -12.57
C PRO A 85 -11.75 4.93 -12.03
N GLU A 86 -12.76 4.65 -12.87
CA GLU A 86 -13.94 3.84 -12.48
C GLU A 86 -13.57 2.33 -12.36
N GLU A 87 -12.37 1.99 -12.84
CA GLU A 87 -11.78 0.64 -12.76
C GLU A 87 -10.69 0.64 -11.66
N ALA A 88 -10.00 1.79 -11.54
CA ALA A 88 -8.82 1.95 -10.67
C ALA A 88 -9.18 2.48 -9.27
N LYS A 89 -10.47 2.53 -8.94
CA LYS A 89 -10.95 2.83 -7.57
C LYS A 89 -11.26 1.54 -6.80
N VAL A 90 -11.22 0.38 -7.49
CA VAL A 90 -11.69 -0.91 -6.93
C VAL A 90 -10.68 -2.07 -7.14
N ASP A 91 -10.13 -2.20 -8.36
CA ASP A 91 -9.23 -3.34 -8.72
C ASP A 91 -7.74 -2.90 -8.73
N ASN A 92 -7.50 -1.63 -8.37
CA ASN A 92 -6.14 -1.01 -8.40
C ASN A 92 -5.31 -1.49 -7.20
N PRO A 93 -3.98 -1.75 -7.37
CA PRO A 93 -3.06 -1.97 -6.23
C PRO A 93 -2.98 -0.73 -5.28
N LEU A 94 -3.29 0.49 -5.80
CA LEU A 94 -3.29 1.75 -5.01
C LEU A 94 -4.44 1.77 -3.99
N MET A 95 -5.60 1.25 -4.39
CA MET A 95 -6.78 1.19 -3.50
C MET A 95 -6.55 0.15 -2.39
N ASN A 96 -5.66 -0.81 -2.66
CA ASN A 96 -5.23 -1.83 -1.70
C ASN A 96 -4.20 -1.23 -0.73
N LEU A 97 -3.33 -0.32 -1.24
CA LEU A 97 -2.35 0.43 -0.41
C LEU A 97 -3.10 1.32 0.61
N SER A 98 -4.12 2.06 0.12
CA SER A 98 -4.96 2.92 0.99
C SER A 98 -5.70 2.08 2.04
N SER A 99 -6.33 0.97 1.60
CA SER A 99 -7.08 0.04 2.49
C SER A 99 -6.18 -0.58 3.57
N ALA A 100 -5.03 -1.14 3.17
CA ALA A 100 -4.12 -1.86 4.07
C ALA A 100 -3.49 -0.90 5.11
N LEU A 101 -3.10 0.29 4.63
CA LEU A 101 -2.47 1.32 5.48
C LEU A 101 -3.46 1.86 6.52
N LYS A 102 -4.72 2.08 6.11
CA LYS A 102 -5.74 2.59 7.03
C LYS A 102 -6.11 1.51 8.05
N ARG A 103 -6.20 0.23 7.64
CA ARG A 103 -6.68 -0.84 8.54
C ARG A 103 -5.59 -1.31 9.51
N ARG A 104 -4.32 -0.93 9.29
CA ARG A 104 -3.25 -1.14 10.30
C ARG A 104 -3.19 0.05 11.30
N LEU A 105 -3.56 1.27 10.85
CA LEU A 105 -3.50 2.48 11.71
C LEU A 105 -4.88 2.75 12.37
N ASP A 106 -5.88 3.11 11.54
CA ASP A 106 -7.28 3.42 11.98
C ASP A 106 -7.89 2.26 12.78
N ALA A 107 -7.69 1.03 12.30
CA ALA A 107 -8.16 -0.18 12.98
C ALA A 107 -7.01 -0.73 13.86
#